data_9GD3
#
_entry.id   9GD3
#
_cell.length_a   1.00
_cell.length_b   1.00
_cell.length_c   1.00
_cell.angle_alpha   90.00
_cell.angle_beta   90.00
_cell.angle_gamma   90.00
#
_symmetry.space_group_name_H-M   'P 1'
#
loop_
_entity.id
_entity.type
_entity.pdbx_description
1 polymer 'Histone H3.2'
2 polymer 'Histone H4'
3 polymer 'Histone H2A type 1'
4 polymer 'Histone H2B 1.1'
5 polymer 'DNA (231-MER)'
6 polymer 'DNA (231-MER)'
7 polymer 'Chromo domain-containing protein 1'
8 non-polymer "ADENOSINE-5'-DIPHOSPHATE"
9 non-polymer 'BERYLLIUM TRIFLUORIDE ION'
10 non-polymer 'MAGNESIUM ION'
#
loop_
_entity_poly.entity_id
_entity_poly.type
_entity_poly.pdbx_seq_one_letter_code
_entity_poly.pdbx_strand_id
1 'polypeptide(L)'
;MARTKQTARKSTGGKAPRKQLATKAARKSAPATGGVKKPHRYRPGTVALREIRRYQKSTELLIRKLPFQRLVREIAQDFK
TDLRFQSSAVMALQEASEAYLVALFEDTNLCAIHAKRVTIMPKDIQLARRIRGERA
;
A,E
2 'polypeptide(L)'
;MSGRGKGGKGLGKGGAKRHRKVLRDNIQGITKPAIRRLARRGGVKRISGLIYEETRGVLKVFLENVIRDAVTYTEHAKRK
TVTAMDVVYALKRQGRTLYGFGG
;
B,F
3 'polypeptide(L)'
;MSGRGKQGGKTRAKAKTRSSRAGLQFPVGRVHRLLRKGNYAERVGAGAPVYLAAVLEYLTAEILELAGNAARDNKKTRII
PRHLQLAVRNDEELNKLLGRVTIAQGGVLPNIQSVLLPKKTESSKSAKSK
;
C,G
4 'polypeptide(L)'
;MAKSAPAPKKGSKKAVTKTQKKDGKKRRKTRKESYAIYVYKVLKQVHPDTGISSKAMSIMNSFVNDVFERIAGEASRLAH
YNKRSTITSREIQTAVRLLLPGELAKHAVSEGTKAVTKYTSAK
;
D,H
5 'polydeoxyribonucleotide'
;(DC)(DT)(DT)(DA)(DT)(DG)(DT)(DG)(DA)(DT)(DG)(DG)(DA)(DC)(DC)(DC)(DT)(DA)(DT)(DA)
(DC)(DG)(DC)(DG)(DG)(DC)(DC)(DG)(DC)(DC)(DC)(DT)(DG)(DG)(DA)(DG)(DA)(DA)(DT)(DC)
(DC)(DC)(DG)(DG)(DT)(DG)(DC)(DC)(DG)(DA)(DG)(DG)(DC)(DC)(DG)(DC)(DT)(DC)(DA)(DA)
(DT)(DT)(DG)(DG)(DT)(DC)(DG)(DT)(DA)(DG)(DA)(DC)(DA)(DG)(DC)(DT)(DC)(DT)(DA)(DG)
(DC)(DA)(DC)(DC)(DG)(DC)(DT)(DT)(DA)(DA)(DA)(DC)(DG)(DC)(DA)(DC)(DG)(DT)(DA)(DC)
(DG)(DC)(DG)(DC)(DT)(DG)(DT)(DC)(DC)(DC)(DC)(DC)(DG)(DC)(DG)(DT)(DT)(DT)(DT)(DA)
(DA)(DC)(DC)(DG)(DC)(DC)(DA)(DA)(DG)(DG)(DG)(DG)(DA)(DT)(DT)(DA)(DC)(DT)(DC)(DC)
(DC)(DT)(DA)(DG)(DT)(DC)(DT)(DC)(DC)(DA)(DG)(DG)(DC)(DA)(DC)(DG)(DT)(DG)(DT)(DC)
(DA)(DG)(DA)(DT)(DA)(DT)(DA)(DT)(DA)(DC)(DA)(DT)(DC)(DC)(DT)(DG)(DT)(DG)(DC)(DA)
(DT)(DG)(DT)(DA)(DT)(DT)(DG)(DA)(DA)(DC)(DA)(DG)(DC)(DG)(DA)(DC)(DC)(DT)(DT)(DG)
(DC)(DC)(DG)(DG)(DT)(DG)(DC)(DC)(DA)(DG)(DT)(DC)(DG)(DG)(DA)(DT)(DA)(DG)(DT)(DG)
(DT)(DT)(DC)(DC)(DG)(DA)(DG)(DC)(DT)(DC)(DC)
;
I
6 'polydeoxyribonucleotide'
;(DG)(DG)(DA)(DG)(DC)(DT)(DC)(DG)(DG)(DA)(DA)(DC)(DA)(DC)(DT)(DA)(DT)(DC)(DC)(DG)
(DA)(DC)(DT)(DG)(DG)(DC)(DA)(DC)(DC)(DG)(DG)(DC)(DA)(DA)(DG)(DG)(DT)(DC)(DG)(DC)
(DT)(DG)(DT)(DT)(DC)(DA)(DA)(DT)(DA)(DC)(DA)(DT)(DG)(DC)(DA)(DC)(DA)(DG)(DG)(DA)
(DT)(DG)(DT)(DA)(DT)(DA)(DT)(DA)(DT)(DC)(DT)(DG)(DA)(DC)(DA)(DC)(DG)(DT)(DG)(DC)
(DC)(DT)(DG)(DG)(DA)(DG)(DA)(DC)(DT)(DA)(DG)(DG)(DG)(DA)(DG)(DT)(DA)(DA)(DT)(DC)
(DC)(DC)(DC)(DT)(DT)(DG)(DG)(DC)(DG)(DG)(DT)(DT)(DA)(DA)(DA)(DA)(DC)(DG)(DC)(DG)
(DG)(DG)(DG)(DG)(DA)(DC)(DA)(DG)(DC)(DG)(DC)(DG)(DT)(DA)(DC)(DG)(DT)(DG)(DC)(DG)
(DT)(DT)(DT)(DA)(DA)(DG)(DC)(DG)(DG)(DT)(DG)(DC)(DT)(DA)(DG)(DA)(DG)(DC)(DT)(DG)
(DT)(DC)(DT)(DA)(DC)(DG)(DA)(DC)(DC)(DA)(DA)(DT)(DT)(DG)(DA)(DG)(DC)(DG)(DG)(DC)
(DC)(DT)(DC)(DG)(DG)(DC)(DA)(DC)(DC)(DG)(DG)(DG)(DA)(DT)(DT)(DC)(DT)(DC)(DC)(DA)
(DG)(DG)(DG)(DC)(DG)(DG)(DC)(DC)(DG)(DC)(DG)(DT)(DA)(DT)(DA)(DG)(DG)(DG)(DT)(DC)
(DC)(DA)(DT)(DC)(DA)(DC)(DA)(DT)(DA)(DA)(DG)
;
J
7 'polypeptide(L)'
;MAAKDISTEVLQNPELYGLRRSHRAAAHQQNYFNDSDDEDDEDNIKQSRRKRMTTIEDDEDEFEDEEGEEDSGEDEDEED
FEEDDDYYGSPIKQNRSKPKSRTKSKSKSKPKSQSEKQSTVKIPTRFSNRQNKTVNYNIDYSDDDLLESEDDYGSEEALS
EENVHEASANPQPEDFHGIDIVINHRLKTSLEEGKVLEKTVPDLNNCKENYEFLIKWTDESHLHNTWETYESIGQVRGLK
RLDNYCKQFIIEDQQVRLDPYVTAEDIEIMDMERERRLDEFEEFHVPERIIDSQRASLEDGTSQLQYLVKWRRLNYDEAT
WENATDIVKLAPEQVKHFQNRENSKILPQYSSNYTSQRPRFEKLSVQPPFIKGGELRDFQLTGINWMAFLWSKGDNGILA
DEMGLGKTVQTVAFISWLIFARRQNGPHIIVVPLSTMPAWLDTFEKWAPDLNCICYMGNQKSRDTIREYEFYTNPRAKGK
KTMKFNVLLTTYEYILKDRAELGSIKWQFMAVDEAHRLKNAESSLYESLNSFKVANRMLITGTPLQNNIKELAALVNFLM
PGRFTIDQEIDFENQDEEQEEYIHDLHRRIQPFILRRLKKDVEKSLPSKTERILRVELSDVQTEYYKNILTKNYSALTAG
AKGGHFSLLNIMNELKKASNHPYLFDNAEERVLQKFGDGKMTRENVLRGLIMSSGKMVLLDQLLTRLKKDGHRVLIFSQM
VRMLDILGDYLSIKGINFQRLDGTVPSAQRRISIDHFNSPDSNDFVFLLSTRAGGLGINLMTADTVVIFDSDWNPQADLQ
AMARAHRIGQKNHVMVYRLVSKDTVEEEVLERARKKMILEYAIISLGVTDGNKYTKKNEPNAGELSAILKFGAGNMFTAT
DNQKKLEDLNLDDVLNHAEDHVTTPDLGESHLGGEEFLKQFEVTDYKADIDWDDIIPEEELKKLQDEEQKRKDEEYVKEQ
LEMMNRRDNALKKIKNSVNGDGTAANSDSDDDSTSRSSRRRARANDMDSIGESEVRALYKAILKFGNLKEILDELIADGT
LPVKSFEKYGETYDEMMEAAKDCVHEEEKNRKEILEKLEKHATAYRAKLKSGEIKAENQPKDNPLTRLSLKKREKKAVLF
NFKGVKSLNAESLLSRVEDLKYLKNLINSNYKDDPLKFSLGNNTPKPVQNWSSNWTKEEDEKLLIGVFKYGYGSWTQIRD
DPFLGITDKIFLNEVHNPVAKKSASSSDTTPTPSKKGKGITGSSKKVPGAIHLGRRVDYLLSFLRGGLNTKSPSADIGSK
KLPTGPSKKRQRKPANHSKSMTPEITSSEPANGPPSKRMKALPKGPAALINNTRLSPNSPTPPLKSKVSRDNGTRQSSNP
SSGSAHEKEYDSMDEEDCRHTMSAIRTSLKRLRRGGKSLDRKEWAKILKTELTTIGNHIESQKGSSRKASPEKYRKHLWS
YSANFWPADVKSTKLMAMYDKITESQKK
;
T,W
#
# COMPACT_ATOMS: atom_id res chain seq x y z
N TYR A 42 12.42 27.51 5.60
CA TYR A 42 13.67 27.17 4.94
C TYR A 42 13.99 28.17 3.84
N ARG A 43 15.28 28.29 3.54
CA ARG A 43 15.72 29.22 2.51
C ARG A 43 15.12 28.84 1.15
N PRO A 44 14.93 29.82 0.26
CA PRO A 44 14.47 29.50 -1.10
C PRO A 44 15.37 28.51 -1.81
N GLY A 45 14.76 27.68 -2.64
CA GLY A 45 15.46 26.72 -3.47
C GLY A 45 16.02 25.51 -2.74
N THR A 46 15.90 25.45 -1.42
CA THR A 46 16.47 24.34 -0.66
C THR A 46 15.69 23.05 -0.87
N VAL A 47 14.38 23.17 -1.12
CA VAL A 47 13.49 22.01 -1.10
C VAL A 47 13.96 20.90 -2.02
N ALA A 48 14.62 21.23 -3.14
CA ALA A 48 15.26 20.20 -3.94
C ALA A 48 16.26 19.37 -3.14
N LEU A 49 17.12 20.05 -2.36
CA LEU A 49 18.06 19.32 -1.51
C LEU A 49 17.35 18.60 -0.38
N ARG A 50 16.30 19.19 0.18
CA ARG A 50 15.53 18.52 1.22
C ARG A 50 14.91 17.22 0.72
N GLU A 51 14.32 17.26 -0.48
CA GLU A 51 13.79 16.06 -1.10
C GLU A 51 14.87 15.03 -1.38
N ILE A 52 15.99 15.46 -1.95
CA ILE A 52 17.08 14.51 -2.21
C ILE A 52 17.49 13.81 -0.91
N ARG A 53 17.69 14.60 0.15
CA ARG A 53 18.05 14.03 1.45
C ARG A 53 17.00 13.08 1.98
N ARG A 54 15.72 13.43 1.85
CA ARG A 54 14.65 12.56 2.34
C ARG A 54 14.61 11.24 1.58
N TYR A 55 14.54 11.31 0.25
CA TYR A 55 14.38 10.11 -0.56
C TYR A 55 15.61 9.23 -0.59
N GLN A 56 16.80 9.81 -0.45
CA GLN A 56 17.98 8.96 -0.29
C GLN A 56 18.03 8.28 1.08
N LYS A 57 17.50 8.90 2.14
CA LYS A 57 17.39 8.19 3.41
C LYS A 57 16.42 7.02 3.31
N SER A 58 15.24 7.25 2.76
CA SER A 58 14.16 6.27 2.81
C SER A 58 14.45 5.07 1.90
N THR A 59 13.59 4.05 2.04
CA THR A 59 13.73 2.81 1.26
C THR A 59 12.44 2.31 0.63
N GLU A 60 11.28 2.90 0.94
CA GLU A 60 10.03 2.43 0.36
C GLU A 60 10.04 2.57 -1.16
N LEU A 61 9.14 1.81 -1.80
CA LEU A 61 8.93 1.92 -3.24
C LEU A 61 8.21 3.21 -3.59
N LEU A 62 8.71 3.90 -4.62
CA LEU A 62 8.29 5.25 -4.95
C LEU A 62 7.16 5.31 -5.97
N ILE A 63 7.00 4.29 -6.80
CA ILE A 63 5.84 4.18 -7.68
C ILE A 63 4.66 3.60 -6.91
N ARG A 64 3.46 4.09 -7.22
CA ARG A 64 2.26 3.53 -6.61
C ARG A 64 2.07 2.09 -7.08
N LYS A 65 1.69 1.22 -6.14
CA LYS A 65 1.65 -0.21 -6.43
C LYS A 65 0.61 -0.60 -7.48
N LEU A 66 -0.63 -0.12 -7.31
CA LEU A 66 -1.70 -0.47 -8.25
C LEU A 66 -1.47 -0.01 -9.68
N PRO A 67 -1.07 1.24 -9.94
CA PRO A 67 -0.70 1.62 -11.31
C PRO A 67 0.37 0.73 -11.93
N PHE A 68 1.40 0.41 -11.17
CA PHE A 68 2.47 -0.44 -11.68
C PHE A 68 1.95 -1.85 -12.00
N GLN A 69 1.14 -2.41 -11.11
CA GLN A 69 0.56 -3.72 -11.37
C GLN A 69 -0.31 -3.74 -12.63
N ARG A 70 -1.09 -2.68 -12.84
CA ARG A 70 -1.86 -2.60 -14.09
C ARG A 70 -0.97 -2.46 -15.32
N LEU A 71 0.12 -1.71 -15.22
CA LEU A 71 1.04 -1.63 -16.35
C LEU A 71 1.68 -2.98 -16.65
N VAL A 72 2.12 -3.68 -15.61
CA VAL A 72 2.71 -5.00 -15.77
C VAL A 72 1.73 -5.97 -16.44
N ARG A 73 0.48 -5.94 -16.02
CA ARG A 73 -0.53 -6.82 -16.64
C ARG A 73 -0.82 -6.43 -18.09
N GLU A 74 -0.89 -5.13 -18.39
CA GLU A 74 -1.02 -4.71 -19.78
C GLU A 74 0.12 -5.25 -20.63
N ILE A 75 1.36 -5.08 -20.17
CA ILE A 75 2.52 -5.51 -20.94
C ILE A 75 2.52 -7.03 -21.11
N ALA A 76 2.22 -7.76 -20.03
CA ALA A 76 2.26 -9.22 -20.08
C ALA A 76 1.25 -9.78 -21.07
N GLN A 77 0.09 -9.15 -21.19
CA GLN A 77 -0.97 -9.70 -22.03
C GLN A 77 -0.64 -9.68 -23.52
N ASP A 78 0.39 -8.94 -23.94
CA ASP A 78 0.89 -9.08 -25.31
C ASP A 78 1.57 -10.42 -25.54
N PHE A 79 2.15 -11.02 -24.50
CA PHE A 79 2.91 -12.25 -24.65
C PHE A 79 2.07 -13.50 -24.42
N LYS A 80 1.14 -13.46 -23.48
CA LYS A 80 0.17 -14.55 -23.33
C LYS A 80 -1.07 -13.99 -22.64
N THR A 81 -2.22 -14.21 -23.26
CA THR A 81 -3.47 -13.72 -22.70
C THR A 81 -3.87 -14.49 -21.44
N ASP A 82 -4.51 -13.76 -20.52
CA ASP A 82 -5.04 -14.31 -19.28
C ASP A 82 -3.98 -15.05 -18.47
N LEU A 83 -2.81 -14.43 -18.33
CA LEU A 83 -1.88 -14.83 -17.28
C LEU A 83 -2.37 -14.35 -15.93
N ARG A 84 -2.18 -15.17 -14.91
CA ARG A 84 -2.28 -14.73 -13.53
C ARG A 84 -0.89 -14.36 -13.02
N PHE A 85 -0.83 -13.47 -12.03
CA PHE A 85 0.43 -13.12 -11.40
C PHE A 85 0.37 -13.38 -9.90
N GLN A 86 1.31 -14.18 -9.42
CA GLN A 86 1.62 -14.23 -8.00
C GLN A 86 2.10 -12.86 -7.53
N SER A 87 1.53 -12.38 -6.41
CA SER A 87 1.73 -11.00 -5.99
C SER A 87 3.20 -10.65 -5.74
N SER A 88 3.96 -11.59 -5.18
CA SER A 88 5.39 -11.40 -5.04
C SER A 88 6.10 -11.25 -6.38
N ALA A 89 5.59 -11.85 -7.45
CA ALA A 89 6.16 -11.58 -8.77
C ALA A 89 6.05 -10.11 -9.15
N VAL A 90 4.90 -9.50 -8.88
CA VAL A 90 4.72 -8.08 -9.15
C VAL A 90 5.61 -7.23 -8.25
N MET A 91 5.74 -7.60 -6.98
CA MET A 91 6.66 -6.86 -6.10
C MET A 91 8.11 -6.98 -6.56
N ALA A 92 8.53 -8.15 -7.03
CA ALA A 92 9.87 -8.31 -7.56
C ALA A 92 10.09 -7.47 -8.81
N LEU A 93 9.09 -7.40 -9.70
CA LEU A 93 9.20 -6.54 -10.86
C LEU A 93 9.29 -5.06 -10.48
N GLN A 94 8.54 -4.64 -9.47
CA GLN A 94 8.62 -3.25 -9.03
C GLN A 94 9.97 -2.93 -8.40
N GLU A 95 10.46 -3.81 -7.53
CA GLU A 95 11.78 -3.61 -6.94
C GLU A 95 12.86 -3.48 -8.01
N ALA A 96 12.86 -4.40 -8.97
CA ALA A 96 13.87 -4.39 -10.02
C ALA A 96 13.77 -3.14 -10.90
N SER A 97 12.56 -2.76 -11.30
CA SER A 97 12.41 -1.62 -12.19
C SER A 97 12.71 -0.29 -11.50
N GLU A 98 12.34 -0.14 -10.22
CA GLU A 98 12.72 1.06 -9.50
C GLU A 98 14.23 1.15 -9.27
N ALA A 99 14.89 0.05 -8.93
CA ALA A 99 16.35 0.09 -8.81
C ALA A 99 17.01 0.43 -10.13
N TYR A 100 16.46 -0.06 -11.23
CA TYR A 100 16.97 0.28 -12.56
C TYR A 100 16.80 1.76 -12.88
N LEU A 101 15.61 2.30 -12.65
CA LEU A 101 15.38 3.72 -12.93
C LEU A 101 16.23 4.63 -12.05
N VAL A 102 16.38 4.31 -10.77
CA VAL A 102 17.25 5.11 -9.90
C VAL A 102 18.69 5.11 -10.42
N ALA A 103 19.24 3.94 -10.75
CA ALA A 103 20.62 3.92 -11.26
C ALA A 103 20.75 4.64 -12.60
N LEU A 104 19.71 4.56 -13.44
CA LEU A 104 19.72 5.30 -14.69
C LEU A 104 19.71 6.81 -14.46
N PHE A 105 18.91 7.28 -13.50
CA PHE A 105 18.93 8.70 -13.18
C PHE A 105 20.25 9.16 -12.60
N GLU A 106 20.94 8.31 -11.83
CA GLU A 106 22.28 8.66 -11.40
C GLU A 106 23.25 8.85 -12.57
N ASP A 107 23.20 7.95 -13.56
CA ASP A 107 24.06 8.14 -14.73
C ASP A 107 23.63 9.33 -15.58
N THR A 108 22.32 9.57 -15.69
CA THR A 108 21.83 10.74 -16.40
C THR A 108 22.30 12.02 -15.74
N ASN A 109 22.25 12.08 -14.42
CA ASN A 109 22.75 13.24 -13.70
C ASN A 109 24.24 13.46 -13.96
N LEU A 110 25.04 12.39 -13.95
CA LEU A 110 26.44 12.56 -14.32
C LEU A 110 26.62 13.11 -15.73
N CYS A 111 25.77 12.69 -16.66
CA CYS A 111 25.83 13.26 -18.02
C CYS A 111 25.47 14.73 -18.05
N ALA A 112 24.43 15.12 -17.31
CA ALA A 112 24.02 16.52 -17.24
C ALA A 112 25.13 17.38 -16.63
N ILE A 113 25.73 16.90 -15.54
CA ILE A 113 26.85 17.60 -14.93
C ILE A 113 28.01 17.72 -15.90
N HIS A 114 28.21 16.72 -16.75
CA HIS A 114 29.27 16.80 -17.74
C HIS A 114 29.00 17.87 -18.80
N ALA A 115 27.74 18.01 -19.23
CA ALA A 115 27.35 19.16 -20.04
C ALA A 115 27.63 20.47 -19.32
N LYS A 116 27.67 20.45 -17.99
CA LYS A 116 27.75 21.62 -17.12
C LYS A 116 26.42 22.34 -17.02
N ARG A 117 25.34 21.67 -17.39
CA ARG A 117 23.99 22.02 -16.95
C ARG A 117 23.78 21.55 -15.52
N VAL A 118 22.59 21.85 -15.00
CA VAL A 118 22.06 21.15 -13.83
C VAL A 118 20.72 20.51 -14.11
N THR A 119 19.97 20.97 -15.11
CA THR A 119 18.76 20.31 -15.55
C THR A 119 19.14 19.08 -16.36
N ILE A 120 18.56 17.94 -16.02
CA ILE A 120 18.67 16.75 -16.85
C ILE A 120 17.74 16.89 -18.05
N MET A 121 18.23 16.47 -19.22
CA MET A 121 17.54 16.59 -20.49
C MET A 121 17.43 15.21 -21.12
N PRO A 122 16.43 14.99 -21.98
CA PRO A 122 16.29 13.66 -22.59
C PRO A 122 17.56 13.13 -23.22
N LYS A 123 18.32 13.98 -23.90
CA LYS A 123 19.58 13.55 -24.48
C LYS A 123 20.58 13.06 -23.44
N ASP A 124 20.41 13.44 -22.17
CA ASP A 124 21.24 12.86 -21.13
C ASP A 124 20.88 11.40 -20.87
N ILE A 125 19.58 11.10 -20.87
CA ILE A 125 19.14 9.71 -20.72
C ILE A 125 19.59 8.90 -21.91
N GLN A 126 19.44 9.45 -23.12
CA GLN A 126 19.86 8.73 -24.32
C GLN A 126 21.37 8.48 -24.34
N LEU A 127 22.16 9.45 -23.89
CA LEU A 127 23.61 9.26 -23.83
C LEU A 127 24.00 8.23 -22.78
N ALA A 128 23.38 8.28 -21.61
CA ALA A 128 23.63 7.29 -20.58
C ALA A 128 23.30 5.88 -21.07
N ARG A 129 22.11 5.70 -21.64
CA ARG A 129 21.72 4.38 -22.11
C ARG A 129 22.59 3.90 -23.27
N ARG A 130 23.02 4.80 -24.16
CA ARG A 130 23.90 4.36 -25.23
C ARG A 130 25.28 3.94 -24.72
N ILE A 131 25.85 4.69 -23.77
CA ILE A 131 27.15 4.29 -23.23
C ILE A 131 27.03 3.01 -22.42
N ARG A 132 25.93 2.84 -21.68
CA ARG A 132 25.64 1.56 -21.04
C ARG A 132 25.54 0.42 -22.03
N GLY A 133 25.29 0.71 -23.30
CA GLY A 133 24.95 -0.34 -24.25
C GLY A 133 23.56 -0.88 -24.05
N GLU A 134 22.67 -0.09 -23.46
CA GLU A 134 21.31 -0.52 -23.17
C GLU A 134 20.43 -0.53 -24.42
N ARG A 135 20.87 0.09 -25.49
CA ARG A 135 20.16 0.05 -26.77
C ARG A 135 20.00 -1.39 -27.24
N LYS B 17 -21.30 10.28 -14.41
CA LYS B 17 -22.22 9.70 -15.37
C LYS B 17 -21.79 8.29 -15.82
N ARG B 18 -22.69 7.66 -16.56
CA ARG B 18 -22.40 6.39 -17.21
C ARG B 18 -21.18 6.48 -18.12
N HIS B 19 -21.05 7.57 -18.88
CA HIS B 19 -20.19 7.60 -20.07
C HIS B 19 -19.05 8.61 -20.00
N ARG B 20 -18.98 9.43 -18.96
CA ARG B 20 -18.01 10.53 -18.92
C ARG B 20 -16.59 10.09 -18.54
N LYS B 21 -16.42 8.89 -18.01
CA LYS B 21 -15.12 8.47 -17.50
C LYS B 21 -14.04 8.43 -18.57
N VAL B 22 -12.85 8.93 -18.23
CA VAL B 22 -11.66 8.90 -19.07
C VAL B 22 -10.68 7.87 -18.50
N LEU B 23 -10.19 6.97 -19.35
CA LEU B 23 -9.35 5.86 -18.90
C LEU B 23 -7.88 6.21 -18.74
N ARG B 24 -7.47 7.41 -19.15
CA ARG B 24 -6.04 7.79 -19.30
C ARG B 24 -5.31 6.74 -20.13
N ASP B 25 -4.12 6.29 -19.71
CA ASP B 25 -3.48 5.08 -20.20
C ASP B 25 -2.60 4.52 -19.10
N ASN B 26 -2.38 3.20 -19.13
CA ASN B 26 -1.74 2.53 -17.99
C ASN B 26 -0.30 3.02 -17.80
N ILE B 27 0.42 3.30 -18.88
CA ILE B 27 1.76 3.84 -18.72
C ILE B 27 1.73 5.23 -18.08
N GLN B 28 0.64 5.98 -18.29
CA GLN B 28 0.46 7.26 -17.62
C GLN B 28 0.18 7.10 -16.14
N GLY B 29 -0.09 5.89 -15.66
CA GLY B 29 -0.14 5.63 -14.24
C GLY B 29 1.18 5.78 -13.52
N ILE B 30 2.29 5.78 -14.27
CA ILE B 30 3.57 6.20 -13.71
C ILE B 30 3.60 7.71 -13.77
N THR B 31 3.22 8.35 -12.66
CA THR B 31 2.91 9.77 -12.66
C THR B 31 4.19 10.61 -12.68
N LYS B 32 4.01 11.87 -13.08
CA LYS B 32 5.09 12.84 -13.01
C LYS B 32 5.76 12.92 -11.64
N PRO B 33 5.03 13.03 -10.52
CA PRO B 33 5.70 13.05 -9.22
C PRO B 33 6.37 11.73 -8.82
N ALA B 34 5.91 10.59 -9.32
CA ALA B 34 6.65 9.35 -9.09
C ALA B 34 8.02 9.38 -9.75
N ILE B 35 8.08 9.86 -10.99
CA ILE B 35 9.36 10.02 -11.67
C ILE B 35 10.21 11.07 -10.95
N ARG B 36 9.56 12.12 -10.47
CA ARG B 36 10.24 13.13 -9.66
C ARG B 36 10.92 12.50 -8.44
N ARG B 37 10.19 11.65 -7.72
CA ARG B 37 10.77 10.96 -6.56
C ARG B 37 11.92 10.05 -6.93
N LEU B 38 11.78 9.31 -8.04
CA LEU B 38 12.89 8.47 -8.49
C LEU B 38 14.12 9.28 -8.84
N ALA B 39 13.93 10.41 -9.54
CA ALA B 39 15.03 11.31 -9.85
C ALA B 39 15.65 11.92 -8.60
N ARG B 40 14.82 12.23 -7.60
CA ARG B 40 15.33 12.71 -6.32
C ARG B 40 16.22 11.67 -5.64
N ARG B 41 15.77 10.42 -5.56
CA ARG B 41 16.65 9.40 -5.01
C ARG B 41 17.92 9.26 -5.82
N GLY B 42 17.84 9.43 -7.15
CA GLY B 42 19.04 9.52 -7.95
C GLY B 42 19.85 10.80 -7.80
N GLY B 43 19.41 11.74 -6.98
CA GLY B 43 20.18 12.94 -6.71
C GLY B 43 20.02 14.06 -7.72
N VAL B 44 18.98 14.02 -8.54
CA VAL B 44 18.77 15.03 -9.58
C VAL B 44 18.24 16.31 -8.95
N LYS B 45 18.97 17.42 -9.17
CA LYS B 45 18.54 18.73 -8.66
C LYS B 45 17.35 19.26 -9.44
N ARG B 46 17.40 19.21 -10.76
CA ARG B 46 16.47 19.91 -11.62
C ARG B 46 16.22 19.05 -12.87
N ILE B 47 15.00 19.11 -13.40
CA ILE B 47 14.53 18.08 -14.31
C ILE B 47 13.64 18.69 -15.40
N SER B 48 14.08 18.58 -16.64
CA SER B 48 13.35 19.11 -17.78
C SER B 48 12.03 18.36 -17.97
N GLY B 49 11.00 19.09 -18.39
CA GLY B 49 9.65 18.55 -18.51
C GLY B 49 9.48 17.48 -19.59
N LEU B 50 10.48 17.30 -20.46
CA LEU B 50 10.47 16.22 -21.43
C LEU B 50 10.91 14.87 -20.86
N ILE B 51 11.57 14.88 -19.69
CA ILE B 51 12.11 13.66 -19.10
C ILE B 51 11.04 12.63 -18.77
N TYR B 52 9.82 13.07 -18.50
CA TYR B 52 8.78 12.13 -18.07
C TYR B 52 8.42 11.12 -19.15
N GLU B 53 8.21 11.57 -20.39
CA GLU B 53 7.83 10.63 -21.44
C GLU B 53 9.00 9.77 -21.92
N GLU B 54 10.22 10.29 -21.82
CA GLU B 54 11.40 9.47 -22.02
C GLU B 54 11.49 8.37 -20.96
N THR B 55 11.28 8.74 -19.70
CA THR B 55 11.37 7.77 -18.62
C THR B 55 10.30 6.69 -18.76
N ARG B 56 9.09 7.07 -19.15
CA ARG B 56 8.05 6.08 -19.42
C ARG B 56 8.43 5.13 -20.56
N GLY B 57 9.05 5.65 -21.62
CA GLY B 57 9.54 4.77 -22.68
C GLY B 57 10.61 3.79 -22.22
N VAL B 58 11.59 4.29 -21.47
CA VAL B 58 12.65 3.43 -20.94
C VAL B 58 12.10 2.37 -20.01
N LEU B 59 11.16 2.75 -19.13
CA LEU B 59 10.54 1.77 -18.25
C LEU B 59 9.79 0.72 -19.03
N LYS B 60 8.97 1.12 -20.00
CA LYS B 60 8.23 0.15 -20.78
C LYS B 60 9.15 -0.84 -21.50
N VAL B 61 10.25 -0.36 -22.08
CA VAL B 61 11.20 -1.26 -22.73
C VAL B 61 11.83 -2.25 -21.75
N PHE B 62 12.26 -1.77 -20.58
CA PHE B 62 12.83 -2.68 -19.58
C PHE B 62 11.82 -3.72 -19.13
N LEU B 63 10.61 -3.27 -18.81
CA LEU B 63 9.63 -4.15 -18.22
C LEU B 63 9.10 -5.14 -19.23
N GLU B 64 9.03 -4.75 -20.51
CA GLU B 64 8.71 -5.68 -21.58
C GLU B 64 9.75 -6.77 -21.70
N ASN B 65 11.03 -6.40 -21.81
CA ASN B 65 12.01 -7.44 -22.09
C ASN B 65 12.39 -8.25 -20.85
N VAL B 66 11.91 -7.88 -19.66
CA VAL B 66 11.90 -8.79 -18.51
C VAL B 66 10.68 -9.70 -18.50
N ILE B 67 9.48 -9.14 -18.69
CA ILE B 67 8.25 -9.92 -18.62
C ILE B 67 8.20 -10.98 -19.72
N ARG B 68 8.75 -10.69 -20.90
CA ARG B 68 8.79 -11.70 -21.95
C ARG B 68 9.56 -12.95 -21.52
N ASP B 69 10.70 -12.78 -20.85
CA ASP B 69 11.44 -13.93 -20.35
C ASP B 69 10.71 -14.62 -19.20
N ALA B 70 10.11 -13.85 -18.30
CA ALA B 70 9.37 -14.46 -17.20
C ALA B 70 8.23 -15.33 -17.72
N VAL B 71 7.45 -14.80 -18.67
CA VAL B 71 6.39 -15.58 -19.30
C VAL B 71 6.92 -16.78 -20.07
N THR B 72 8.11 -16.67 -20.67
CA THR B 72 8.70 -17.84 -21.33
C THR B 72 9.03 -18.95 -20.35
N TYR B 73 9.57 -18.61 -19.18
CA TYR B 73 9.74 -19.60 -18.13
C TYR B 73 8.42 -20.16 -17.63
N THR B 74 7.42 -19.30 -17.45
CA THR B 74 6.12 -19.79 -16.98
C THR B 74 5.48 -20.75 -17.97
N GLU B 75 5.58 -20.45 -19.27
CA GLU B 75 5.01 -21.29 -20.30
C GLU B 75 5.78 -22.59 -20.52
N HIS B 76 7.09 -22.58 -20.35
CA HIS B 76 7.82 -23.85 -20.41
C HIS B 76 7.45 -24.76 -19.26
N ALA B 77 7.22 -24.22 -18.06
CA ALA B 77 6.71 -25.02 -16.96
C ALA B 77 5.27 -25.47 -17.17
N LYS B 78 4.60 -24.99 -18.23
CA LYS B 78 3.19 -25.26 -18.48
C LYS B 78 2.30 -24.79 -17.33
N ARG B 79 2.77 -23.82 -16.57
CA ARG B 79 1.93 -23.10 -15.61
C ARG B 79 1.06 -22.08 -16.35
N LYS B 80 0.10 -21.53 -15.62
CA LYS B 80 -0.61 -20.34 -16.07
C LYS B 80 -0.41 -19.14 -15.15
N THR B 81 0.26 -19.32 -14.01
CA THR B 81 0.54 -18.27 -13.05
C THR B 81 2.03 -17.93 -13.12
N VAL B 82 2.34 -16.67 -13.44
CA VAL B 82 3.72 -16.19 -13.31
C VAL B 82 4.09 -16.08 -11.84
N THR B 83 5.28 -16.54 -11.50
CA THR B 83 5.71 -16.69 -10.11
C THR B 83 6.97 -15.88 -9.86
N ALA B 84 7.18 -15.52 -8.59
CA ALA B 84 8.34 -14.72 -8.24
C ALA B 84 9.65 -15.39 -8.63
N MET B 85 9.68 -16.73 -8.69
CA MET B 85 10.89 -17.43 -9.14
C MET B 85 11.21 -17.22 -10.61
N ASP B 86 10.23 -17.27 -11.52
CA ASP B 86 10.59 -17.07 -12.92
C ASP B 86 10.81 -15.60 -13.26
N VAL B 87 10.30 -14.67 -12.46
CA VAL B 87 10.76 -13.28 -12.51
C VAL B 87 12.23 -13.20 -12.10
N VAL B 88 12.59 -13.84 -10.99
CA VAL B 88 13.97 -13.82 -10.53
C VAL B 88 14.90 -14.44 -11.57
N TYR B 89 14.45 -15.50 -12.23
CA TYR B 89 15.25 -16.11 -13.31
C TYR B 89 15.35 -15.20 -14.54
N ALA B 90 14.25 -14.59 -14.95
CA ALA B 90 14.30 -13.63 -16.05
C ALA B 90 15.26 -12.49 -15.77
N LEU B 91 15.26 -11.98 -14.54
CA LEU B 91 16.23 -10.95 -14.15
C LEU B 91 17.66 -11.49 -14.14
N LYS B 92 17.86 -12.70 -13.63
CA LYS B 92 19.18 -13.31 -13.65
C LYS B 92 19.73 -13.47 -15.06
N ARG B 93 18.87 -13.77 -16.03
CA ARG B 93 19.32 -13.81 -17.42
C ARG B 93 19.90 -12.47 -17.87
N GLN B 94 19.30 -11.38 -17.43
CA GLN B 94 19.74 -10.03 -17.78
C GLN B 94 20.97 -9.59 -17.00
N GLY B 95 21.48 -10.40 -16.07
CA GLY B 95 22.52 -9.94 -15.18
C GLY B 95 22.03 -8.91 -14.16
N ARG B 96 20.80 -9.06 -13.69
CA ARG B 96 20.22 -8.13 -12.73
C ARG B 96 19.73 -8.88 -11.50
N THR B 97 20.58 -9.75 -10.97
CA THR B 97 20.24 -10.61 -9.85
C THR B 97 19.60 -9.85 -8.70
N LEU B 98 18.46 -10.34 -8.23
CA LEU B 98 17.67 -9.72 -7.18
C LEU B 98 17.64 -10.64 -5.96
N TYR B 99 18.06 -10.11 -4.81
CA TYR B 99 18.00 -10.84 -3.55
C TYR B 99 16.75 -10.46 -2.77
N GLY B 100 16.11 -11.46 -2.17
CA GLY B 100 14.98 -11.24 -1.27
C GLY B 100 13.67 -11.86 -1.71
N PHE B 101 13.64 -12.61 -2.81
CA PHE B 101 12.42 -13.26 -3.28
C PHE B 101 12.61 -14.77 -3.44
N GLY B 102 13.66 -15.32 -2.85
CA GLY B 102 14.09 -16.68 -3.09
C GLY B 102 15.18 -16.78 -4.13
N GLY B 103 15.39 -18.01 -4.60
CA GLY B 103 16.42 -18.28 -5.58
C GLY B 103 17.77 -18.46 -4.92
N LYS C 16 22.01 -43.11 -44.31
CA LYS C 16 22.13 -44.09 -43.25
C LYS C 16 22.50 -43.44 -41.92
N THR C 17 23.07 -42.23 -42.01
CA THR C 17 23.40 -41.47 -40.82
C THR C 17 22.13 -40.97 -40.14
N ARG C 18 22.27 -40.67 -38.85
CA ARG C 18 21.18 -40.00 -38.13
C ARG C 18 20.92 -38.61 -38.67
N SER C 19 21.97 -37.91 -39.11
CA SER C 19 21.80 -36.58 -39.66
C SER C 19 20.93 -36.59 -40.91
N SER C 20 21.18 -37.55 -41.82
CA SER C 20 20.45 -37.59 -43.08
C SER C 20 18.99 -38.03 -42.91
N ARG C 21 18.65 -38.72 -41.83
CA ARG C 21 17.24 -38.99 -41.55
C ARG C 21 16.51 -37.71 -41.15
N ALA C 22 17.17 -36.83 -40.42
CA ALA C 22 16.63 -35.50 -40.16
C ALA C 22 16.76 -34.58 -41.36
N GLY C 23 17.71 -34.85 -42.26
CA GLY C 23 17.98 -33.98 -43.38
C GLY C 23 19.00 -32.91 -43.11
N LEU C 24 19.78 -33.08 -42.05
CA LEU C 24 20.73 -32.07 -41.59
C LEU C 24 22.10 -32.32 -42.17
N GLN C 25 22.84 -31.24 -42.40
CA GLN C 25 24.26 -31.37 -42.71
C GLN C 25 25.11 -31.54 -41.46
N PHE C 26 24.76 -30.88 -40.36
CA PHE C 26 25.54 -30.98 -39.15
C PHE C 26 25.38 -32.33 -38.46
N PRO C 27 26.43 -32.78 -37.74
CA PRO C 27 26.47 -34.14 -37.20
C PRO C 27 25.63 -34.32 -35.94
N VAL C 28 24.45 -34.94 -36.08
CA VAL C 28 23.60 -35.17 -34.91
C VAL C 28 24.27 -36.09 -33.90
N GLY C 29 25.04 -37.07 -34.38
CA GLY C 29 25.77 -37.94 -33.45
C GLY C 29 26.81 -37.20 -32.63
N ARG C 30 27.54 -36.28 -33.26
CA ARG C 30 28.49 -35.43 -32.55
C ARG C 30 27.79 -34.59 -31.48
N VAL C 31 26.69 -33.94 -31.85
CA VAL C 31 25.95 -33.12 -30.88
C VAL C 31 25.47 -33.96 -29.70
N HIS C 32 24.93 -35.15 -29.98
CA HIS C 32 24.50 -36.04 -28.90
C HIS C 32 25.65 -36.46 -27.99
N ARG C 33 26.81 -36.74 -28.58
CA ARG C 33 27.98 -37.07 -27.77
C ARG C 33 28.41 -35.90 -26.91
N LEU C 34 28.39 -34.69 -27.47
CA LEU C 34 28.75 -33.50 -26.69
C LEU C 34 27.75 -33.23 -25.57
N LEU C 35 26.46 -33.41 -25.83
CA LEU C 35 25.46 -33.27 -24.78
C LEU C 35 25.67 -34.28 -23.66
N ARG C 36 26.22 -35.45 -23.96
CA ARG C 36 26.60 -36.37 -22.89
C ARG C 36 27.87 -35.91 -22.17
N LYS C 37 28.93 -35.65 -22.93
CA LYS C 37 30.22 -35.28 -22.34
C LYS C 37 30.12 -34.09 -21.40
N GLY C 38 29.32 -33.09 -21.75
CA GLY C 38 29.19 -31.90 -20.92
C GLY C 38 28.42 -32.09 -19.64
N ASN C 39 27.81 -33.26 -19.43
CA ASN C 39 26.99 -33.54 -18.24
C ASN C 39 26.02 -32.41 -17.97
N TYR C 40 25.38 -31.93 -19.03
CA TYR C 40 24.36 -30.90 -18.89
C TYR C 40 23.15 -31.40 -18.12
N ALA C 41 22.87 -32.70 -18.17
CA ALA C 41 21.82 -33.29 -17.37
C ALA C 41 22.06 -34.79 -17.23
N GLU C 42 21.30 -35.41 -16.34
CA GLU C 42 21.39 -36.85 -16.14
C GLU C 42 21.00 -37.61 -17.39
N ARG C 43 20.02 -37.11 -18.15
CA ARG C 43 19.53 -37.77 -19.35
C ARG C 43 19.48 -36.75 -20.48
N VAL C 44 19.63 -37.23 -21.71
CA VAL C 44 19.38 -36.41 -22.89
C VAL C 44 18.45 -37.16 -23.84
N GLY C 45 17.34 -36.52 -24.22
CA GLY C 45 16.35 -37.17 -25.04
C GLY C 45 16.80 -37.34 -26.48
N ALA C 46 16.17 -38.28 -27.17
CA ALA C 46 16.58 -38.62 -28.53
C ALA C 46 16.38 -37.46 -29.50
N GLY C 47 15.34 -36.64 -29.28
CA GLY C 47 15.08 -35.50 -30.14
C GLY C 47 15.96 -34.30 -29.89
N ALA C 48 16.56 -34.20 -28.71
CA ALA C 48 17.34 -33.02 -28.36
C ALA C 48 18.49 -32.75 -29.33
N PRO C 49 19.35 -33.72 -29.66
CA PRO C 49 20.47 -33.40 -30.56
C PRO C 49 20.06 -33.13 -31.99
N VAL C 50 18.95 -33.68 -32.47
CA VAL C 50 18.46 -33.33 -33.79
C VAL C 50 18.02 -31.87 -33.83
N TYR C 51 17.21 -31.47 -32.85
CA TYR C 51 16.77 -30.08 -32.75
C TYR C 51 17.96 -29.13 -32.66
N LEU C 52 18.91 -29.44 -31.78
CA LEU C 52 20.04 -28.55 -31.59
C LEU C 52 20.91 -28.46 -32.84
N ALA C 53 21.18 -29.59 -33.50
CA ALA C 53 21.93 -29.56 -34.75
C ALA C 53 21.21 -28.77 -35.82
N ALA C 54 19.87 -28.87 -35.88
CA ALA C 54 19.11 -28.08 -36.85
C ALA C 54 19.24 -26.59 -36.60
N VAL C 55 19.13 -26.17 -35.34
CA VAL C 55 19.28 -24.76 -34.99
C VAL C 55 20.69 -24.25 -35.31
N LEU C 56 21.71 -25.05 -34.97
CA LEU C 56 23.07 -24.67 -35.33
C LEU C 56 23.25 -24.54 -36.84
N GLU C 57 22.65 -25.46 -37.61
CA GLU C 57 22.76 -25.38 -39.06
C GLU C 57 22.09 -24.12 -39.59
N TYR C 58 20.90 -23.81 -39.08
CA TYR C 58 20.22 -22.59 -39.51
C TYR C 58 21.05 -21.35 -39.25
N LEU C 59 21.59 -21.21 -38.04
CA LEU C 59 22.38 -20.01 -37.73
C LEU C 59 23.66 -19.96 -38.55
N THR C 60 24.30 -21.10 -38.79
CA THR C 60 25.48 -21.12 -39.64
C THR C 60 25.17 -20.69 -41.07
N ALA C 61 24.07 -21.21 -41.62
CA ALA C 61 23.66 -20.80 -42.96
C ALA C 61 23.35 -19.30 -43.02
N GLU C 62 22.63 -18.76 -42.05
CA GLU C 62 22.30 -17.34 -42.11
C GLU C 62 23.54 -16.44 -42.00
N ILE C 63 24.50 -16.83 -41.15
CA ILE C 63 25.77 -16.11 -41.10
C ILE C 63 26.48 -16.19 -42.44
N LEU C 64 26.62 -17.39 -43.01
CA LEU C 64 27.41 -17.51 -44.23
C LEU C 64 26.71 -16.90 -45.43
N GLU C 65 25.39 -16.89 -45.43
CA GLU C 65 24.63 -16.13 -46.42
C GLU C 65 25.03 -14.65 -46.40
N LEU C 66 24.92 -14.01 -45.23
CA LEU C 66 25.22 -12.58 -45.18
C LEU C 66 26.70 -12.29 -45.43
N ALA C 67 27.61 -13.13 -44.94
CA ALA C 67 29.01 -12.97 -45.28
C ALA C 67 29.31 -13.20 -46.76
N GLY C 68 28.58 -14.10 -47.42
CA GLY C 68 28.74 -14.28 -48.85
C GLY C 68 28.28 -13.09 -49.66
N ASN C 69 27.13 -12.52 -49.29
CA ASN C 69 26.74 -11.23 -49.86
C ASN C 69 27.81 -10.18 -49.66
N ALA C 70 28.31 -10.03 -48.43
CA ALA C 70 29.31 -9.00 -48.18
C ALA C 70 30.59 -9.24 -48.99
N ALA C 71 30.95 -10.51 -49.19
CA ALA C 71 32.10 -10.83 -50.03
C ALA C 71 31.87 -10.47 -51.49
N ARG C 72 30.67 -10.73 -52.02
CA ARG C 72 30.35 -10.33 -53.38
C ARG C 72 30.35 -8.81 -53.54
N ASP C 73 29.74 -8.10 -52.59
CA ASP C 73 29.72 -6.65 -52.68
C ASP C 73 31.12 -6.05 -52.68
N ASN C 74 32.06 -6.66 -51.96
CA ASN C 74 33.46 -6.24 -52.00
C ASN C 74 34.25 -6.87 -53.14
N LYS C 75 33.61 -7.66 -54.00
CA LYS C 75 34.26 -8.24 -55.17
C LYS C 75 35.40 -9.18 -54.78
N LYS C 76 35.18 -10.00 -53.77
CA LYS C 76 36.14 -10.99 -53.31
C LYS C 76 35.55 -12.38 -53.44
N THR C 77 36.40 -13.35 -53.76
CA THR C 77 35.97 -14.73 -53.92
C THR C 77 35.94 -15.52 -52.61
N ARG C 78 36.82 -15.21 -51.66
CA ARG C 78 36.81 -15.82 -50.34
C ARG C 78 36.14 -14.91 -49.32
N ILE C 79 35.30 -15.51 -48.48
CA ILE C 79 34.81 -14.87 -47.28
C ILE C 79 35.92 -14.80 -46.25
N ILE C 80 36.10 -13.63 -45.64
CA ILE C 80 37.16 -13.40 -44.68
C ILE C 80 36.59 -12.68 -43.44
N PRO C 81 37.32 -12.64 -42.33
CA PRO C 81 36.76 -12.07 -41.10
C PRO C 81 36.14 -10.68 -41.27
N ARG C 82 36.71 -9.86 -42.13
CA ARG C 82 36.11 -8.56 -42.45
C ARG C 82 34.67 -8.73 -42.92
N HIS C 83 34.39 -9.72 -43.76
CA HIS C 83 33.04 -9.94 -44.27
C HIS C 83 32.12 -10.50 -43.19
N LEU C 84 32.63 -11.36 -42.31
CA LEU C 84 31.84 -11.83 -41.18
C LEU C 84 31.47 -10.68 -40.25
N GLN C 85 32.43 -9.80 -39.96
CA GLN C 85 32.15 -8.62 -39.14
C GLN C 85 31.13 -7.71 -39.78
N LEU C 86 31.27 -7.43 -41.07
CA LEU C 86 30.27 -6.61 -41.77
C LEU C 86 28.90 -7.26 -41.71
N ALA C 87 28.81 -8.54 -42.06
CA ALA C 87 27.53 -9.23 -42.05
C ALA C 87 26.86 -9.20 -40.68
N VAL C 88 27.62 -9.50 -39.63
CA VAL C 88 27.06 -9.52 -38.29
C VAL C 88 26.61 -8.13 -37.85
N ARG C 89 27.48 -7.13 -38.00
CA ARG C 89 27.19 -5.82 -37.42
C ARG C 89 26.07 -5.10 -38.16
N ASN C 90 25.94 -5.31 -39.47
CA ASN C 90 24.84 -4.69 -40.20
C ASN C 90 23.47 -5.29 -39.86
N ASP C 91 23.40 -6.58 -39.53
CA ASP C 91 22.12 -7.15 -39.10
C ASP C 91 21.85 -6.83 -37.63
N GLU C 92 20.68 -6.25 -37.37
CA GLU C 92 20.28 -5.92 -36.01
C GLU C 92 20.19 -7.15 -35.11
N GLU C 93 19.71 -8.28 -35.64
CA GLU C 93 19.49 -9.45 -34.80
C GLU C 93 20.77 -10.24 -34.54
N LEU C 94 21.56 -10.49 -35.59
CA LEU C 94 22.87 -11.08 -35.38
C LEU C 94 23.79 -10.18 -34.57
N ASN C 95 23.67 -8.86 -34.73
CA ASN C 95 24.43 -7.96 -33.88
C ASN C 95 23.97 -8.01 -32.43
N LYS C 96 22.69 -8.29 -32.19
CA LYS C 96 22.21 -8.47 -30.82
C LYS C 96 22.62 -9.81 -30.23
N LEU C 97 22.65 -10.86 -31.06
CA LEU C 97 23.17 -12.16 -30.60
C LEU C 97 24.65 -12.07 -30.28
N LEU C 98 25.43 -11.37 -31.10
CA LEU C 98 26.87 -11.29 -30.95
C LEU C 98 27.32 -9.94 -30.39
N GLY C 99 26.49 -9.32 -29.55
CA GLY C 99 26.79 -7.98 -29.08
C GLY C 99 28.02 -7.92 -28.19
N ARG C 100 28.21 -8.92 -27.34
CA ARG C 100 29.34 -8.97 -26.43
C ARG C 100 30.55 -9.66 -27.04
N VAL C 101 30.52 -9.93 -28.34
CA VAL C 101 31.50 -10.79 -29.00
C VAL C 101 32.46 -9.92 -29.79
N THR C 102 33.74 -10.22 -29.67
CA THR C 102 34.78 -9.64 -30.51
C THR C 102 35.18 -10.64 -31.58
N ILE C 103 35.23 -10.20 -32.82
CA ILE C 103 35.65 -11.04 -33.94
C ILE C 103 37.08 -10.66 -34.30
N ALA C 104 38.00 -11.60 -34.17
CA ALA C 104 39.40 -11.36 -34.49
C ALA C 104 39.55 -10.91 -35.95
N GLN C 105 40.47 -9.97 -36.17
CA GLN C 105 40.70 -9.34 -37.47
C GLN C 105 39.46 -8.71 -38.07
N GLY C 106 38.41 -8.49 -37.29
CA GLY C 106 37.35 -7.60 -37.72
C GLY C 106 37.77 -6.16 -37.57
N GLY C 107 37.32 -5.32 -38.49
CA GLY C 107 37.41 -3.88 -38.32
C GLY C 107 36.26 -3.32 -37.52
N VAL C 108 35.97 -2.05 -37.77
CA VAL C 108 34.72 -1.43 -37.34
C VAL C 108 33.83 -1.26 -38.56
N LEU C 109 32.56 -0.98 -38.31
CA LEU C 109 31.71 -0.41 -39.35
C LEU C 109 32.15 1.02 -39.63
N PRO C 110 32.40 1.40 -40.89
CA PRO C 110 32.78 2.79 -41.16
C PRO C 110 31.59 3.72 -41.01
N ASN C 111 31.88 4.98 -40.67
CA ASN C 111 30.82 5.95 -40.46
C ASN C 111 30.08 6.28 -41.75
N ILE C 112 30.75 6.14 -42.89
CA ILE C 112 30.15 6.47 -44.19
C ILE C 112 29.56 7.88 -44.14
N THR D 30 46.18 -35.24 -30.33
CA THR D 30 44.81 -34.80 -30.11
C THR D 30 44.09 -34.68 -31.45
N ARG D 31 43.12 -35.58 -31.67
CA ARG D 31 42.23 -35.51 -32.83
C ARG D 31 41.15 -34.45 -32.56
N LYS D 32 41.54 -33.19 -32.70
CA LYS D 32 40.66 -32.08 -32.35
C LYS D 32 39.41 -32.11 -33.23
N GLU D 33 38.24 -32.03 -32.57
CA GLU D 33 36.98 -31.94 -33.28
C GLU D 33 36.78 -30.54 -33.85
N SER D 34 36.29 -30.49 -35.09
CA SER D 34 35.93 -29.23 -35.72
C SER D 34 34.66 -29.41 -36.52
N TYR D 35 34.01 -28.30 -36.82
CA TYR D 35 32.84 -28.24 -37.69
C TYR D 35 33.19 -27.89 -39.12
N ALA D 36 34.47 -27.71 -39.44
CA ALA D 36 34.86 -27.09 -40.70
C ALA D 36 34.24 -27.77 -41.91
N ILE D 37 34.32 -29.11 -41.98
CA ILE D 37 33.78 -29.80 -43.15
C ILE D 37 32.27 -29.59 -43.28
N TYR D 38 31.59 -29.40 -42.16
CA TYR D 38 30.14 -29.15 -42.21
C TYR D 38 29.82 -27.70 -42.49
N VAL D 39 30.65 -26.77 -42.01
CA VAL D 39 30.50 -25.38 -42.41
C VAL D 39 30.71 -25.23 -43.92
N TYR D 40 31.73 -25.91 -44.45
CA TYR D 40 31.91 -25.99 -45.91
C TYR D 40 30.67 -26.54 -46.61
N LYS D 41 30.14 -27.66 -46.13
CA LYS D 41 28.96 -28.23 -46.77
C LYS D 41 27.76 -27.29 -46.71
N VAL D 42 27.56 -26.59 -45.59
CA VAL D 42 26.52 -25.58 -45.52
C VAL D 42 26.84 -24.37 -46.41
N LEU D 43 28.09 -23.93 -46.44
CA LEU D 43 28.48 -22.84 -47.31
C LEU D 43 28.13 -23.12 -48.77
N LYS D 44 28.47 -24.31 -49.25
CA LYS D 44 28.18 -24.69 -50.63
C LYS D 44 26.69 -24.82 -50.93
N GLN D 45 25.82 -24.81 -49.92
CA GLN D 45 24.39 -24.70 -50.19
C GLN D 45 23.94 -23.26 -50.42
N VAL D 46 24.63 -22.27 -49.85
CA VAL D 46 24.19 -20.88 -49.92
C VAL D 46 25.00 -20.08 -50.92
N HIS D 47 26.30 -20.34 -51.03
CA HIS D 47 27.18 -19.61 -51.95
C HIS D 47 28.21 -20.56 -52.53
N PRO D 48 27.80 -21.44 -53.44
CA PRO D 48 28.73 -22.47 -53.94
C PRO D 48 29.91 -21.88 -54.71
N ASP D 49 29.77 -20.68 -55.24
CA ASP D 49 30.88 -20.02 -55.94
C ASP D 49 31.97 -19.53 -54.99
N THR D 50 31.64 -19.17 -53.76
CA THR D 50 32.62 -18.61 -52.85
C THR D 50 33.35 -19.67 -52.04
N GLY D 51 34.54 -19.32 -51.60
CA GLY D 51 35.28 -20.06 -50.60
C GLY D 51 35.29 -19.34 -49.25
N ILE D 52 36.02 -19.92 -48.31
CA ILE D 52 36.09 -19.39 -46.95
C ILE D 52 37.53 -19.50 -46.46
N SER D 53 38.04 -18.40 -45.90
CA SER D 53 39.39 -18.37 -45.35
C SER D 53 39.49 -19.24 -44.11
N SER D 54 40.68 -19.80 -43.87
CA SER D 54 40.91 -20.60 -42.67
C SER D 54 40.64 -19.82 -41.39
N LYS D 55 41.00 -18.53 -41.37
CA LYS D 55 40.70 -17.70 -40.20
C LYS D 55 39.20 -17.52 -40.03
N ALA D 56 38.48 -17.21 -41.11
CA ALA D 56 37.04 -17.10 -41.02
C ALA D 56 36.40 -18.43 -40.65
N MET D 57 37.00 -19.54 -41.10
CA MET D 57 36.52 -20.84 -40.66
C MET D 57 36.70 -21.05 -39.16
N SER D 58 37.84 -20.66 -38.60
CA SER D 58 38.01 -20.77 -37.15
C SER D 58 37.07 -19.86 -36.38
N ILE D 59 36.72 -18.70 -36.95
CA ILE D 59 35.70 -17.85 -36.34
C ILE D 59 34.33 -18.50 -36.39
N MET D 60 33.98 -19.16 -37.49
CA MET D 60 32.74 -19.91 -37.55
C MET D 60 32.73 -21.08 -36.56
N ASN D 61 33.87 -21.73 -36.39
CA ASN D 61 33.96 -22.82 -35.42
C ASN D 61 33.73 -22.32 -33.99
N SER D 62 34.37 -21.22 -33.63
CA SER D 62 34.10 -20.58 -32.34
C SER D 62 32.65 -20.16 -32.20
N PHE D 63 32.05 -19.61 -33.26
CA PHE D 63 30.65 -19.23 -33.22
C PHE D 63 29.74 -20.42 -32.93
N VAL D 64 29.96 -21.53 -33.63
CA VAL D 64 29.15 -22.74 -33.43
C VAL D 64 29.32 -23.28 -32.01
N ASN D 65 30.56 -23.36 -31.53
CA ASN D 65 30.78 -23.82 -30.17
C ASN D 65 30.09 -22.93 -29.15
N ASP D 66 30.23 -21.61 -29.30
CA ASP D 66 29.62 -20.68 -28.36
C ASP D 66 28.10 -20.80 -28.33
N VAL D 67 27.46 -20.82 -29.49
CA VAL D 67 26.00 -20.96 -29.53
C VAL D 67 25.55 -22.31 -28.97
N PHE D 68 26.30 -23.38 -29.26
CA PHE D 68 26.00 -24.67 -28.66
C PHE D 68 26.05 -24.62 -27.14
N GLU D 69 27.14 -24.08 -26.60
CA GLU D 69 27.31 -24.03 -25.14
C GLU D 69 26.26 -23.14 -24.47
N ARG D 70 25.89 -22.03 -25.11
CA ARG D 70 24.85 -21.16 -24.54
C ARG D 70 23.47 -21.81 -24.54
N ILE D 71 23.13 -22.52 -25.61
CA ILE D 71 21.84 -23.20 -25.64
C ILE D 71 21.82 -24.37 -24.66
N ALA D 72 22.88 -25.18 -24.65
CA ALA D 72 22.91 -26.31 -23.73
C ALA D 72 22.89 -25.84 -22.26
N GLY D 73 23.62 -24.78 -21.94
CA GLY D 73 23.57 -24.23 -20.59
C GLY D 73 22.18 -23.77 -20.18
N GLU D 74 21.51 -23.03 -21.05
CA GLU D 74 20.15 -22.60 -20.71
C GLU D 74 19.20 -23.78 -20.60
N ALA D 75 19.28 -24.75 -21.52
CA ALA D 75 18.45 -25.95 -21.39
C ALA D 75 18.75 -26.71 -20.10
N SER D 76 19.99 -26.69 -19.64
CA SER D 76 20.36 -27.33 -18.38
C SER D 76 19.64 -26.70 -17.21
N ARG D 77 19.78 -25.38 -17.07
CA ARG D 77 19.14 -24.74 -15.93
C ARG D 77 17.62 -24.72 -16.06
N LEU D 78 17.08 -24.74 -17.28
CA LEU D 78 15.65 -25.01 -17.48
C LEU D 78 15.24 -26.34 -16.89
N ALA D 79 16.00 -27.40 -17.18
CA ALA D 79 15.68 -28.72 -16.61
C ALA D 79 15.78 -28.71 -15.10
N HIS D 80 16.85 -28.13 -14.56
CA HIS D 80 17.01 -28.05 -13.11
C HIS D 80 15.87 -27.27 -12.45
N TYR D 81 15.48 -26.13 -13.01
CA TYR D 81 14.36 -25.37 -12.45
C TYR D 81 13.08 -26.19 -12.37
N ASN D 82 12.86 -27.11 -13.30
CA ASN D 82 11.66 -27.93 -13.29
C ASN D 82 11.85 -29.25 -12.54
N LYS D 83 13.00 -29.46 -11.93
CA LYS D 83 13.33 -30.69 -11.23
C LYS D 83 13.24 -31.91 -12.13
N ARG D 84 13.37 -31.72 -13.44
CA ARG D 84 13.48 -32.84 -14.37
C ARG D 84 14.93 -33.26 -14.53
N SER D 85 15.13 -34.53 -14.85
CA SER D 85 16.46 -35.09 -15.04
C SER D 85 16.91 -35.12 -16.50
N THR D 86 16.02 -34.87 -17.44
CA THR D 86 16.29 -35.10 -18.85
C THR D 86 16.20 -33.79 -19.63
N ILE D 87 17.07 -33.65 -20.63
CA ILE D 87 17.02 -32.57 -21.60
C ILE D 87 16.36 -33.09 -22.86
N THR D 88 15.24 -32.49 -23.25
CA THR D 88 14.48 -32.90 -24.42
C THR D 88 14.45 -31.78 -25.46
N SER D 89 13.73 -32.05 -26.55
CA SER D 89 13.43 -31.02 -27.55
C SER D 89 12.64 -29.85 -26.96
N ARG D 90 11.81 -30.09 -25.95
CA ARG D 90 11.12 -28.99 -25.27
C ARG D 90 12.10 -28.01 -24.63
N GLU D 91 13.12 -28.53 -23.94
CA GLU D 91 14.12 -27.66 -23.34
C GLU D 91 14.94 -26.92 -24.38
N ILE D 92 15.36 -27.60 -25.45
CA ILE D 92 16.11 -26.91 -26.50
C ILE D 92 15.26 -25.83 -27.14
N GLN D 93 13.98 -26.12 -27.39
CA GLN D 93 13.09 -25.14 -28.00
C GLN D 93 12.97 -23.88 -27.15
N THR D 94 12.71 -24.04 -25.85
CA THR D 94 12.61 -22.84 -25.02
C THR D 94 13.95 -22.16 -24.81
N ALA D 95 15.06 -22.90 -24.71
CA ALA D 95 16.37 -22.28 -24.65
C ALA D 95 16.66 -21.44 -25.89
N VAL D 96 16.18 -21.89 -27.05
CA VAL D 96 16.29 -21.09 -28.26
C VAL D 96 15.40 -19.85 -28.19
N ARG D 97 14.17 -20.00 -27.70
CA ARG D 97 13.29 -18.84 -27.58
C ARG D 97 13.80 -17.82 -26.55
N LEU D 98 14.50 -18.27 -25.52
CA LEU D 98 15.16 -17.32 -24.62
C LEU D 98 16.39 -16.69 -25.26
N LEU D 99 17.23 -17.48 -25.92
CA LEU D 99 18.54 -16.99 -26.36
C LEU D 99 18.48 -16.18 -27.65
N LEU D 100 17.62 -16.55 -28.60
CA LEU D 100 17.68 -15.90 -29.90
C LEU D 100 16.68 -14.74 -29.99
N PRO D 101 17.09 -13.60 -30.56
CA PRO D 101 16.19 -12.46 -30.69
C PRO D 101 15.22 -12.57 -31.86
N GLY D 102 13.96 -12.25 -31.58
CA GLY D 102 13.00 -11.91 -32.63
C GLY D 102 12.78 -12.99 -33.67
N GLU D 103 12.79 -12.58 -34.94
CA GLU D 103 12.50 -13.50 -36.05
C GLU D 103 13.55 -14.58 -36.20
N LEU D 104 14.79 -14.32 -35.76
CA LEU D 104 15.80 -15.35 -35.80
C LEU D 104 15.40 -16.55 -34.94
N ALA D 105 14.69 -16.29 -33.85
CA ALA D 105 14.14 -17.37 -33.03
C ALA D 105 13.03 -18.09 -33.76
N LYS D 106 12.08 -17.35 -34.32
CA LYS D 106 10.93 -17.97 -34.98
C LYS D 106 11.39 -18.94 -36.06
N HIS D 107 12.36 -18.52 -36.88
CA HIS D 107 12.87 -19.40 -37.94
C HIS D 107 13.73 -20.53 -37.39
N ALA D 108 14.55 -20.30 -36.36
CA ALA D 108 15.28 -21.40 -35.76
C ALA D 108 14.37 -22.46 -35.16
N VAL D 109 13.31 -22.05 -34.46
CA VAL D 109 12.33 -22.99 -33.93
C VAL D 109 11.60 -23.74 -35.03
N SER D 110 11.25 -23.07 -36.12
CA SER D 110 10.63 -23.77 -37.24
C SER D 110 11.57 -24.81 -37.85
N GLU D 111 12.84 -24.45 -38.01
CA GLU D 111 13.82 -25.39 -38.55
C GLU D 111 13.99 -26.59 -37.63
N GLY D 112 14.09 -26.34 -36.32
CA GLY D 112 14.25 -27.44 -35.37
C GLY D 112 13.07 -28.39 -35.34
N THR D 113 11.84 -27.85 -35.26
CA THR D 113 10.68 -28.73 -35.27
C THR D 113 10.51 -29.47 -36.59
N LYS D 114 10.86 -28.85 -37.72
CA LYS D 114 10.86 -29.56 -39.00
C LYS D 114 11.83 -30.73 -39.00
N ALA D 115 13.07 -30.49 -38.55
CA ALA D 115 14.05 -31.57 -38.49
C ALA D 115 13.64 -32.68 -37.55
N VAL D 116 13.11 -32.35 -36.37
CA VAL D 116 12.65 -33.38 -35.44
C VAL D 116 11.48 -34.17 -36.02
N THR D 117 10.59 -33.50 -36.76
CA THR D 117 9.48 -34.22 -37.39
C THR D 117 9.97 -35.20 -38.45
N LYS D 118 10.84 -34.74 -39.35
CA LYS D 118 11.34 -35.63 -40.39
C LYS D 118 12.19 -36.76 -39.81
N TYR D 119 12.94 -36.50 -38.74
CA TYR D 119 13.64 -37.58 -38.05
C TYR D 119 12.67 -38.59 -37.45
N THR D 120 11.62 -38.10 -36.76
CA THR D 120 10.70 -38.98 -36.08
C THR D 120 9.88 -39.81 -37.06
N SER D 121 9.67 -39.32 -38.28
CA SER D 121 9.00 -40.10 -39.32
C SER D 121 9.97 -40.89 -40.19
N ALA D 122 11.20 -41.10 -39.74
CA ALA D 122 12.17 -41.97 -40.40
C ALA D 122 12.62 -43.07 -39.45
N LYS D 123 13.52 -43.92 -39.94
CA LYS D 123 13.99 -45.09 -39.18
C LYS D 123 14.70 -44.68 -37.91
N TYR E 42 43.57 19.53 -51.30
CA TYR E 42 42.83 19.20 -50.09
C TYR E 42 42.41 20.45 -49.33
N ARG E 43 41.17 20.44 -48.84
CA ARG E 43 40.67 21.53 -48.03
C ARG E 43 41.42 21.59 -46.69
N PRO E 44 41.53 22.79 -46.10
CA PRO E 44 42.23 22.90 -44.81
C PRO E 44 41.64 22.00 -43.74
N GLY E 45 42.55 21.34 -43.01
CA GLY E 45 42.21 20.51 -41.86
C GLY E 45 41.47 19.24 -42.19
N THR E 46 41.39 18.86 -43.47
CA THR E 46 40.63 17.68 -43.85
C THR E 46 41.32 16.39 -43.41
N VAL E 47 42.64 16.42 -43.28
CA VAL E 47 43.44 15.21 -43.09
C VAL E 47 42.99 14.34 -41.92
N ALA E 48 42.51 14.95 -40.83
CA ALA E 48 41.98 14.16 -39.73
C ALA E 48 40.82 13.26 -40.17
N LEU E 49 39.89 13.80 -40.94
CA LEU E 49 38.81 12.96 -41.45
C LEU E 49 39.35 11.93 -42.42
N ARG E 50 40.37 12.30 -43.18
CA ARG E 50 41.00 11.34 -44.07
C ARG E 50 41.57 10.17 -43.27
N GLU E 51 42.25 10.47 -42.16
CA GLU E 51 42.71 9.41 -41.28
C GLU E 51 41.56 8.60 -40.72
N ILE E 52 40.48 9.27 -40.34
CA ILE E 52 39.33 8.52 -39.83
C ILE E 52 38.88 7.51 -40.87
N ARG E 53 38.77 7.94 -42.13
CA ARG E 53 38.41 6.99 -43.19
C ARG E 53 39.42 5.85 -43.29
N ARG E 54 40.71 6.19 -43.36
CA ARG E 54 41.73 5.16 -43.56
C ARG E 54 41.71 4.07 -42.49
N TYR E 55 41.72 4.46 -41.21
CA TYR E 55 41.77 3.48 -40.12
C TYR E 55 40.46 2.75 -39.88
N GLN E 56 39.32 3.36 -40.15
CA GLN E 56 38.06 2.62 -40.04
C GLN E 56 37.92 1.56 -41.13
N LYS E 57 38.47 1.82 -42.32
CA LYS E 57 38.30 0.88 -43.46
C LYS E 57 39.10 -0.40 -43.24
N SER E 58 40.34 -0.28 -42.75
CA SER E 58 41.21 -1.44 -42.59
C SER E 58 40.88 -2.21 -41.31
N THR E 59 41.49 -3.39 -41.19
CA THR E 59 41.36 -4.26 -40.02
C THR E 59 42.68 -4.44 -39.26
N GLU E 60 43.73 -3.72 -39.65
CA GLU E 60 45.04 -3.92 -39.05
C GLU E 60 45.00 -3.74 -37.55
N LEU E 61 45.89 -4.46 -36.86
CA LEU E 61 46.29 -4.08 -35.51
C LEU E 61 47.11 -2.78 -35.54
N LEU E 62 46.84 -1.91 -34.57
CA LEU E 62 47.33 -0.54 -34.58
C LEU E 62 48.45 -0.26 -33.59
N ILE E 63 48.55 -1.05 -32.52
CA ILE E 63 49.70 -0.98 -31.63
C ILE E 63 50.82 -1.84 -32.20
N ARG E 64 52.06 -1.33 -32.11
CA ARG E 64 53.21 -2.13 -32.48
C ARG E 64 53.23 -3.42 -31.65
N LYS E 65 53.59 -4.53 -32.30
CA LYS E 65 53.42 -5.83 -31.67
C LYS E 65 54.41 -6.06 -30.53
N LEU E 66 55.68 -5.79 -30.78
CA LEU E 66 56.71 -6.00 -29.76
C LEU E 66 56.55 -5.15 -28.51
N PRO E 67 56.25 -3.84 -28.59
CA PRO E 67 55.96 -3.09 -27.35
C PRO E 67 54.82 -3.66 -26.52
N PHE E 68 53.72 -4.06 -27.16
CA PHE E 68 52.61 -4.66 -26.43
C PHE E 68 53.02 -5.98 -25.80
N GLN E 69 53.81 -6.79 -26.51
CA GLN E 69 54.32 -8.02 -25.93
C GLN E 69 55.17 -7.73 -24.69
N ARG E 70 56.04 -6.72 -24.74
CA ARG E 70 56.82 -6.35 -23.57
C ARG E 70 55.94 -5.94 -22.41
N LEU E 71 54.89 -5.16 -22.68
CA LEU E 71 53.97 -4.75 -21.62
C LEU E 71 53.27 -5.96 -20.98
N VAL E 72 52.83 -6.89 -21.80
CA VAL E 72 52.19 -8.10 -21.29
C VAL E 72 53.16 -8.92 -20.45
N ARG E 73 54.39 -9.08 -20.94
CA ARG E 73 55.42 -9.77 -20.17
C ARG E 73 55.64 -9.13 -18.81
N GLU E 74 55.76 -7.81 -18.77
CA GLU E 74 55.97 -7.10 -17.49
C GLU E 74 54.81 -7.32 -16.53
N ILE E 75 53.58 -7.16 -17.01
CA ILE E 75 52.43 -7.32 -16.12
C ILE E 75 52.32 -8.75 -15.63
N ALA E 76 52.53 -9.73 -16.51
CA ALA E 76 52.50 -11.13 -16.06
C ALA E 76 53.62 -11.40 -15.06
N GLN E 77 54.79 -10.84 -15.29
CA GLN E 77 55.92 -11.03 -14.39
C GLN E 77 55.62 -10.54 -13.00
N ASP E 78 54.80 -9.49 -12.88
CA ASP E 78 54.37 -9.10 -11.54
C ASP E 78 53.43 -10.13 -10.90
N PHE E 79 52.60 -10.81 -11.67
CA PHE E 79 51.77 -11.88 -11.12
C PHE E 79 52.56 -13.15 -10.83
N LYS E 80 53.40 -13.58 -11.76
CA LYS E 80 54.07 -14.89 -11.63
C LYS E 80 55.34 -14.87 -12.46
N THR E 81 56.48 -15.09 -11.81
CA THR E 81 57.77 -15.04 -12.49
C THR E 81 57.97 -16.26 -13.40
N ASP E 82 58.80 -16.06 -14.41
CA ASP E 82 59.23 -17.10 -15.35
C ASP E 82 58.06 -17.73 -16.10
N LEU E 83 56.94 -17.02 -16.25
CA LEU E 83 55.90 -17.48 -17.15
C LEU E 83 56.39 -17.46 -18.60
N ARG E 84 55.80 -18.33 -19.42
CA ARG E 84 56.00 -18.31 -20.86
C ARG E 84 54.67 -17.96 -21.51
N PHE E 85 54.72 -17.35 -22.68
CA PHE E 85 53.50 -17.01 -23.42
C PHE E 85 53.52 -17.67 -24.79
N GLN E 86 52.50 -18.49 -25.04
CA GLN E 86 52.19 -18.93 -26.39
C GLN E 86 51.84 -17.72 -27.26
N SER E 87 52.46 -17.63 -28.43
CA SER E 87 52.41 -16.38 -29.20
C SER E 87 50.98 -16.01 -29.59
N SER E 88 50.16 -17.01 -29.93
CA SER E 88 48.74 -16.76 -30.15
C SER E 88 48.05 -16.20 -28.91
N ALA E 89 48.53 -16.53 -27.71
CA ALA E 89 47.99 -15.90 -26.50
C ALA E 89 48.21 -14.39 -26.51
N VAL E 90 49.41 -13.95 -26.88
CA VAL E 90 49.69 -12.53 -26.98
C VAL E 90 48.89 -11.87 -28.09
N MET E 91 48.74 -12.56 -29.23
CA MET E 91 47.89 -12.00 -30.29
C MET E 91 46.43 -11.85 -29.84
N ALA E 92 45.89 -12.86 -29.17
CA ALA E 92 44.52 -12.76 -28.66
C ALA E 92 44.38 -11.61 -27.66
N LEU E 93 45.38 -11.45 -26.81
CA LEU E 93 45.34 -10.40 -25.80
C LEU E 93 45.44 -9.01 -26.43
N GLN E 94 46.24 -8.87 -27.48
CA GLN E 94 46.29 -7.62 -28.23
C GLN E 94 44.98 -7.33 -28.96
N GLU E 95 44.37 -8.34 -29.58
CA GLU E 95 43.11 -8.11 -30.29
C GLU E 95 42.01 -7.66 -29.33
N ALA E 96 41.91 -8.32 -28.17
CA ALA E 96 40.92 -7.91 -27.18
C ALA E 96 41.21 -6.51 -26.63
N SER E 97 42.48 -6.21 -26.38
CA SER E 97 42.86 -4.90 -25.87
C SER E 97 42.53 -3.78 -26.85
N GLU E 98 42.90 -3.94 -28.12
CA GLU E 98 42.60 -2.91 -29.10
C GLU E 98 41.10 -2.77 -29.37
N ALA E 99 40.35 -3.87 -29.42
CA ALA E 99 38.90 -3.74 -29.58
C ALA E 99 38.27 -3.00 -28.40
N TYR E 100 38.81 -3.21 -27.20
CA TYR E 100 38.33 -2.51 -26.01
C TYR E 100 38.65 -1.01 -26.09
N LEU E 101 39.88 -0.67 -26.45
CA LEU E 101 40.24 0.75 -26.57
C LEU E 101 39.44 1.46 -27.67
N VAL E 102 39.24 0.82 -28.82
CA VAL E 102 38.44 1.43 -29.87
C VAL E 102 37.01 1.71 -29.40
N ALA E 103 36.37 0.73 -28.76
CA ALA E 103 35.01 0.98 -28.26
C ALA E 103 34.98 2.04 -27.16
N LEU E 104 36.02 2.11 -26.34
CA LEU E 104 36.09 3.16 -25.34
C LEU E 104 36.25 4.54 -25.96
N PHE E 105 37.05 4.66 -27.02
CA PHE E 105 37.16 5.95 -27.71
C PHE E 105 35.88 6.34 -28.42
N GLU E 106 35.11 5.37 -28.91
CA GLU E 106 33.77 5.69 -29.41
C GLU E 106 32.88 6.30 -28.33
N ASP E 107 32.81 5.65 -27.15
CA ASP E 107 32.02 6.21 -26.06
C ASP E 107 32.54 7.57 -25.59
N THR E 108 33.85 7.74 -25.58
CA THR E 108 34.46 9.02 -25.22
C THR E 108 34.08 10.10 -26.22
N ASN E 109 34.10 9.78 -27.51
CA ASN E 109 33.73 10.78 -28.50
C ASN E 109 32.27 11.18 -28.37
N LEU E 110 31.39 10.22 -28.04
CA LEU E 110 30.00 10.60 -27.74
C LEU E 110 29.92 11.53 -26.52
N CYS E 111 30.77 11.32 -25.52
CA CYS E 111 30.78 12.22 -24.37
C CYS E 111 31.30 13.61 -24.73
N ALA E 112 32.28 13.68 -25.61
CA ALA E 112 32.78 14.97 -26.07
C ALA E 112 31.72 15.73 -26.85
N ILE E 113 31.08 15.05 -27.81
CA ILE E 113 29.99 15.66 -28.57
C ILE E 113 28.88 16.14 -27.64
N HIS E 114 28.58 15.37 -26.59
CA HIS E 114 27.56 15.79 -25.64
C HIS E 114 27.90 17.11 -24.96
N ALA E 115 29.18 17.39 -24.71
CA ALA E 115 29.61 18.67 -24.15
C ALA E 115 29.72 19.79 -25.18
N LYS E 116 29.09 19.65 -26.36
CA LYS E 116 29.18 20.66 -27.43
C LYS E 116 30.64 20.95 -27.78
N ARG E 117 31.44 19.89 -27.84
CA ARG E 117 32.88 20.02 -27.94
C ARG E 117 33.40 18.94 -28.88
N VAL E 118 34.59 19.18 -29.43
CA VAL E 118 35.16 18.31 -30.45
C VAL E 118 36.44 17.63 -29.96
N THR E 119 37.24 18.34 -29.17
CA THR E 119 38.40 17.73 -28.55
C THR E 119 37.94 16.79 -27.43
N ILE E 120 38.40 15.54 -27.48
CA ILE E 120 38.18 14.65 -26.36
C ILE E 120 39.13 15.00 -25.22
N MET E 121 38.60 15.00 -24.00
CA MET E 121 39.32 15.36 -22.78
C MET E 121 39.29 14.19 -21.80
N PRO E 122 40.30 14.07 -20.94
CA PRO E 122 40.32 12.99 -19.94
C PRO E 122 39.00 12.76 -19.22
N LYS E 123 38.32 13.84 -18.83
CA LYS E 123 37.03 13.69 -18.17
C LYS E 123 35.97 13.04 -19.04
N ASP E 124 36.15 13.03 -20.35
CA ASP E 124 35.25 12.26 -21.21
C ASP E 124 35.48 10.77 -21.05
N ILE E 125 36.74 10.35 -20.96
CA ILE E 125 37.05 8.95 -20.71
C ILE E 125 36.56 8.54 -19.34
N GLN E 126 36.82 9.38 -18.33
CA GLN E 126 36.35 9.09 -16.98
C GLN E 126 34.82 9.01 -16.89
N LEU E 127 34.10 9.79 -17.69
CA LEU E 127 32.65 9.67 -17.70
C LEU E 127 32.23 8.37 -18.39
N ALA E 128 32.79 8.09 -19.56
CA ALA E 128 32.39 6.87 -20.26
C ALA E 128 32.65 5.64 -19.40
N ARG E 129 33.85 5.53 -18.83
CA ARG E 129 34.18 4.42 -17.94
C ARG E 129 33.28 4.36 -16.71
N ARG E 130 32.90 5.50 -16.13
CA ARG E 130 32.00 5.45 -14.99
C ARG E 130 30.60 4.99 -15.36
N ILE E 131 30.05 5.49 -16.47
CA ILE E 131 28.71 5.07 -16.88
C ILE E 131 28.69 3.60 -17.27
N ARG E 132 29.67 3.15 -18.05
CA ARG E 132 29.73 1.76 -18.46
C ARG E 132 30.21 0.83 -17.35
N GLY E 133 30.37 1.33 -16.13
CA GLY E 133 30.55 0.49 -14.96
C GLY E 133 31.96 0.03 -14.67
N GLU E 134 32.98 0.77 -15.13
CA GLU E 134 34.36 0.32 -15.08
C GLU E 134 35.16 1.09 -14.04
N ARG E 135 34.50 1.92 -13.24
CA ARG E 135 35.12 2.63 -12.13
C ARG E 135 35.33 1.65 -10.97
N ALA E 136 36.31 0.78 -11.15
CA ALA E 136 36.56 -0.29 -10.19
C ALA E 136 38.07 -0.50 -10.01
N ASN F 26 57.73 -1.44 -21.52
CA ASN F 26 56.91 -0.82 -20.50
C ASN F 26 55.73 -0.07 -21.12
N ILE F 27 54.84 0.42 -20.27
CA ILE F 27 53.60 1.05 -20.74
C ILE F 27 53.88 2.19 -21.71
N GLN F 28 55.01 2.86 -21.55
CA GLN F 28 55.34 3.99 -22.44
C GLN F 28 55.67 3.54 -23.86
N GLY F 29 55.82 2.24 -24.10
CA GLY F 29 55.91 1.73 -25.45
C GLY F 29 54.63 1.78 -26.25
N ILE F 30 53.49 2.04 -25.60
CA ILE F 30 52.23 2.32 -26.31
C ILE F 30 52.27 3.79 -26.68
N THR F 31 52.68 4.07 -27.93
CA THR F 31 53.13 5.39 -28.31
C THR F 31 51.96 6.34 -28.54
N LYS F 32 52.28 7.63 -28.53
CA LYS F 32 51.32 8.68 -28.85
C LYS F 32 50.60 8.47 -30.18
N PRO F 33 51.28 8.19 -31.30
CA PRO F 33 50.56 7.94 -32.55
C PRO F 33 49.79 6.64 -32.57
N ALA F 34 50.18 5.62 -31.81
CA ALA F 34 49.35 4.43 -31.72
C ALA F 34 48.00 4.75 -31.09
N ILE F 35 48.01 5.55 -30.03
CA ILE F 35 46.77 6.00 -29.42
C ILE F 35 45.98 6.90 -30.36
N ARG F 36 46.68 7.72 -31.16
CA ARG F 36 45.98 8.46 -32.21
C ARG F 36 45.27 7.53 -33.18
N ARG F 37 45.97 6.53 -33.70
CA ARG F 37 45.34 5.61 -34.65
C ARG F 37 44.12 4.93 -34.04
N LEU F 38 44.25 4.47 -32.80
CA LEU F 38 43.10 3.89 -32.10
C LEU F 38 41.94 4.87 -31.97
N ALA F 39 42.23 6.13 -31.64
CA ALA F 39 41.19 7.15 -31.58
C ALA F 39 40.57 7.43 -32.95
N ARG F 40 41.38 7.44 -34.01
CA ARG F 40 40.85 7.62 -35.36
C ARG F 40 39.91 6.49 -35.76
N ARG F 41 40.26 5.24 -35.45
CA ARG F 41 39.30 4.17 -35.73
C ARG F 41 38.02 4.34 -34.92
N GLY F 42 38.12 4.90 -33.72
CA GLY F 42 36.94 5.32 -32.98
C GLY F 42 36.27 6.58 -33.47
N GLY F 43 36.79 7.23 -34.50
CA GLY F 43 36.15 8.41 -35.06
C GLY F 43 36.48 9.72 -34.38
N VAL F 44 37.54 9.77 -33.59
CA VAL F 44 37.90 10.99 -32.85
C VAL F 44 38.51 12.01 -33.81
N LYS F 45 37.89 13.20 -33.85
CA LYS F 45 38.34 14.28 -34.73
C LYS F 45 39.52 15.06 -34.14
N ARG F 46 39.50 15.31 -32.83
CA ARG F 46 40.59 16.00 -32.15
C ARG F 46 40.80 15.36 -30.79
N ILE F 47 42.02 15.44 -30.28
CA ILE F 47 42.43 14.66 -29.11
C ILE F 47 43.37 15.49 -28.25
N SER F 48 42.93 15.81 -27.04
CA SER F 48 43.73 16.59 -26.10
C SER F 48 44.99 15.83 -25.70
N GLY F 49 46.06 16.59 -25.46
CA GLY F 49 47.35 16.03 -25.11
C GLY F 49 47.40 15.28 -23.79
N LEU F 50 46.37 15.41 -22.96
CA LEU F 50 46.28 14.64 -21.72
C LEU F 50 45.69 13.25 -21.90
N ILE F 51 45.08 12.96 -23.05
CA ILE F 51 44.41 11.69 -23.27
C ILE F 51 45.38 10.51 -23.28
N TYR F 52 46.64 10.75 -23.61
CA TYR F 52 47.59 9.64 -23.73
C TYR F 52 47.83 8.94 -22.38
N GLU F 53 48.02 9.69 -21.30
CA GLU F 53 48.26 9.05 -20.01
C GLU F 53 46.99 8.45 -19.41
N GLU F 54 45.82 9.00 -19.72
CA GLU F 54 44.57 8.31 -19.42
C GLU F 54 44.50 6.98 -20.13
N THR F 55 44.76 6.97 -21.44
CA THR F 55 44.62 5.75 -22.22
C THR F 55 45.60 4.69 -21.75
N ARG F 56 46.84 5.10 -21.45
CA ARG F 56 47.81 4.17 -20.89
C ARG F 56 47.37 3.59 -19.54
N GLY F 57 46.80 4.42 -18.68
CA GLY F 57 46.26 3.90 -17.42
C GLY F 57 45.14 2.91 -17.60
N VAL F 58 44.17 3.23 -18.45
CA VAL F 58 43.04 2.35 -18.71
C VAL F 58 43.49 1.04 -19.35
N LEU F 59 44.43 1.11 -20.29
CA LEU F 59 45.00 -0.09 -20.87
C LEU F 59 45.69 -0.96 -19.82
N LYS F 60 46.53 -0.35 -18.98
CA LYS F 60 47.21 -1.13 -17.96
C LYS F 60 46.24 -1.82 -17.02
N VAL F 61 45.18 -1.12 -16.60
CA VAL F 61 44.16 -1.74 -15.74
C VAL F 61 43.48 -2.91 -16.44
N PHE F 62 43.14 -2.74 -17.72
CA PHE F 62 42.49 -3.82 -18.46
C PHE F 62 43.39 -5.04 -18.59
N LEU F 63 44.63 -4.83 -19.01
CA LEU F 63 45.58 -5.92 -19.11
C LEU F 63 45.84 -6.61 -17.78
N GLU F 64 45.97 -5.85 -16.69
CA GLU F 64 46.11 -6.46 -15.38
C GLU F 64 44.93 -7.36 -15.05
N ASN F 65 43.71 -6.89 -15.29
CA ASN F 65 42.53 -7.70 -14.99
C ASN F 65 42.44 -8.97 -15.84
N VAL F 66 42.89 -8.91 -17.09
CA VAL F 66 42.83 -10.11 -17.92
C VAL F 66 43.96 -11.08 -17.57
N ILE F 67 45.18 -10.57 -17.41
CA ILE F 67 46.32 -11.43 -17.13
C ILE F 67 46.24 -12.09 -15.75
N ARG F 68 45.65 -11.42 -14.76
CA ARG F 68 45.42 -12.09 -13.47
C ARG F 68 44.65 -13.40 -13.64
N ASP F 69 43.54 -13.36 -14.37
CA ASP F 69 42.74 -14.57 -14.57
C ASP F 69 43.42 -15.56 -15.49
N ALA F 70 44.05 -15.10 -16.56
CA ALA F 70 44.76 -16.00 -17.44
C ALA F 70 45.84 -16.78 -16.69
N VAL F 71 46.68 -16.07 -15.94
CA VAL F 71 47.71 -16.73 -15.13
C VAL F 71 47.11 -17.63 -14.06
N THR F 72 45.93 -17.28 -13.53
CA THR F 72 45.29 -18.16 -12.56
C THR F 72 44.88 -19.49 -13.19
N TYR F 73 44.31 -19.45 -14.40
CA TYR F 73 44.04 -20.69 -15.12
C TYR F 73 45.31 -21.45 -15.47
N THR F 74 46.36 -20.74 -15.89
CA THR F 74 47.60 -21.41 -16.23
C THR F 74 48.21 -22.13 -15.03
N GLU F 75 48.24 -21.46 -13.88
CA GLU F 75 48.81 -22.04 -12.67
C GLU F 75 47.96 -23.16 -12.09
N HIS F 76 46.63 -23.08 -12.20
CA HIS F 76 45.80 -24.21 -11.78
C HIS F 76 46.04 -25.45 -12.63
N ALA F 77 46.27 -25.26 -13.93
CA ALA F 77 46.61 -26.37 -14.80
C ALA F 77 48.01 -26.92 -14.57
N LYS F 78 48.76 -26.34 -13.64
CA LYS F 78 50.15 -26.69 -13.35
C LYS F 78 51.08 -26.46 -14.53
N ARG F 79 50.62 -25.74 -15.56
CA ARG F 79 51.48 -25.36 -16.66
C ARG F 79 52.44 -24.26 -16.21
N LYS F 80 53.44 -24.00 -17.04
CA LYS F 80 54.22 -22.77 -16.95
C LYS F 80 54.03 -21.87 -18.17
N THR F 81 53.29 -22.31 -19.17
CA THR F 81 53.04 -21.56 -20.39
C THR F 81 51.60 -21.07 -20.38
N VAL F 82 51.42 -19.75 -20.46
CA VAL F 82 50.09 -19.19 -20.70
C VAL F 82 49.70 -19.41 -22.14
N THR F 83 48.47 -19.84 -22.37
CA THR F 83 48.02 -20.29 -23.67
C THR F 83 46.86 -19.42 -24.15
N ALA F 84 46.69 -19.38 -25.47
CA ALA F 84 45.58 -18.64 -26.05
C ALA F 84 44.24 -19.10 -25.51
N MET F 85 44.10 -20.37 -25.19
CA MET F 85 42.84 -20.88 -24.66
C MET F 85 42.51 -20.33 -23.28
N ASP F 86 43.48 -20.21 -22.37
CA ASP F 86 43.15 -19.66 -21.06
C ASP F 86 43.12 -18.14 -21.03
N VAL F 87 43.71 -17.46 -22.01
CA VAL F 87 43.36 -16.06 -22.28
C VAL F 87 41.91 -15.94 -22.74
N VAL F 88 41.49 -16.81 -23.66
CA VAL F 88 40.10 -16.79 -24.11
C VAL F 88 39.14 -17.05 -22.96
N TYR F 89 39.51 -17.96 -22.05
CA TYR F 89 38.70 -18.17 -20.86
C TYR F 89 38.69 -16.95 -19.92
N ALA F 90 39.83 -16.31 -19.71
CA ALA F 90 39.84 -15.09 -18.90
C ALA F 90 38.97 -13.98 -19.51
N LEU F 91 38.96 -13.86 -20.82
CA LEU F 91 38.06 -12.90 -21.46
C LEU F 91 36.60 -13.34 -21.34
N LYS F 92 36.32 -14.63 -21.48
CA LYS F 92 34.96 -15.10 -21.27
C LYS F 92 34.50 -14.79 -19.85
N ARG F 93 35.41 -14.86 -18.88
CA ARG F 93 35.10 -14.41 -17.53
C ARG F 93 34.77 -12.93 -17.51
N GLN F 94 35.50 -12.11 -18.26
CA GLN F 94 35.19 -10.68 -18.26
C GLN F 94 33.89 -10.37 -19.00
N GLY F 95 33.28 -11.35 -19.66
CA GLY F 95 32.15 -11.09 -20.53
C GLY F 95 32.55 -10.48 -21.86
N ARG F 96 33.75 -10.79 -22.35
CA ARG F 96 34.33 -10.20 -23.55
C ARG F 96 34.77 -11.27 -24.53
N THR F 97 33.92 -12.27 -24.75
CA THR F 97 34.33 -13.45 -25.51
C THR F 97 34.87 -13.09 -26.89
N LEU F 98 35.95 -13.77 -27.26
CA LEU F 98 36.74 -13.47 -28.45
C LEU F 98 36.71 -14.68 -29.38
N TYR F 99 36.20 -14.49 -30.60
CA TYR F 99 36.16 -15.55 -31.59
C TYR F 99 37.42 -15.55 -32.45
N GLY F 100 37.84 -16.75 -32.84
CA GLY F 100 38.91 -16.91 -33.81
C GLY F 100 40.25 -17.29 -33.24
N PHE F 101 40.33 -17.73 -32.00
CA PHE F 101 41.57 -18.20 -31.40
C PHE F 101 41.43 -19.61 -30.84
N GLY F 102 40.55 -20.40 -31.42
CA GLY F 102 39.97 -21.54 -30.73
C GLY F 102 38.93 -21.11 -29.70
N GLY F 103 38.40 -22.11 -29.02
CA GLY F 103 37.27 -21.91 -28.13
C GLY F 103 35.95 -21.79 -28.88
N GLY G 9 42.41 -23.93 15.28
CA GLY G 9 43.60 -24.69 14.90
C GLY G 9 43.46 -26.16 15.28
N LYS G 10 42.62 -26.43 16.27
CA LYS G 10 42.32 -27.80 16.69
C LYS G 10 40.87 -27.88 17.13
N THR G 11 40.30 -29.07 17.04
CA THR G 11 38.92 -29.30 17.47
C THR G 11 38.78 -30.76 17.89
N ARG G 12 37.89 -31.01 18.85
CA ARG G 12 37.76 -32.34 19.42
C ARG G 12 37.07 -33.31 18.46
N ALA G 13 36.24 -32.80 17.55
CA ALA G 13 35.54 -33.65 16.59
C ALA G 13 34.74 -34.75 17.28
N LYS G 14 34.24 -34.47 18.49
CA LYS G 14 33.51 -35.50 19.23
C LYS G 14 32.18 -35.83 18.56
N ALA G 15 31.52 -34.83 17.98
CA ALA G 15 30.26 -35.07 17.31
C ALA G 15 30.46 -35.81 15.99
N LYS G 16 29.44 -36.57 15.60
CA LYS G 16 29.44 -37.24 14.31
C LYS G 16 29.37 -36.23 13.16
N THR G 17 28.62 -35.15 13.34
CA THR G 17 28.39 -34.21 12.26
C THR G 17 29.70 -33.69 11.70
N ARG G 18 29.86 -33.81 10.38
CA ARG G 18 31.12 -33.52 9.73
C ARG G 18 31.52 -32.06 9.89
N SER G 19 30.55 -31.16 10.01
CA SER G 19 30.87 -29.76 10.30
C SER G 19 31.70 -29.64 11.57
N SER G 20 31.31 -30.37 12.62
CA SER G 20 32.02 -30.26 13.89
C SER G 20 33.44 -30.82 13.76
N ARG G 21 33.60 -31.87 12.96
CA ARG G 21 34.94 -32.38 12.68
C ARG G 21 35.77 -31.35 11.95
N ALA G 22 35.16 -30.56 11.06
CA ALA G 22 35.86 -29.46 10.41
C ALA G 22 35.94 -28.22 11.27
N GLY G 23 35.14 -28.13 12.33
CA GLY G 23 35.02 -26.92 13.11
C GLY G 23 34.13 -25.87 12.50
N LEU G 24 33.28 -26.25 11.56
CA LEU G 24 32.42 -25.33 10.83
C LEU G 24 31.04 -25.29 11.48
N GLN G 25 30.42 -24.11 11.43
CA GLN G 25 28.99 -24.02 11.70
C GLN G 25 28.14 -24.41 10.51
N PHE G 26 28.63 -24.17 9.29
CA PHE G 26 27.85 -24.45 8.10
C PHE G 26 27.75 -25.94 7.79
N PRO G 27 26.65 -26.36 7.14
CA PRO G 27 26.31 -27.78 7.00
C PRO G 27 27.05 -28.49 5.87
N VAL G 28 28.20 -29.10 6.17
CA VAL G 28 28.98 -29.78 5.15
C VAL G 28 28.17 -30.87 4.47
N GLY G 29 27.28 -31.54 5.20
CA GLY G 29 26.42 -32.54 4.58
C GLY G 29 25.55 -31.98 3.46
N ARG G 30 24.92 -30.83 3.70
CA ARG G 30 24.16 -30.16 2.65
C ARG G 30 25.06 -29.79 1.47
N VAL G 31 26.20 -29.17 1.73
CA VAL G 31 27.05 -28.72 0.64
C VAL G 31 27.51 -29.89 -0.22
N HIS G 32 27.76 -31.05 0.41
CA HIS G 32 28.09 -32.24 -0.37
C HIS G 32 26.90 -32.75 -1.17
N ARG G 33 25.73 -32.80 -0.56
CA ARG G 33 24.54 -33.24 -1.28
C ARG G 33 24.27 -32.34 -2.49
N LEU G 34 24.37 -31.03 -2.30
CA LEU G 34 24.10 -30.07 -3.38
C LEU G 34 25.17 -30.12 -4.47
N LEU G 35 26.44 -30.26 -4.10
CA LEU G 35 27.47 -30.46 -5.12
C LEU G 35 27.20 -31.73 -5.93
N ARG G 36 26.78 -32.79 -5.26
CA ARG G 36 26.56 -34.07 -5.91
C ARG G 36 25.26 -34.08 -6.72
N LYS G 37 24.19 -33.50 -6.20
CA LYS G 37 22.93 -33.43 -6.91
C LYS G 37 22.89 -32.37 -8.01
N GLY G 38 23.82 -31.43 -8.03
CA GLY G 38 23.75 -30.33 -8.98
C GLY G 38 24.35 -30.59 -10.35
N ASN G 39 24.90 -31.79 -10.59
CA ASN G 39 25.54 -32.12 -11.86
C ASN G 39 26.66 -31.14 -12.22
N TYR G 40 27.46 -30.77 -11.22
CA TYR G 40 28.62 -29.92 -11.49
C TYR G 40 29.77 -30.73 -12.06
N ALA G 41 29.85 -32.01 -11.72
CA ALA G 41 30.83 -32.91 -12.31
C ALA G 41 30.36 -34.33 -12.07
N GLU G 42 31.04 -35.27 -12.73
CA GLU G 42 30.77 -36.69 -12.52
C GLU G 42 31.08 -37.11 -11.09
N ARG G 43 32.03 -36.44 -10.43
CA ARG G 43 32.61 -36.94 -9.20
C ARG G 43 32.93 -35.76 -8.29
N VAL G 44 32.84 -35.97 -6.98
CA VAL G 44 32.97 -34.90 -5.99
C VAL G 44 33.88 -35.36 -4.87
N GLY G 45 35.10 -34.81 -4.82
CA GLY G 45 36.05 -35.21 -3.80
C GLY G 45 35.61 -34.78 -2.41
N ALA G 46 36.03 -35.57 -1.41
CA ALA G 46 35.50 -35.42 -0.06
C ALA G 46 35.91 -34.09 0.59
N GLY G 47 37.03 -33.50 0.15
CA GLY G 47 37.44 -32.21 0.66
C GLY G 47 36.68 -31.02 0.11
N ALA G 48 36.04 -31.16 -1.04
CA ALA G 48 35.36 -30.03 -1.67
C ALA G 48 34.26 -29.43 -0.81
N PRO G 49 33.33 -30.20 -0.24
CA PRO G 49 32.27 -29.58 0.56
C PRO G 49 32.75 -28.96 1.86
N VAL G 50 33.85 -29.44 2.43
CA VAL G 50 34.42 -28.78 3.62
C VAL G 50 34.98 -27.41 3.24
N TYR G 51 35.80 -27.35 2.21
CA TYR G 51 36.38 -26.09 1.76
C TYR G 51 35.29 -25.09 1.39
N LEU G 52 34.29 -25.54 0.64
CA LEU G 52 33.22 -24.65 0.22
C LEU G 52 32.36 -24.17 1.39
N ALA G 53 32.00 -25.06 2.32
CA ALA G 53 31.26 -24.63 3.50
C ALA G 53 32.06 -23.63 4.34
N ALA G 54 33.37 -23.83 4.43
CA ALA G 54 34.22 -22.87 5.14
C ALA G 54 34.21 -21.50 4.47
N VAL G 55 34.29 -21.47 3.14
CA VAL G 55 34.27 -20.18 2.43
C VAL G 55 32.90 -19.50 2.55
N LEU G 56 31.81 -20.26 2.46
CA LEU G 56 30.49 -19.69 2.66
C LEU G 56 30.32 -19.12 4.06
N GLU G 57 30.81 -19.85 5.08
CA GLU G 57 30.76 -19.35 6.44
C GLU G 57 31.57 -18.07 6.61
N TYR G 58 32.77 -18.04 6.04
CA TYR G 58 33.57 -16.83 6.13
C TYR G 58 32.87 -15.63 5.52
N LEU G 59 32.33 -15.78 4.30
CA LEU G 59 31.70 -14.64 3.65
C LEU G 59 30.43 -14.19 4.38
N THR G 60 29.63 -15.13 4.89
CA THR G 60 28.44 -14.72 5.62
C THR G 60 28.79 -14.07 6.96
N ALA G 61 29.85 -14.54 7.63
CA ALA G 61 30.31 -13.86 8.83
C ALA G 61 30.80 -12.45 8.53
N GLU G 62 31.50 -12.26 7.41
CA GLU G 62 32.01 -10.93 7.06
C GLU G 62 30.88 -9.95 6.81
N ILE G 63 29.88 -10.38 6.04
CA ILE G 63 28.71 -9.54 5.81
C ILE G 63 27.97 -9.25 7.11
N LEU G 64 27.72 -10.29 7.91
CA LEU G 64 26.95 -10.05 9.13
C LEU G 64 27.69 -9.17 10.12
N GLU G 65 29.02 -9.25 10.18
CA GLU G 65 29.78 -8.31 11.00
C GLU G 65 29.57 -6.87 10.56
N LEU G 66 29.72 -6.60 9.26
CA LEU G 66 29.54 -5.21 8.82
C LEU G 66 28.10 -4.74 8.96
N ALA G 67 27.13 -5.61 8.69
CA ALA G 67 25.73 -5.26 8.87
C ALA G 67 25.37 -5.02 10.33
N GLY G 68 25.97 -5.77 11.25
CA GLY G 68 25.75 -5.51 12.66
C GLY G 68 26.38 -4.21 13.13
N ASN G 69 27.57 -3.88 12.63
CA ASN G 69 28.14 -2.56 12.90
C ASN G 69 27.22 -1.45 12.42
N ALA G 70 26.68 -1.59 11.20
CA ALA G 70 25.78 -0.57 10.67
C ALA G 70 24.48 -0.48 11.46
N ALA G 71 23.95 -1.62 11.92
CA ALA G 71 22.75 -1.58 12.76
C ALA G 71 23.05 -0.92 14.10
N ARG G 72 24.20 -1.24 14.71
CA ARG G 72 24.57 -0.66 15.99
C ARG G 72 24.69 0.85 15.91
N ASP G 73 25.43 1.34 14.92
CA ASP G 73 25.65 2.79 14.86
C ASP G 73 24.40 3.54 14.42
N ASN G 74 23.54 2.93 13.61
CA ASN G 74 22.18 3.43 13.46
C ASN G 74 21.30 3.15 14.68
N LYS G 75 21.84 2.56 15.74
CA LYS G 75 21.14 2.43 17.02
C LYS G 75 19.86 1.61 16.92
N LYS G 76 19.93 0.49 16.19
CA LYS G 76 18.85 -0.48 16.13
C LYS G 76 19.41 -1.86 16.45
N THR G 77 18.58 -2.68 17.08
CA THR G 77 19.02 -3.98 17.58
C THR G 77 18.92 -5.12 16.57
N ARG G 78 18.16 -4.95 15.49
CA ARG G 78 18.07 -5.96 14.44
C ARG G 78 18.68 -5.45 13.14
N ILE G 79 19.41 -6.35 12.48
CA ILE G 79 19.84 -6.11 11.11
C ILE G 79 18.63 -6.16 10.18
N ILE G 80 18.54 -5.17 9.28
CA ILE G 80 17.50 -5.12 8.26
C ILE G 80 18.16 -4.85 6.92
N PRO G 81 17.43 -5.06 5.82
CA PRO G 81 18.05 -4.92 4.49
C PRO G 81 18.74 -3.58 4.27
N ARG G 82 18.20 -2.50 4.84
CA ARG G 82 18.90 -1.21 4.84
C ARG G 82 20.34 -1.36 5.33
N HIS G 83 20.55 -2.15 6.38
CA HIS G 83 21.89 -2.32 6.94
C HIS G 83 22.77 -3.25 6.11
N LEU G 84 22.17 -4.28 5.50
CA LEU G 84 22.92 -5.12 4.57
C LEU G 84 23.40 -4.32 3.38
N GLN G 85 22.53 -3.48 2.82
CA GLN G 85 22.91 -2.58 1.74
C GLN G 85 24.00 -1.60 2.16
N LEU G 86 23.85 -0.97 3.34
CA LEU G 86 24.90 -0.05 3.80
C LEU G 86 26.24 -0.76 3.97
N ALA G 87 26.22 -1.97 4.53
CA ALA G 87 27.46 -2.72 4.71
C ALA G 87 28.10 -3.09 3.38
N VAL G 88 27.30 -3.62 2.45
CA VAL G 88 27.86 -4.05 1.17
C VAL G 88 28.39 -2.85 0.40
N ARG G 89 27.60 -1.78 0.29
CA ARG G 89 27.97 -0.68 -0.58
C ARG G 89 29.06 0.20 0.02
N ASN G 90 29.25 0.17 1.34
CA ASN G 90 30.38 0.89 1.92
C ASN G 90 31.68 0.11 1.88
N ASP G 91 31.65 -1.19 1.61
CA ASP G 91 32.87 -2.00 1.51
C ASP G 91 33.22 -2.19 0.04
N GLU G 92 34.42 -1.76 -0.34
CA GLU G 92 34.84 -1.81 -1.73
C GLU G 92 34.77 -3.22 -2.31
N GLU G 93 35.20 -4.22 -1.53
CA GLU G 93 35.30 -5.57 -2.05
C GLU G 93 33.96 -6.31 -2.05
N LEU G 94 33.14 -6.10 -1.03
CA LEU G 94 31.78 -6.63 -1.08
C LEU G 94 30.98 -5.94 -2.17
N ASN G 95 31.21 -4.65 -2.39
CA ASN G 95 30.53 -3.95 -3.49
C ASN G 95 30.99 -4.47 -4.85
N LYS G 96 32.28 -4.82 -4.99
CA LYS G 96 32.73 -5.43 -6.23
C LYS G 96 32.22 -6.85 -6.41
N LEU G 97 32.04 -7.60 -5.31
CA LEU G 97 31.41 -8.91 -5.41
C LEU G 97 29.93 -8.82 -5.77
N LEU G 98 29.21 -7.85 -5.20
CA LEU G 98 27.78 -7.73 -5.38
C LEU G 98 27.41 -6.55 -6.27
N GLY G 99 28.29 -6.20 -7.20
CA GLY G 99 28.12 -5.03 -8.04
C GLY G 99 27.03 -5.15 -9.09
N ARG G 100 26.40 -6.31 -9.21
CA ARG G 100 25.30 -6.54 -10.15
C ARG G 100 24.05 -7.02 -9.44
N VAL G 101 24.04 -6.99 -8.12
CA VAL G 101 22.97 -7.53 -7.30
C VAL G 101 22.11 -6.39 -6.78
N THR G 102 20.79 -6.56 -6.84
CA THR G 102 19.85 -5.65 -6.21
C THR G 102 19.34 -6.28 -4.92
N ILE G 103 19.35 -5.52 -3.84
CA ILE G 103 18.86 -5.98 -2.54
C ILE G 103 17.49 -5.37 -2.31
N ALA G 104 16.48 -6.21 -2.18
CA ALA G 104 15.13 -5.75 -1.92
C ALA G 104 15.06 -4.93 -0.64
N GLN G 105 14.31 -3.84 -0.68
CA GLN G 105 14.19 -2.86 0.39
C GLN G 105 15.52 -2.26 0.83
N GLY G 106 16.58 -2.42 0.05
CA GLY G 106 17.73 -1.57 0.19
C GLY G 106 17.48 -0.23 -0.47
N GLY G 107 18.09 0.81 0.08
CA GLY G 107 18.08 2.12 -0.54
C GLY G 107 19.28 2.36 -1.43
N VAL G 108 19.63 3.63 -1.56
CA VAL G 108 20.93 4.04 -2.04
C VAL G 108 21.78 4.48 -0.85
N LEU G 109 23.07 4.65 -1.08
CA LEU G 109 23.89 5.38 -0.12
C LEU G 109 23.51 6.85 -0.11
N PRO G 110 23.16 7.44 1.03
CA PRO G 110 22.95 8.89 1.07
C PRO G 110 24.21 9.64 0.63
N ASN G 111 24.01 10.68 -0.16
CA ASN G 111 25.09 11.62 -0.43
C ASN G 111 25.42 12.44 0.82
N ILE G 112 26.71 12.60 1.07
CA ILE G 112 27.18 13.25 2.29
C ILE G 112 28.39 14.14 2.02
N THR H 30 3.53 -26.77 1.23
CA THR H 30 4.84 -27.16 0.74
C THR H 30 5.87 -27.07 1.87
N ARG H 31 7.06 -27.63 1.63
CA ARG H 31 8.17 -27.55 2.56
C ARG H 31 9.44 -27.13 1.82
N LYS H 32 10.26 -26.31 2.50
CA LYS H 32 11.51 -25.83 1.95
C LYS H 32 12.51 -25.73 3.09
N GLU H 33 13.79 -25.64 2.73
CA GLU H 33 14.87 -25.72 3.69
C GLU H 33 15.97 -24.72 3.33
N SER H 34 16.60 -24.17 4.36
CA SER H 34 17.31 -22.90 4.26
C SER H 34 18.47 -22.90 5.25
N TYR H 35 19.40 -21.98 5.02
CA TYR H 35 20.57 -21.78 5.86
C TYR H 35 20.27 -20.98 7.12
N ALA H 36 19.01 -20.59 7.33
CA ALA H 36 18.67 -19.62 8.36
C ALA H 36 19.29 -19.94 9.72
N ILE H 37 19.22 -21.19 10.17
CA ILE H 37 19.78 -21.52 11.48
C ILE H 37 21.29 -21.36 11.53
N TYR H 38 21.98 -21.60 10.42
CA TYR H 38 23.43 -21.42 10.40
C TYR H 38 23.82 -19.95 10.29
N VAL H 39 22.98 -19.16 9.63
CA VAL H 39 23.16 -17.72 9.62
C VAL H 39 22.98 -17.16 11.03
N TYR H 40 21.94 -17.62 11.75
CA TYR H 40 21.78 -17.25 13.15
C TYR H 40 23.00 -17.64 13.99
N LYS H 41 23.51 -18.86 13.80
CA LYS H 41 24.70 -19.29 14.54
C LYS H 41 25.90 -18.37 14.29
N VAL H 42 26.18 -18.05 13.03
CA VAL H 42 27.30 -17.15 12.76
C VAL H 42 27.03 -15.75 13.29
N LEU H 43 25.80 -15.26 13.15
CA LEU H 43 25.45 -13.96 13.71
C LEU H 43 25.74 -13.92 15.20
N LYS H 44 25.29 -14.94 15.94
CA LYS H 44 25.57 -15.01 17.36
C LYS H 44 27.05 -15.19 17.66
N GLN H 45 27.84 -15.60 16.67
CA GLN H 45 29.30 -15.56 16.86
C GLN H 45 29.88 -14.18 16.62
N VAL H 46 29.25 -13.34 15.81
CA VAL H 46 29.84 -12.04 15.49
C VAL H 46 29.17 -10.91 16.28
N HIS H 47 27.86 -11.02 16.53
CA HIS H 47 27.13 -10.01 17.30
C HIS H 47 26.06 -10.70 18.14
N PRO H 48 26.42 -11.16 19.34
CA PRO H 48 25.53 -12.06 20.08
C PRO H 48 24.24 -11.38 20.52
N ASP H 49 24.22 -10.07 20.69
CA ASP H 49 23.03 -9.37 21.17
C ASP H 49 22.07 -8.95 20.07
N THR H 50 22.56 -8.76 18.84
CA THR H 50 21.70 -8.30 17.76
C THR H 50 20.84 -9.43 17.20
N GLY H 51 19.71 -9.04 16.62
CA GLY H 51 18.86 -9.92 15.85
C GLY H 51 18.97 -9.66 14.36
N ILE H 52 18.13 -10.38 13.61
CA ILE H 52 18.06 -10.19 12.16
C ILE H 52 16.62 -10.39 11.71
N SER H 53 16.15 -9.49 10.87
CA SER H 53 14.79 -9.56 10.35
C SER H 53 14.64 -10.73 9.39
N SER H 54 13.39 -11.19 9.25
CA SER H 54 13.11 -12.27 8.30
C SER H 54 13.45 -11.86 6.86
N LYS H 55 13.17 -10.62 6.49
CA LYS H 55 13.58 -10.12 5.19
C LYS H 55 15.09 -10.18 5.01
N ALA H 56 15.84 -9.66 5.98
CA ALA H 56 17.30 -9.73 5.92
C ALA H 56 17.78 -11.17 5.87
N MET H 57 17.13 -12.07 6.61
CA MET H 57 17.48 -13.48 6.53
C MET H 57 17.27 -14.05 5.13
N SER H 58 16.17 -13.67 4.46
CA SER H 58 15.99 -14.10 3.08
C SER H 58 17.01 -13.48 2.12
N ILE H 59 17.49 -12.28 2.42
CA ILE H 59 18.62 -11.72 1.66
C ILE H 59 19.86 -12.59 1.84
N MET H 60 20.15 -12.96 3.09
CA MET H 60 21.34 -13.77 3.36
C MET H 60 21.22 -15.16 2.74
N ASN H 61 20.03 -15.76 2.77
CA ASN H 61 19.82 -17.03 2.11
C ASN H 61 20.05 -16.94 0.60
N SER H 62 19.54 -15.88 -0.03
CA SER H 62 19.79 -15.67 -1.45
C SER H 62 21.27 -15.47 -1.73
N PHE H 63 21.95 -14.71 -0.88
CA PHE H 63 23.39 -14.49 -1.04
C PHE H 63 24.19 -15.79 -0.94
N VAL H 64 23.85 -16.64 0.03
CA VAL H 64 24.55 -17.92 0.16
C VAL H 64 24.30 -18.80 -1.07
N ASN H 65 23.05 -18.89 -1.51
CA ASN H 65 22.75 -19.68 -2.70
C ASN H 65 23.48 -19.16 -3.94
N ASP H 66 23.47 -17.84 -4.14
CA ASP H 66 24.17 -17.25 -5.27
C ASP H 66 25.66 -17.54 -5.26
N VAL H 67 26.33 -17.26 -4.14
CA VAL H 67 27.77 -17.49 -4.06
C VAL H 67 28.12 -18.96 -4.21
N PHE H 68 27.27 -19.85 -3.66
CA PHE H 68 27.45 -21.28 -3.89
C PHE H 68 27.39 -21.62 -5.37
N GLU H 69 26.35 -21.16 -6.06
CA GLU H 69 26.22 -21.48 -7.49
C GLU H 69 27.35 -20.89 -8.31
N ARG H 70 27.83 -19.69 -7.95
CA ARG H 70 28.99 -19.13 -8.64
C ARG H 70 30.24 -20.00 -8.48
N ILE H 71 30.57 -20.36 -7.24
CA ILE H 71 31.80 -21.12 -7.01
C ILE H 71 31.69 -22.51 -7.62
N ALA H 72 30.55 -23.18 -7.44
CA ALA H 72 30.37 -24.51 -8.05
C ALA H 72 30.43 -24.45 -9.57
N GLY H 73 29.76 -23.48 -10.19
CA GLY H 73 29.82 -23.37 -11.64
C GLY H 73 31.20 -23.10 -12.19
N GLU H 74 31.98 -22.28 -11.48
CA GLU H 74 33.34 -22.05 -11.95
C GLU H 74 34.24 -23.25 -11.71
N ALA H 75 34.11 -23.92 -10.55
CA ALA H 75 34.87 -25.15 -10.35
C ALA H 75 34.53 -26.21 -11.41
N SER H 76 33.25 -26.31 -11.77
CA SER H 76 32.83 -27.17 -12.87
C SER H 76 33.52 -26.82 -14.19
N ARG H 77 33.59 -25.53 -14.51
CA ARG H 77 34.30 -25.13 -15.73
C ARG H 77 35.78 -25.46 -15.65
N LEU H 78 36.42 -25.22 -14.50
CA LEU H 78 37.84 -25.58 -14.34
C LEU H 78 38.07 -27.07 -14.51
N ALA H 79 37.17 -27.90 -13.98
CA ALA H 79 37.28 -29.34 -14.17
C ALA H 79 37.17 -29.71 -15.64
N HIS H 80 36.14 -29.22 -16.32
CA HIS H 80 35.97 -29.53 -17.74
C HIS H 80 37.15 -29.05 -18.59
N TYR H 81 37.63 -27.84 -18.34
CA TYR H 81 38.80 -27.34 -19.09
C TYR H 81 40.02 -28.24 -18.94
N ASN H 82 40.18 -28.91 -17.80
CA ASN H 82 41.31 -29.78 -17.58
C ASN H 82 41.00 -31.25 -17.84
N LYS H 83 39.83 -31.54 -18.40
CA LYS H 83 39.40 -32.90 -18.70
C LYS H 83 39.37 -33.76 -17.43
N ARG H 84 39.17 -33.14 -16.29
CA ARG H 84 39.04 -33.86 -15.03
C ARG H 84 37.60 -34.29 -14.84
N SER H 85 37.42 -35.43 -14.18
CA SER H 85 36.07 -35.88 -13.85
C SER H 85 35.61 -35.45 -12.46
N THR H 86 36.52 -34.95 -11.61
CA THR H 86 36.22 -34.73 -10.21
C THR H 86 36.42 -33.26 -9.86
N ILE H 87 35.60 -32.78 -8.92
CA ILE H 87 35.79 -31.49 -8.27
C ILE H 87 36.47 -31.73 -6.93
N THR H 88 37.64 -31.13 -6.74
CA THR H 88 38.40 -31.25 -5.51
C THR H 88 38.54 -29.90 -4.83
N SER H 89 39.23 -29.90 -3.69
CA SER H 89 39.63 -28.68 -3.00
C SER H 89 40.42 -27.73 -3.89
N ARG H 90 41.23 -28.25 -4.80
CA ARG H 90 41.96 -27.39 -5.72
C ARG H 90 41.03 -26.63 -6.67
N GLU H 91 39.96 -27.28 -7.12
CA GLU H 91 38.98 -26.59 -7.95
C GLU H 91 38.26 -25.50 -7.15
N ILE H 92 37.79 -25.82 -5.94
CA ILE H 92 37.11 -24.83 -5.13
C ILE H 92 38.05 -23.66 -4.83
N GLN H 93 39.29 -23.96 -4.48
CA GLN H 93 40.27 -22.92 -4.17
C GLN H 93 40.50 -21.98 -5.35
N THR H 94 40.69 -22.54 -6.55
CA THR H 94 40.91 -21.67 -7.70
C THR H 94 39.65 -20.90 -8.09
N ALA H 95 38.48 -21.54 -8.01
CA ALA H 95 37.24 -20.80 -8.23
C ALA H 95 37.09 -19.64 -7.27
N VAL H 96 37.48 -19.82 -6.00
CA VAL H 96 37.45 -18.74 -5.03
C VAL H 96 38.44 -17.63 -5.39
N ARG H 97 39.63 -18.01 -5.85
CA ARG H 97 40.59 -17.00 -6.30
C ARG H 97 40.14 -16.26 -7.55
N LEU H 98 39.31 -16.89 -8.38
CA LEU H 98 38.76 -16.18 -9.54
C LEU H 98 37.59 -15.28 -9.16
N LEU H 99 36.70 -15.75 -8.29
CA LEU H 99 35.45 -15.06 -8.01
C LEU H 99 35.56 -13.98 -6.95
N LEU H 100 36.41 -14.15 -5.94
CA LEU H 100 36.43 -13.17 -4.87
C LEU H 100 37.50 -12.10 -5.14
N PRO H 101 37.17 -10.82 -4.94
CA PRO H 101 38.16 -9.76 -5.14
C PRO H 101 39.08 -9.57 -3.94
N GLY H 102 40.36 -9.35 -4.25
CA GLY H 102 41.31 -8.80 -3.30
C GLY H 102 41.52 -9.62 -2.04
N GLU H 103 41.54 -8.93 -0.90
CA GLU H 103 41.80 -9.57 0.38
C GLU H 103 40.72 -10.58 0.75
N LEU H 104 39.47 -10.33 0.35
CA LEU H 104 38.39 -11.27 0.62
C LEU H 104 38.70 -12.66 0.08
N ALA H 105 39.46 -12.72 -1.02
CA ALA H 105 39.89 -14.01 -1.57
C ALA H 105 40.91 -14.70 -0.66
N LYS H 106 42.01 -14.02 -0.34
CA LYS H 106 43.07 -14.70 0.38
C LYS H 106 42.63 -15.09 1.79
N HIS H 107 41.74 -14.31 2.40
CA HIS H 107 41.15 -14.71 3.68
C HIS H 107 40.20 -15.89 3.53
N ALA H 108 39.37 -15.91 2.49
CA ALA H 108 38.53 -17.08 2.28
C ALA H 108 39.35 -18.34 2.02
N VAL H 109 40.42 -18.23 1.22
CA VAL H 109 41.33 -19.35 1.00
C VAL H 109 42.00 -19.81 2.29
N SER H 110 42.35 -18.87 3.17
CA SER H 110 42.93 -19.27 4.46
C SER H 110 41.92 -20.01 5.33
N GLU H 111 40.67 -19.54 5.35
CA GLU H 111 39.64 -20.25 6.10
C GLU H 111 39.39 -21.64 5.53
N GLY H 112 39.37 -21.76 4.20
CA GLY H 112 39.14 -23.05 3.59
C GLY H 112 40.25 -24.04 3.87
N THR H 113 41.51 -23.65 3.64
CA THR H 113 42.63 -24.54 3.90
C THR H 113 42.73 -24.91 5.38
N LYS H 114 42.38 -23.99 6.28
CA LYS H 114 42.35 -24.33 7.71
C LYS H 114 41.27 -25.37 8.01
N ALA H 115 40.05 -25.16 7.50
CA ALA H 115 38.98 -26.11 7.75
C ALA H 115 39.30 -27.49 7.16
N VAL H 116 39.87 -27.54 5.96
CA VAL H 116 40.25 -28.82 5.38
C VAL H 116 41.36 -29.49 6.18
N THR H 117 42.29 -28.72 6.73
CA THR H 117 43.31 -29.30 7.59
C THR H 117 42.70 -29.93 8.84
N LYS H 118 41.86 -29.18 9.54
CA LYS H 118 41.16 -29.75 10.69
C LYS H 118 40.38 -31.01 10.31
N TYR H 119 39.60 -30.95 9.25
CA TYR H 119 38.81 -32.10 8.82
C TYR H 119 39.69 -33.32 8.51
N THR H 120 40.87 -33.11 7.93
CA THR H 120 41.73 -34.24 7.62
C THR H 120 42.40 -34.80 8.86
N SER H 121 42.92 -33.94 9.73
CA SER H 121 43.64 -34.42 10.90
C SER H 121 42.70 -34.97 11.97
N ALA H 122 41.47 -34.46 12.04
CA ALA H 122 40.51 -34.93 13.02
C ALA H 122 40.18 -36.40 12.79
N PRO K 124 22.49 -21.03 -53.98
CA PRO K 124 21.06 -20.85 -54.24
C PRO K 124 20.26 -22.14 -54.01
N THR K 125 20.90 -23.14 -53.42
CA THR K 125 20.18 -24.33 -52.97
C THR K 125 19.42 -24.05 -51.67
N ARG K 126 19.91 -23.13 -50.86
CA ARG K 126 19.33 -22.81 -49.57
C ARG K 126 19.10 -21.31 -49.49
N PHE K 127 17.96 -20.92 -48.92
CA PHE K 127 17.62 -19.52 -48.72
C PHE K 127 16.99 -19.35 -47.35
N SER K 128 17.07 -18.14 -46.82
CA SER K 128 16.47 -17.80 -45.54
C SER K 128 15.30 -16.84 -45.74
N ASN K 129 14.21 -17.11 -45.04
CA ASN K 129 12.96 -16.38 -45.21
C ASN K 129 12.96 -15.03 -44.50
N ARG K 130 14.08 -14.65 -43.89
CA ARG K 130 14.11 -13.45 -43.07
C ARG K 130 13.79 -12.20 -43.87
N GLN K 131 12.92 -11.36 -43.31
CA GLN K 131 12.48 -10.13 -43.96
C GLN K 131 13.53 -9.03 -43.81
N ASN K 132 14.79 -9.37 -44.07
CA ASN K 132 15.87 -8.40 -43.94
C ASN K 132 15.66 -7.24 -44.91
N LYS K 133 16.07 -6.06 -44.46
CA LYS K 133 16.32 -4.97 -45.39
C LYS K 133 17.52 -5.30 -46.28
N THR K 134 17.57 -4.64 -47.44
CA THR K 134 18.76 -4.63 -48.26
C THR K 134 19.89 -3.85 -47.58
N VAL K 135 21.12 -4.26 -47.89
CA VAL K 135 22.32 -3.67 -47.33
C VAL K 135 23.37 -3.59 -48.43
N ASN K 136 24.18 -2.54 -48.40
CA ASN K 136 25.37 -2.43 -49.25
C ASN K 136 26.59 -2.58 -48.35
N TYR K 137 27.40 -3.60 -48.63
CA TYR K 137 28.59 -3.91 -47.83
C TYR K 137 29.89 -3.37 -48.41
N ASN K 138 29.86 -2.64 -49.52
CA ASN K 138 31.10 -2.21 -50.17
C ASN K 138 31.79 -1.17 -49.30
N ILE K 139 33.03 -1.47 -48.88
CA ILE K 139 33.82 -0.55 -48.07
C ILE K 139 34.64 0.43 -48.91
N ASP K 140 34.80 0.18 -50.20
CA ASP K 140 35.60 1.05 -51.05
C ASP K 140 35.10 2.48 -50.98
N TYR K 141 36.04 3.43 -50.97
CA TYR K 141 35.72 4.83 -50.71
C TYR K 141 36.70 5.71 -51.46
N SER K 142 36.36 6.99 -51.55
CA SER K 142 37.18 7.97 -52.24
C SER K 142 37.24 9.26 -51.43
N ASP K 143 38.19 10.12 -51.80
CA ASP K 143 38.43 11.39 -51.12
C ASP K 143 38.23 12.57 -52.06
N ASP K 144 37.49 12.37 -53.15
CA ASP K 144 37.26 13.46 -54.11
C ASP K 144 36.48 14.61 -53.47
N ASP K 145 35.70 14.33 -52.43
CA ASP K 145 35.06 15.40 -51.67
C ASP K 145 36.01 16.07 -50.68
N LEU K 146 37.14 15.45 -50.37
CA LEU K 146 38.20 16.15 -49.65
C LEU K 146 39.12 16.93 -50.58
N LEU K 147 39.37 16.40 -51.78
CA LEU K 147 39.93 17.21 -52.86
C LEU K 147 38.91 18.23 -53.36
N PRO L 124 31.70 -11.34 21.64
CA PRO L 124 32.08 -11.72 20.28
C PRO L 124 33.13 -12.82 20.26
N THR L 125 33.14 -13.60 19.18
CA THR L 125 34.01 -14.76 19.06
C THR L 125 34.71 -14.81 17.71
N ARG L 126 34.01 -14.52 16.62
CA ARG L 126 34.64 -14.23 15.35
C ARG L 126 35.01 -12.76 15.25
N PHE L 127 36.16 -12.50 14.62
CA PHE L 127 36.56 -11.13 14.30
C PHE L 127 37.14 -11.13 12.90
N SER L 128 36.78 -10.12 12.12
CA SER L 128 37.38 -9.95 10.81
C SER L 128 38.86 -9.58 10.94
N ASN L 129 39.66 -10.02 9.98
CA ASN L 129 41.08 -9.68 9.91
C ASN L 129 41.40 -8.87 8.67
N ARG L 130 40.37 -8.42 7.94
CA ARG L 130 40.57 -7.55 6.80
C ARG L 130 40.83 -6.12 7.26
N GLN L 131 41.85 -5.48 6.68
CA GLN L 131 42.26 -4.15 7.10
C GLN L 131 41.41 -3.07 6.45
N ASN L 132 40.09 -3.18 6.56
CA ASN L 132 39.22 -2.05 6.23
C ASN L 132 39.49 -0.91 7.20
N LYS L 133 39.42 0.31 6.69
CA LYS L 133 39.23 1.47 7.56
C LYS L 133 37.86 1.39 8.23
N THR L 134 37.74 2.13 9.33
CA THR L 134 36.44 2.31 9.97
C THR L 134 35.49 3.08 9.06
N VAL L 135 34.19 2.79 9.23
CA VAL L 135 33.13 3.45 8.50
C VAL L 135 32.06 3.88 9.50
N ASN L 136 31.44 5.03 9.24
CA ASN L 136 30.25 5.45 9.96
C ASN L 136 29.04 5.22 9.06
N TYR L 137 28.12 4.37 9.51
CA TYR L 137 26.94 4.03 8.75
C TYR L 137 25.72 4.83 9.17
N ASN L 138 25.85 5.80 10.06
CA ASN L 138 24.69 6.54 10.53
C ASN L 138 24.11 7.35 9.38
N ILE L 139 22.85 7.06 9.02
CA ILE L 139 22.17 7.74 7.93
C ILE L 139 21.31 8.90 8.40
N ASP L 140 21.10 9.07 9.70
CA ASP L 140 20.38 10.22 10.20
C ASP L 140 21.08 11.52 9.86
N TYR L 141 20.27 12.54 9.58
CA TYR L 141 20.75 13.86 9.16
C TYR L 141 19.82 14.90 9.76
N SER L 142 20.29 16.15 9.77
CA SER L 142 19.42 17.29 10.04
C SER L 142 19.52 18.30 8.91
N ASP L 143 18.39 18.96 8.64
CA ASP L 143 18.31 20.00 7.62
C ASP L 143 18.24 21.40 8.22
N ASP L 144 18.70 21.56 9.47
CA ASP L 144 18.79 22.88 10.09
C ASP L 144 19.91 23.74 9.50
N ASP L 145 20.82 23.16 8.71
CA ASP L 145 21.69 23.97 7.87
C ASP L 145 20.95 24.67 6.74
N LEU L 146 19.74 24.22 6.41
CA LEU L 146 18.94 24.86 5.37
C LEU L 146 17.89 25.82 5.91
N LEU L 147 17.73 25.93 7.21
CA LEU L 147 16.90 26.98 7.80
C LEU L 147 17.55 28.35 7.62
N ASP L 175 -4.36 30.98 11.31
CA ASP L 175 -4.29 32.04 12.31
C ASP L 175 -4.46 33.41 11.68
N PHE L 176 -5.14 33.46 10.54
CA PHE L 176 -5.26 34.68 9.75
C PHE L 176 -6.69 34.79 9.22
N HIS L 177 -7.06 36.01 8.87
CA HIS L 177 -8.44 36.32 8.46
C HIS L 177 -8.65 36.07 6.96
N GLY L 178 -8.40 34.83 6.54
CA GLY L 178 -8.62 34.49 5.15
C GLY L 178 -10.06 34.12 4.85
N ILE L 179 -10.40 34.15 3.56
CA ILE L 179 -11.67 33.60 3.10
C ILE L 179 -11.63 32.07 3.20
N ASP L 180 -12.62 31.49 3.87
CA ASP L 180 -12.77 30.06 3.96
C ASP L 180 -13.67 29.53 2.84
N ILE L 181 -14.88 30.09 2.74
CA ILE L 181 -15.89 29.64 1.79
C ILE L 181 -16.68 30.86 1.35
N VAL L 182 -17.16 30.83 0.10
CA VAL L 182 -18.15 31.79 -0.38
C VAL L 182 -19.50 31.11 -0.43
N ILE L 183 -20.47 31.68 0.29
CA ILE L 183 -21.72 30.98 0.57
C ILE L 183 -22.80 31.33 -0.45
N ASN L 184 -22.94 32.61 -0.77
CA ASN L 184 -24.04 33.10 -1.59
C ASN L 184 -23.66 34.46 -2.15
N HIS L 185 -24.44 34.93 -3.13
CA HIS L 185 -24.20 36.23 -3.73
C HIS L 185 -25.53 36.89 -4.07
N ARG L 186 -25.48 38.23 -4.12
CA ARG L 186 -26.65 39.05 -4.37
C ARG L 186 -26.20 40.32 -5.08
N LEU L 187 -27.15 41.01 -5.71
CA LEU L 187 -26.83 42.24 -6.40
C LEU L 187 -26.50 43.35 -5.39
N LYS L 188 -25.47 44.12 -5.69
CA LYS L 188 -24.90 45.05 -4.72
C LYS L 188 -25.92 46.10 -4.31
N ASP L 203 -19.45 39.27 -17.08
CA ASP L 203 -18.06 38.83 -16.92
C ASP L 203 -17.57 39.07 -15.50
N LEU L 204 -16.30 38.71 -15.25
CA LEU L 204 -15.73 38.84 -13.91
C LEU L 204 -15.68 40.29 -13.46
N ASN L 205 -15.51 41.22 -14.39
CA ASN L 205 -15.59 42.63 -14.04
C ASN L 205 -17.02 43.05 -13.77
N ASN L 206 -17.99 42.48 -14.48
CA ASN L 206 -19.38 42.60 -14.05
C ASN L 206 -19.62 41.96 -12.70
N CYS L 207 -18.93 40.86 -12.37
CA CYS L 207 -19.01 40.33 -11.01
C CYS L 207 -18.51 41.34 -9.98
N LYS L 208 -17.39 41.99 -10.26
CA LYS L 208 -16.85 43.00 -9.35
C LYS L 208 -17.78 44.20 -9.19
N GLU L 209 -18.34 44.69 -10.30
CA GLU L 209 -19.21 45.87 -10.24
C GLU L 209 -20.58 45.55 -9.64
N ASN L 210 -21.25 44.52 -10.15
CA ASN L 210 -22.64 44.24 -9.81
C ASN L 210 -22.85 43.60 -8.44
N TYR L 211 -21.93 42.78 -7.93
CA TYR L 211 -22.30 41.78 -6.95
C TYR L 211 -21.60 41.94 -5.61
N GLU L 212 -22.28 41.40 -4.59
CA GLU L 212 -21.84 41.33 -3.20
C GLU L 212 -22.01 39.88 -2.74
N PHE L 213 -21.05 39.39 -1.94
CA PHE L 213 -20.88 37.97 -1.67
C PHE L 213 -20.92 37.73 -0.17
N LEU L 214 -21.52 36.61 0.22
CA LEU L 214 -21.57 36.21 1.62
C LEU L 214 -20.35 35.34 1.93
N ILE L 215 -19.47 35.86 2.77
CA ILE L 215 -18.15 35.27 3.03
C ILE L 215 -18.19 34.61 4.39
N LYS L 216 -17.68 33.38 4.44
CA LYS L 216 -17.35 32.67 5.66
C LYS L 216 -15.86 32.82 5.87
N TRP L 217 -15.46 33.31 7.04
CA TRP L 217 -14.05 33.56 7.33
C TRP L 217 -13.39 32.36 8.01
N THR L 218 -12.09 32.22 7.78
CA THR L 218 -11.28 31.29 8.54
C THR L 218 -11.17 31.75 9.99
N ASP L 219 -11.01 30.78 10.88
CA ASP L 219 -10.92 31.01 12.32
C ASP L 219 -12.18 31.65 12.90
N GLU L 220 -13.27 31.65 12.17
CA GLU L 220 -14.53 32.20 12.66
C GLU L 220 -15.67 31.31 12.20
N SER L 221 -16.71 31.23 13.04
CA SER L 221 -17.85 30.39 12.75
C SER L 221 -18.76 31.04 11.71
N HIS L 222 -19.78 30.31 11.28
CA HIS L 222 -20.79 30.84 10.38
C HIS L 222 -21.68 31.89 11.03
N LEU L 223 -21.59 32.11 12.34
CA LEU L 223 -22.21 33.30 12.90
C LEU L 223 -21.53 34.57 12.39
N HIS L 224 -20.22 34.50 12.14
CA HIS L 224 -19.44 35.65 11.72
C HIS L 224 -19.37 35.79 10.20
N ASN L 225 -20.30 35.16 9.49
CA ASN L 225 -20.42 35.39 8.05
C ASN L 225 -20.74 36.86 7.78
N THR L 226 -20.10 37.43 6.76
CA THR L 226 -20.30 38.83 6.43
C THR L 226 -20.52 38.99 4.93
N TRP L 227 -21.45 39.86 4.56
CA TRP L 227 -21.50 40.34 3.18
C TRP L 227 -20.34 41.29 2.90
N GLU L 228 -19.74 41.12 1.72
CA GLU L 228 -18.52 41.81 1.34
C GLU L 228 -18.51 41.98 -0.17
N THR L 229 -17.62 42.84 -0.66
CA THR L 229 -17.33 42.90 -2.09
C THR L 229 -15.85 43.20 -2.28
N TYR L 230 -15.41 43.10 -3.54
CA TYR L 230 -13.98 43.00 -3.82
C TYR L 230 -13.21 44.17 -3.21
N GLU L 231 -13.71 45.39 -3.38
CA GLU L 231 -13.08 46.54 -2.74
C GLU L 231 -13.14 46.44 -1.22
N SER L 232 -14.20 45.84 -0.68
CA SER L 232 -14.27 45.64 0.76
C SER L 232 -13.31 44.55 1.20
N ILE L 233 -13.18 43.50 0.41
CA ILE L 233 -12.21 42.43 0.71
C ILE L 233 -10.80 42.96 0.58
N GLY L 234 -10.52 43.68 -0.51
CA GLY L 234 -9.16 44.06 -0.80
C GLY L 234 -8.32 42.85 -1.18
N GLN L 235 -7.09 42.83 -0.70
CA GLN L 235 -6.18 41.71 -0.92
C GLN L 235 -6.08 40.87 0.36
N VAL L 236 -6.44 39.59 0.25
CA VAL L 236 -6.44 38.69 1.40
C VAL L 236 -6.29 37.28 0.86
N ARG L 237 -5.79 36.38 1.72
CA ARG L 237 -5.74 34.96 1.39
C ARG L 237 -7.14 34.40 1.15
N GLY L 238 -7.23 33.50 0.16
CA GLY L 238 -8.47 32.86 -0.23
C GLY L 238 -9.24 33.57 -1.34
N LEU L 239 -8.75 34.71 -1.82
CA LEU L 239 -9.47 35.42 -2.88
C LEU L 239 -9.65 34.56 -4.12
N LYS L 240 -8.70 33.66 -4.40
CA LYS L 240 -8.88 32.70 -5.49
C LYS L 240 -10.15 31.88 -5.34
N ARG L 241 -10.57 31.60 -4.11
CA ARG L 241 -11.84 30.90 -3.90
C ARG L 241 -13.03 31.75 -4.33
N LEU L 242 -12.94 33.07 -4.16
CA LEU L 242 -13.96 33.98 -4.68
C LEU L 242 -13.92 34.06 -6.20
N ASP L 243 -12.73 34.05 -6.80
CA ASP L 243 -12.65 33.96 -8.25
C ASP L 243 -13.33 32.70 -8.77
N ASN L 244 -13.02 31.56 -8.17
CA ASN L 244 -13.65 30.31 -8.58
C ASN L 244 -15.16 30.33 -8.40
N TYR L 245 -15.65 30.91 -7.30
CA TYR L 245 -17.08 31.04 -7.11
C TYR L 245 -17.72 31.91 -8.19
N CYS L 246 -17.10 33.05 -8.50
CA CYS L 246 -17.60 33.89 -9.58
C CYS L 246 -17.61 33.14 -10.92
N LYS L 247 -16.56 32.38 -11.22
CA LYS L 247 -16.53 31.59 -12.45
C LYS L 247 -17.68 30.59 -12.51
N GLN L 248 -17.92 29.88 -11.42
CA GLN L 248 -19.05 28.95 -11.37
C GLN L 248 -20.38 29.68 -11.52
N PHE L 249 -20.54 30.82 -10.87
CA PHE L 249 -21.73 31.64 -11.05
C PHE L 249 -21.92 32.06 -12.51
N ILE L 250 -20.85 32.50 -13.16
CA ILE L 250 -20.92 32.90 -14.57
C ILE L 250 -21.38 31.73 -15.43
N ILE L 251 -20.83 30.54 -15.19
CA ILE L 251 -21.24 29.37 -15.97
C ILE L 251 -22.70 29.00 -15.70
N GLU L 252 -23.13 29.03 -14.44
CA GLU L 252 -24.53 28.81 -14.12
C GLU L 252 -25.46 29.80 -14.80
N ASP L 253 -25.13 31.09 -14.75
CA ASP L 253 -25.95 32.11 -15.37
C ASP L 253 -26.00 32.00 -16.88
N GLN L 254 -24.86 31.66 -17.51
CA GLN L 254 -24.87 31.43 -18.95
C GLN L 254 -25.78 30.27 -19.34
N GLN L 255 -25.74 29.16 -18.60
CA GLN L 255 -26.65 28.06 -18.89
C GLN L 255 -28.11 28.43 -18.61
N VAL L 256 -28.37 29.19 -17.56
CA VAL L 256 -29.74 29.59 -17.23
C VAL L 256 -30.26 30.65 -18.20
N ARG L 257 -29.53 31.75 -18.36
CA ARG L 257 -30.02 32.82 -19.23
C ARG L 257 -29.82 32.53 -20.72
N LEU L 258 -28.58 32.21 -21.12
CA LEU L 258 -28.26 32.17 -22.54
C LEU L 258 -28.79 30.92 -23.23
N ASP L 259 -28.53 29.74 -22.67
CA ASP L 259 -28.58 28.52 -23.44
C ASP L 259 -29.97 28.27 -24.01
N PRO L 260 -30.15 28.33 -25.34
CA PRO L 260 -31.48 28.17 -25.93
C PRO L 260 -32.03 26.75 -25.82
N TYR L 261 -31.21 25.77 -25.45
CA TYR L 261 -31.66 24.41 -25.24
C TYR L 261 -32.08 24.15 -23.80
N VAL L 262 -31.96 25.14 -22.91
CA VAL L 262 -32.37 24.94 -21.53
C VAL L 262 -33.88 24.72 -21.48
N THR L 263 -34.31 23.75 -20.70
CA THR L 263 -35.73 23.41 -20.56
C THR L 263 -36.32 24.07 -19.32
N ALA L 264 -37.65 24.12 -19.30
CA ALA L 264 -38.37 24.67 -18.15
C ALA L 264 -38.05 23.92 -16.86
N GLU L 265 -38.08 22.59 -16.90
CA GLU L 265 -37.75 21.80 -15.72
C GLU L 265 -36.26 21.88 -15.38
N ASP L 266 -35.39 22.07 -16.37
CA ASP L 266 -33.98 22.34 -16.07
C ASP L 266 -33.82 23.68 -15.35
N ILE L 267 -34.61 24.68 -15.74
CA ILE L 267 -34.63 25.95 -15.00
C ILE L 267 -35.12 25.75 -13.57
N GLU L 268 -36.17 24.96 -13.39
CA GLU L 268 -36.64 24.64 -12.04
C GLU L 268 -35.59 23.90 -11.23
N ILE L 269 -34.88 22.96 -11.84
CA ILE L 269 -33.79 22.27 -11.14
C ILE L 269 -32.67 23.23 -10.75
N MET L 270 -32.30 24.13 -11.66
CA MET L 270 -31.26 25.11 -11.34
C MET L 270 -31.67 26.12 -10.27
N ASP L 271 -32.96 26.43 -10.17
CA ASP L 271 -33.45 27.22 -9.04
C ASP L 271 -33.55 26.42 -7.74
N MET L 272 -33.94 25.15 -7.84
CA MET L 272 -33.96 24.27 -6.68
C MET L 272 -32.56 24.05 -6.10
N GLU L 273 -31.55 23.96 -6.95
CA GLU L 273 -30.17 23.84 -6.48
C GLU L 273 -29.78 24.95 -5.53
N ARG L 274 -30.27 26.17 -5.74
CA ARG L 274 -29.99 27.25 -4.80
C ARG L 274 -30.49 26.89 -3.40
N GLU L 275 -31.73 26.40 -3.31
CA GLU L 275 -32.27 25.97 -2.04
C GLU L 275 -31.48 24.79 -1.47
N ARG L 276 -31.16 23.82 -2.31
CA ARG L 276 -30.42 22.64 -1.86
C ARG L 276 -29.09 23.00 -1.23
N ARG L 277 -28.33 23.90 -1.87
CA ARG L 277 -27.06 24.33 -1.26
C ARG L 277 -27.27 25.21 -0.03
N LEU L 278 -28.17 26.19 -0.08
CA LEU L 278 -28.37 27.08 1.06
C LEU L 278 -28.93 26.35 2.29
N ASP L 279 -29.80 25.37 2.10
CA ASP L 279 -30.38 24.60 3.20
C ASP L 279 -29.34 23.85 4.02
N GLU L 280 -28.16 23.56 3.47
CA GLU L 280 -27.07 23.05 4.29
C GLU L 280 -26.45 24.16 5.15
N PHE L 281 -26.00 25.25 4.52
CA PHE L 281 -25.30 26.29 5.25
C PHE L 281 -26.17 26.94 6.32
N GLU L 282 -27.50 26.88 6.17
CA GLU L 282 -28.40 27.39 7.20
C GLU L 282 -28.39 26.56 8.47
N GLU L 283 -27.86 25.33 8.44
CA GLU L 283 -27.67 24.57 9.67
C GLU L 283 -26.41 24.98 10.44
N PHE L 284 -25.35 25.38 9.74
CA PHE L 284 -24.02 25.42 10.34
C PHE L 284 -23.86 26.52 11.38
N HIS L 285 -24.79 27.46 11.48
CA HIS L 285 -24.79 28.47 12.52
C HIS L 285 -25.65 28.11 13.74
N VAL L 286 -26.18 26.90 13.82
CA VAL L 286 -26.98 26.47 14.96
C VAL L 286 -26.12 25.59 15.87
N PRO L 287 -25.97 25.93 17.14
CA PRO L 287 -25.23 25.07 18.08
C PRO L 287 -25.86 23.69 18.22
N GLU L 288 -25.01 22.66 18.31
CA GLU L 288 -25.46 21.31 18.58
C GLU L 288 -25.10 20.82 19.98
N ARG L 289 -23.89 21.11 20.48
CA ARG L 289 -23.59 21.02 21.89
C ARG L 289 -22.49 22.01 22.25
N ILE L 290 -22.49 22.44 23.51
CA ILE L 290 -21.33 23.07 24.11
C ILE L 290 -20.35 22.00 24.59
N ILE L 291 -19.08 22.17 24.25
CA ILE L 291 -18.05 21.20 24.60
C ILE L 291 -17.38 21.56 25.93
N ASP L 292 -17.02 22.83 26.10
CA ASP L 292 -16.21 23.25 27.24
C ASP L 292 -16.39 24.75 27.42
N SER L 293 -15.93 25.26 28.55
CA SER L 293 -15.94 26.69 28.83
C SER L 293 -14.56 27.16 29.27
N GLN L 294 -14.28 28.42 28.96
CA GLN L 294 -13.05 29.07 29.43
C GLN L 294 -13.37 30.52 29.75
N ARG L 295 -12.46 31.16 30.48
CA ARG L 295 -12.42 32.62 30.56
C ARG L 295 -11.21 33.13 29.80
N ALA L 296 -11.46 33.93 28.77
CA ALA L 296 -10.40 34.49 27.94
C ALA L 296 -10.05 35.88 28.47
N SER L 297 -8.78 36.10 28.79
CA SER L 297 -8.31 37.42 29.15
C SER L 297 -8.19 38.31 27.91
N LEU L 298 -8.81 39.49 27.97
CA LEU L 298 -8.72 40.45 26.88
C LEU L 298 -7.52 41.38 27.11
N GLU L 299 -7.08 42.02 26.02
CA GLU L 299 -6.10 43.09 26.14
C GLU L 299 -6.62 44.23 26.99
N ASP L 300 -7.95 44.39 27.06
CA ASP L 300 -8.57 45.31 28.01
C ASP L 300 -8.35 44.91 29.46
N GLY L 301 -7.77 43.74 29.72
CA GLY L 301 -7.52 43.30 31.07
C GLY L 301 -8.72 42.68 31.78
N THR L 302 -9.92 42.89 31.25
CA THR L 302 -11.09 42.13 31.66
C THR L 302 -11.02 40.72 31.05
N SER L 303 -11.98 39.88 31.42
CA SER L 303 -12.07 38.54 30.83
C SER L 303 -13.51 38.24 30.44
N GLN L 304 -13.65 37.47 29.38
CA GLN L 304 -14.94 37.07 28.82
C GLN L 304 -15.12 35.57 29.01
N LEU L 305 -16.29 35.17 29.51
CA LEU L 305 -16.65 33.77 29.49
C LEU L 305 -16.97 33.32 28.07
N GLN L 306 -16.32 32.24 27.63
CA GLN L 306 -16.49 31.70 26.30
C GLN L 306 -16.86 30.23 26.37
N TYR L 307 -17.66 29.80 25.39
CA TYR L 307 -18.07 28.41 25.24
C TYR L 307 -17.51 27.88 23.93
N LEU L 308 -16.88 26.71 23.99
CA LEU L 308 -16.48 25.99 22.80
C LEU L 308 -17.69 25.26 22.23
N VAL L 309 -18.16 25.72 21.08
CA VAL L 309 -19.38 25.25 20.47
C VAL L 309 -19.03 24.33 19.30
N LYS L 310 -19.72 23.21 19.22
CA LYS L 310 -19.77 22.39 18.02
C LYS L 310 -21.09 22.66 17.31
N TRP L 311 -21.01 23.01 16.04
CA TRP L 311 -22.17 23.40 15.26
C TRP L 311 -22.86 22.16 14.68
N ARG L 312 -24.14 22.30 14.39
CA ARG L 312 -24.88 21.22 13.74
C ARG L 312 -24.24 20.83 12.41
N ARG L 313 -24.22 19.52 12.15
CA ARG L 313 -23.72 18.93 10.91
C ARG L 313 -22.24 19.26 10.66
N LEU L 314 -21.52 19.69 11.70
CA LEU L 314 -20.08 19.89 11.59
C LEU L 314 -19.36 18.96 12.55
N ASN L 315 -18.13 18.62 12.20
CA ASN L 315 -17.26 17.84 13.07
C ASN L 315 -16.79 18.66 14.26
N TYR L 316 -15.91 18.07 15.07
CA TYR L 316 -15.31 18.77 16.20
C TYR L 316 -14.12 19.64 15.80
N ASP L 317 -13.57 19.46 14.61
CA ASP L 317 -12.82 20.54 13.98
C ASP L 317 -13.81 21.52 13.40
N GLU L 318 -13.42 22.79 13.35
CA GLU L 318 -14.37 23.89 13.20
C GLU L 318 -15.39 23.95 14.34
N ALA L 319 -15.10 23.32 15.48
CA ALA L 319 -15.64 23.80 16.74
C ALA L 319 -14.93 25.07 17.16
N THR L 320 -15.70 26.04 17.64
CA THR L 320 -15.20 27.41 17.81
C THR L 320 -15.57 27.95 19.18
N TRP L 321 -14.62 28.65 19.80
CA TRP L 321 -14.92 29.48 20.95
C TRP L 321 -15.87 30.62 20.59
N GLU L 322 -16.88 30.84 21.41
CA GLU L 322 -17.89 31.87 21.17
C GLU L 322 -18.21 32.57 22.48
N ASN L 323 -18.69 33.81 22.36
CA ASN L 323 -19.11 34.59 23.52
C ASN L 323 -20.29 33.93 24.21
N ALA L 324 -20.08 33.50 25.45
CA ALA L 324 -21.13 32.77 26.17
C ALA L 324 -22.40 33.61 26.29
N THR L 325 -22.25 34.92 26.45
CA THR L 325 -23.42 35.80 26.56
C THR L 325 -24.20 35.88 25.27
N ASP L 326 -23.58 35.53 24.15
CA ASP L 326 -24.29 35.38 22.88
C ASP L 326 -24.91 34.00 22.73
N ILE L 327 -24.13 32.94 23.00
CA ILE L 327 -24.62 31.59 22.84
C ILE L 327 -25.82 31.32 23.74
N VAL L 328 -25.82 31.88 24.96
CA VAL L 328 -26.96 31.71 25.85
C VAL L 328 -28.22 32.34 25.29
N LYS L 329 -28.10 33.40 24.50
CA LYS L 329 -29.27 33.97 23.83
C LYS L 329 -29.65 33.16 22.61
N LEU L 330 -28.64 32.65 21.89
CA LEU L 330 -28.87 31.88 20.68
C LEU L 330 -29.48 30.51 20.98
N ALA L 331 -28.98 29.81 21.99
CA ALA L 331 -29.30 28.39 22.17
C ALA L 331 -29.37 28.04 23.66
N PRO L 332 -30.39 28.55 24.36
CA PRO L 332 -30.46 28.35 25.81
C PRO L 332 -30.43 26.89 26.22
N GLU L 333 -31.20 26.05 25.52
CA GLU L 333 -31.36 24.65 25.91
C GLU L 333 -30.03 23.91 25.88
N GLN L 334 -29.20 24.20 24.87
CA GLN L 334 -27.91 23.53 24.78
C GLN L 334 -26.98 23.93 25.94
N VAL L 335 -27.08 25.17 26.40
CA VAL L 335 -26.32 25.59 27.58
C VAL L 335 -26.85 24.90 28.83
N LYS L 336 -28.17 24.76 28.95
CA LYS L 336 -28.71 23.99 30.07
C LYS L 336 -28.22 22.54 30.05
N HIS L 337 -28.19 21.93 28.87
CA HIS L 337 -27.67 20.57 28.75
C HIS L 337 -26.20 20.49 29.15
N PHE L 338 -25.41 21.48 28.75
CA PHE L 338 -24.01 21.53 29.14
C PHE L 338 -23.84 21.66 30.65
N GLN L 339 -24.62 22.54 31.28
CA GLN L 339 -24.60 22.66 32.73
C GLN L 339 -25.00 21.36 33.42
N ASN L 340 -26.01 20.68 32.90
CA ASN L 340 -26.39 19.37 33.45
C ASN L 340 -25.27 18.36 33.33
N ARG L 341 -24.60 18.32 32.18
CA ARG L 341 -23.46 17.42 31.98
C ARG L 341 -22.32 17.75 32.93
N GLU L 342 -22.11 19.02 33.24
CA GLU L 342 -21.11 19.39 34.23
C GLU L 342 -21.53 19.00 35.63
N ASN L 343 -22.82 19.16 35.96
CA ASN L 343 -23.36 18.74 37.25
C ASN L 343 -23.81 17.28 37.25
N SER L 344 -23.20 16.44 36.43
CA SER L 344 -23.74 15.10 36.18
C SER L 344 -23.66 14.23 37.43
N LYS L 345 -24.78 13.59 37.76
CA LYS L 345 -24.91 12.64 38.85
C LYS L 345 -24.50 11.21 38.47
N ILE L 346 -24.12 10.97 37.22
CA ILE L 346 -23.90 9.64 36.70
C ILE L 346 -22.52 9.51 36.05
N LEU L 347 -21.54 10.19 36.62
CA LEU L 347 -20.21 10.19 36.05
C LEU L 347 -19.48 8.88 36.34
N PRO L 348 -18.85 8.24 35.33
CA PRO L 348 -18.23 6.93 35.50
C PRO L 348 -17.40 6.65 36.76
N GLN L 349 -16.77 7.67 37.33
CA GLN L 349 -16.00 7.45 38.56
C GLN L 349 -16.86 7.08 39.76
N TYR L 350 -18.16 7.34 39.72
CA TYR L 350 -19.06 6.92 40.79
C TYR L 350 -19.71 5.57 40.51
N SER L 351 -19.22 4.85 39.50
CA SER L 351 -19.79 3.56 39.15
C SER L 351 -19.75 2.58 40.32
N SER L 352 -20.83 1.82 40.48
CA SER L 352 -20.87 0.69 41.38
C SER L 352 -19.91 -0.41 40.92
N ASN L 353 -19.42 -1.20 41.88
CA ASN L 353 -18.43 -2.25 41.62
C ASN L 353 -18.92 -3.60 42.16
N TYR L 354 -19.84 -4.23 41.43
CA TYR L 354 -20.29 -5.58 41.75
C TYR L 354 -19.26 -6.61 41.30
N THR L 355 -18.01 -6.47 41.76
CA THR L 355 -16.92 -7.31 41.27
C THR L 355 -17.10 -8.77 41.66
N SER L 356 -17.66 -9.03 42.85
CA SER L 356 -17.83 -10.40 43.30
C SER L 356 -19.08 -11.04 42.71
N GLN L 357 -20.25 -10.47 42.97
CA GLN L 357 -21.49 -11.01 42.43
C GLN L 357 -22.48 -9.88 42.23
N ARG L 358 -23.17 -9.92 41.10
CA ARG L 358 -24.16 -8.93 40.74
C ARG L 358 -25.51 -9.21 41.40
N PRO L 359 -26.28 -8.17 41.72
CA PRO L 359 -27.58 -8.38 42.36
C PRO L 359 -28.57 -9.11 41.48
N ARG L 360 -29.42 -9.90 42.13
CA ARG L 360 -30.45 -10.65 41.42
C ARG L 360 -31.45 -9.71 40.77
N PHE L 361 -32.16 -10.22 39.77
CA PHE L 361 -33.01 -9.42 38.90
C PHE L 361 -34.42 -9.98 38.92
N GLU L 362 -35.39 -9.09 39.12
CA GLU L 362 -36.81 -9.40 38.95
C GLU L 362 -37.31 -8.80 37.65
N LYS L 363 -38.11 -9.57 36.91
CA LYS L 363 -38.67 -9.09 35.66
C LYS L 363 -39.37 -7.76 35.82
N LEU L 364 -39.07 -6.83 34.91
CA LEU L 364 -39.79 -5.57 34.80
C LEU L 364 -41.19 -5.82 34.24
N SER L 365 -42.20 -5.35 34.96
CA SER L 365 -43.58 -5.46 34.47
C SER L 365 -43.92 -4.32 33.51
N VAL L 366 -43.32 -3.15 33.72
CA VAL L 366 -43.52 -1.99 32.86
C VAL L 366 -42.20 -1.26 32.75
N GLN L 367 -42.07 -0.45 31.70
CA GLN L 367 -40.78 0.18 31.43
C GLN L 367 -40.41 1.11 32.58
N PRO L 368 -39.15 1.14 32.99
CA PRO L 368 -38.71 2.06 34.04
C PRO L 368 -39.04 3.51 33.70
N PRO L 369 -39.26 4.35 34.72
CA PRO L 369 -39.66 5.74 34.46
C PRO L 369 -38.59 6.57 33.79
N PHE L 370 -37.32 6.17 33.86
CA PHE L 370 -36.23 6.91 33.23
C PHE L 370 -36.16 6.72 31.73
N ILE L 371 -36.93 5.80 31.16
CA ILE L 371 -36.99 5.63 29.71
C ILE L 371 -37.97 6.68 29.19
N LYS L 372 -37.42 7.75 28.60
CA LYS L 372 -38.12 9.00 28.40
C LYS L 372 -38.90 9.07 27.09
N GLY L 373 -38.34 8.54 26.00
CA GLY L 373 -38.72 9.02 24.68
C GLY L 373 -40.11 8.59 24.26
N GLY L 374 -40.57 7.46 24.78
CA GLY L 374 -41.81 6.88 24.29
C GLY L 374 -42.10 5.60 25.03
N GLU L 375 -42.98 4.79 24.46
CA GLU L 375 -43.39 3.53 25.07
C GLU L 375 -42.73 2.37 24.34
N LEU L 376 -42.03 1.53 25.10
CA LEU L 376 -41.57 0.25 24.61
C LEU L 376 -42.74 -0.70 24.38
N ARG L 377 -42.59 -1.57 23.39
CA ARG L 377 -43.57 -2.62 23.19
C ARG L 377 -43.25 -3.82 24.09
N ASP L 378 -44.27 -4.64 24.32
CA ASP L 378 -44.15 -5.78 25.22
C ASP L 378 -43.00 -6.71 24.84
N PHE L 379 -42.79 -6.95 23.54
CA PHE L 379 -41.64 -7.76 23.14
C PHE L 379 -40.32 -7.05 23.39
N GLN L 380 -40.33 -5.72 23.39
CA GLN L 380 -39.10 -4.98 23.70
C GLN L 380 -38.80 -5.00 25.20
N LEU L 381 -39.84 -4.85 26.04
CA LEU L 381 -39.65 -5.14 27.46
C LEU L 381 -39.14 -6.56 27.68
N THR L 382 -39.69 -7.54 26.97
CA THR L 382 -39.20 -8.91 27.12
C THR L 382 -37.74 -9.03 26.73
N GLY L 383 -37.32 -8.33 25.68
CA GLY L 383 -35.92 -8.35 25.29
C GLY L 383 -35.01 -7.71 26.33
N ILE L 384 -35.42 -6.56 26.86
CA ILE L 384 -34.65 -5.91 27.93
C ILE L 384 -34.57 -6.80 29.16
N ASN L 385 -35.68 -7.44 29.51
CA ASN L 385 -35.67 -8.40 30.63
C ASN L 385 -34.68 -9.53 30.38
N TRP L 386 -34.65 -10.07 29.17
CA TRP L 386 -33.69 -11.14 28.86
C TRP L 386 -32.25 -10.65 28.92
N MET L 387 -31.99 -9.46 28.38
CA MET L 387 -30.65 -8.89 28.45
C MET L 387 -30.20 -8.66 29.88
N ALA L 388 -31.07 -8.09 30.71
CA ALA L 388 -30.76 -7.88 32.13
C ALA L 388 -30.54 -9.19 32.86
N PHE L 389 -31.36 -10.21 32.58
CA PHE L 389 -31.17 -11.52 33.18
C PHE L 389 -29.80 -12.10 32.82
N LEU L 390 -29.45 -12.09 31.54
CA LEU L 390 -28.12 -12.57 31.15
C LEU L 390 -27.01 -11.77 31.81
N TRP L 391 -27.14 -10.45 31.87
CA TRP L 391 -26.13 -9.64 32.52
C TRP L 391 -25.97 -10.01 34.00
N SER L 392 -27.07 -10.28 34.69
CA SER L 392 -26.99 -10.65 36.10
C SER L 392 -26.24 -11.96 36.29
N LYS L 393 -26.47 -12.94 35.40
CA LYS L 393 -25.66 -14.16 35.44
C LYS L 393 -24.23 -13.93 34.96
N GLY L 394 -23.96 -12.80 34.31
CA GLY L 394 -22.64 -12.57 33.73
C GLY L 394 -22.47 -13.12 32.34
N ASP L 395 -23.55 -13.37 31.60
CA ASP L 395 -23.48 -14.01 30.30
C ASP L 395 -23.63 -12.99 29.18
N ASN L 396 -22.79 -13.13 28.16
CA ASN L 396 -22.92 -12.42 26.91
C ASN L 396 -23.94 -13.13 26.02
N GLY L 397 -24.50 -12.37 25.06
CA GLY L 397 -25.50 -12.95 24.18
C GLY L 397 -25.68 -12.15 22.91
N ILE L 398 -26.67 -12.57 22.12
CA ILE L 398 -26.98 -11.98 20.83
C ILE L 398 -28.42 -11.51 20.83
N LEU L 399 -28.63 -10.25 20.47
CA LEU L 399 -29.92 -9.78 20.01
C LEU L 399 -30.07 -10.16 18.55
N ALA L 400 -30.94 -11.14 18.27
CA ALA L 400 -31.10 -11.70 16.95
C ALA L 400 -32.47 -11.40 16.35
N ASP L 401 -33.24 -10.51 16.96
CA ASP L 401 -34.56 -10.19 16.45
C ASP L 401 -34.52 -9.88 14.96
N GLU L 402 -35.55 -10.34 14.24
CA GLU L 402 -35.66 -10.10 12.82
C GLU L 402 -35.53 -8.61 12.52
N MET L 403 -34.96 -8.30 11.36
CA MET L 403 -34.54 -6.94 11.06
C MET L 403 -35.72 -5.97 11.16
N GLY L 404 -35.48 -4.84 11.80
CA GLY L 404 -36.50 -3.82 11.93
C GLY L 404 -37.54 -4.08 13.00
N LEU L 405 -37.13 -4.63 14.15
CA LEU L 405 -37.99 -4.81 15.31
C LEU L 405 -37.57 -3.98 16.51
N GLY L 406 -36.69 -3.00 16.32
CA GLY L 406 -36.28 -2.11 17.41
C GLY L 406 -35.16 -2.66 18.25
N LYS L 407 -34.18 -3.31 17.63
CA LYS L 407 -32.97 -3.69 18.34
C LYS L 407 -32.16 -2.49 18.81
N THR L 408 -32.18 -1.40 18.03
CA THR L 408 -31.54 -0.16 18.49
C THR L 408 -32.23 0.40 19.71
N VAL L 409 -33.56 0.49 19.68
CA VAL L 409 -34.33 0.96 20.84
C VAL L 409 -34.09 0.06 22.04
N GLN L 410 -34.15 -1.26 21.83
CA GLN L 410 -33.86 -2.19 22.92
C GLN L 410 -32.46 -2.03 23.48
N THR L 411 -31.47 -1.75 22.62
CA THR L 411 -30.11 -1.56 23.12
C THR L 411 -29.97 -0.28 23.94
N VAL L 412 -30.54 0.81 23.44
CA VAL L 412 -30.50 2.07 24.18
C VAL L 412 -31.22 1.94 25.51
N ALA L 413 -32.40 1.31 25.50
CA ALA L 413 -33.14 1.08 26.73
C ALA L 413 -32.40 0.18 27.71
N PHE L 414 -31.73 -0.86 27.22
CA PHE L 414 -30.92 -1.69 28.10
C PHE L 414 -29.76 -0.92 28.72
N ILE L 415 -29.02 -0.15 27.92
CA ILE L 415 -27.92 0.62 28.49
C ILE L 415 -28.43 1.66 29.49
N SER L 416 -29.57 2.29 29.20
CA SER L 416 -30.20 3.20 30.14
C SER L 416 -30.58 2.49 31.44
N TRP L 417 -31.23 1.33 31.35
CA TRP L 417 -31.52 0.54 32.55
C TRP L 417 -30.25 0.18 33.31
N LEU L 418 -29.22 -0.25 32.61
CA LEU L 418 -27.99 -0.64 33.29
C LEU L 418 -27.38 0.52 34.07
N ILE L 419 -27.44 1.72 33.49
CA ILE L 419 -26.90 2.90 34.17
C ILE L 419 -27.79 3.34 35.34
N PHE L 420 -29.07 3.55 35.10
CA PHE L 420 -29.90 4.07 36.19
C PHE L 420 -30.20 3.02 37.24
N ALA L 421 -30.67 1.83 36.85
CA ALA L 421 -31.02 0.83 37.84
C ALA L 421 -29.78 0.20 38.49
N ARG L 422 -28.80 -0.26 37.71
CA ARG L 422 -27.63 -0.85 38.34
C ARG L 422 -26.65 0.20 38.87
N ARG L 423 -26.61 1.38 38.27
CA ARG L 423 -25.55 2.35 38.51
C ARG L 423 -24.21 1.87 37.97
N GLN L 424 -24.26 0.99 36.97
CA GLN L 424 -23.12 0.73 36.10
C GLN L 424 -23.07 1.80 35.01
N ASN L 425 -23.07 3.07 35.40
CA ASN L 425 -22.45 4.08 34.57
C ASN L 425 -20.95 3.82 34.46
N GLY L 426 -20.39 4.22 33.34
CA GLY L 426 -19.05 3.81 32.97
C GLY L 426 -18.94 3.86 31.46
N PRO L 427 -17.71 3.84 30.95
CA PRO L 427 -17.56 3.89 29.50
C PRO L 427 -18.15 2.66 28.83
N HIS L 428 -19.24 2.86 28.10
CA HIS L 428 -19.83 1.85 27.25
C HIS L 428 -19.51 2.21 25.81
N ILE L 429 -19.03 1.25 25.03
CA ILE L 429 -18.72 1.48 23.63
C ILE L 429 -19.76 0.76 22.78
N ILE L 430 -20.23 1.45 21.74
CA ILE L 430 -21.15 0.89 20.76
C ILE L 430 -20.53 1.11 19.39
N VAL L 431 -20.22 0.01 18.70
CA VAL L 431 -19.54 0.08 17.41
C VAL L 431 -20.55 -0.31 16.33
N VAL L 432 -20.61 0.52 15.28
CA VAL L 432 -21.81 0.69 14.47
C VAL L 432 -21.41 0.88 13.02
N PRO L 433 -22.25 0.43 12.09
CA PRO L 433 -21.97 0.71 10.67
C PRO L 433 -22.24 2.17 10.32
N LEU L 434 -21.32 2.75 9.54
CA LEU L 434 -21.26 4.20 9.34
C LEU L 434 -22.63 4.79 9.00
N SER L 435 -23.34 4.18 8.04
CA SER L 435 -24.60 4.74 7.57
C SER L 435 -25.66 4.84 8.65
N THR L 436 -25.45 4.24 9.81
CA THR L 436 -26.46 4.21 10.87
C THR L 436 -26.05 5.03 12.08
N MET L 437 -24.85 5.62 12.08
CA MET L 437 -24.47 6.51 13.17
C MET L 437 -25.51 7.57 13.51
N PRO L 438 -26.10 8.30 12.56
CA PRO L 438 -27.18 9.23 12.92
C PRO L 438 -28.36 8.61 13.65
N ALA L 439 -28.86 7.47 13.17
CA ALA L 439 -30.05 6.86 13.77
C ALA L 439 -29.77 6.38 15.18
N TRP L 440 -28.58 5.83 15.42
CA TRP L 440 -28.22 5.49 16.79
C TRP L 440 -28.22 6.75 17.67
N LEU L 441 -27.55 7.80 17.22
CA LEU L 441 -27.42 9.00 18.04
C LEU L 441 -28.76 9.69 18.27
N ASP L 442 -29.61 9.74 17.25
CA ASP L 442 -30.95 10.27 17.43
C ASP L 442 -31.79 9.41 18.36
N THR L 443 -31.50 8.12 18.46
CA THR L 443 -32.21 7.31 19.43
C THR L 443 -31.80 7.67 20.86
N PHE L 444 -30.51 7.83 21.10
CA PHE L 444 -30.05 8.29 22.41
C PHE L 444 -30.67 9.63 22.76
N GLU L 445 -30.64 10.58 21.84
CA GLU L 445 -31.21 11.89 22.12
C GLU L 445 -32.70 11.81 22.45
N LYS L 446 -33.44 10.86 21.86
CA LYS L 446 -34.85 10.73 22.25
C LYS L 446 -35.05 9.87 23.49
N TRP L 447 -34.50 8.66 23.51
CA TRP L 447 -34.87 7.68 24.52
C TRP L 447 -34.09 7.80 25.82
N ALA L 448 -32.89 8.36 25.79
CA ALA L 448 -32.04 8.43 26.98
C ALA L 448 -31.29 9.76 27.00
N PRO L 449 -32.03 10.88 27.02
CA PRO L 449 -31.39 12.18 26.81
C PRO L 449 -30.45 12.59 27.94
N ASP L 450 -30.55 11.95 29.11
CA ASP L 450 -29.68 12.27 30.23
C ASP L 450 -28.26 11.74 30.06
N LEU L 451 -28.05 10.79 29.15
CA LEU L 451 -26.73 10.20 28.95
C LEU L 451 -25.84 11.16 28.17
N ASN L 452 -24.60 11.33 28.65
CA ASN L 452 -23.54 11.99 27.89
C ASN L 452 -23.02 11.03 26.84
N CYS L 453 -23.60 11.09 25.65
CA CYS L 453 -23.24 10.23 24.53
C CYS L 453 -22.42 11.00 23.51
N ILE L 454 -21.26 10.44 23.16
CA ILE L 454 -20.29 11.06 22.27
C ILE L 454 -20.24 10.21 21.02
N CYS L 455 -20.12 10.85 19.86
CA CYS L 455 -19.89 10.14 18.61
C CYS L 455 -18.48 10.41 18.13
N TYR L 456 -17.70 9.34 17.96
CA TYR L 456 -16.28 9.40 17.67
C TYR L 456 -16.10 9.16 16.18
N MET L 457 -15.92 10.23 15.41
CA MET L 457 -15.79 10.12 13.96
C MET L 457 -15.13 11.39 13.43
N GLY L 458 -14.76 11.33 12.16
CA GLY L 458 -14.16 12.46 11.47
C GLY L 458 -12.65 12.38 11.41
N ASN L 459 -12.09 13.39 10.75
CA ASN L 459 -10.66 13.43 10.48
C ASN L 459 -9.86 13.45 11.77
N GLN L 460 -8.55 13.23 11.62
CA GLN L 460 -7.63 13.13 12.75
C GLN L 460 -7.79 14.29 13.72
N LYS L 461 -7.81 15.52 13.22
CA LYS L 461 -7.98 16.68 14.09
C LYS L 461 -9.31 16.68 14.83
N SER L 462 -10.39 16.28 14.17
CA SER L 462 -11.69 16.28 14.82
C SER L 462 -11.74 15.31 15.99
N ARG L 463 -11.31 14.07 15.78
CA ARG L 463 -11.34 13.11 16.87
C ARG L 463 -10.24 13.35 17.90
N ASP L 464 -9.09 13.90 17.51
CA ASP L 464 -8.14 14.39 18.51
C ASP L 464 -8.77 15.46 19.42
N THR L 465 -9.57 16.36 18.85
CA THR L 465 -10.31 17.32 19.66
C THR L 465 -11.33 16.64 20.57
N ILE L 466 -11.99 15.60 20.06
CA ILE L 466 -12.90 14.82 20.89
C ILE L 466 -12.15 14.22 22.08
N ARG L 467 -11.01 13.59 21.84
CA ARG L 467 -10.26 13.01 22.95
C ARG L 467 -9.82 14.10 23.92
N GLU L 468 -9.34 15.23 23.41
CA GLU L 468 -8.78 16.26 24.28
C GLU L 468 -9.83 16.89 25.21
N TYR L 469 -10.90 17.44 24.64
CA TYR L 469 -11.96 18.01 25.48
C TYR L 469 -12.94 16.98 26.06
N GLU L 470 -13.48 16.12 25.21
CA GLU L 470 -14.64 15.30 25.58
C GLU L 470 -14.33 14.11 26.49
N PHE L 471 -13.17 13.46 26.36
CA PHE L 471 -12.98 12.18 27.05
C PHE L 471 -12.82 12.35 28.56
N TYR L 472 -11.89 13.18 29.01
CA TYR L 472 -11.40 13.09 30.38
C TYR L 472 -11.87 14.27 31.21
N THR L 473 -12.18 13.99 32.48
CA THR L 473 -12.10 14.99 33.52
C THR L 473 -10.64 15.22 33.90
N ASN L 474 -10.22 16.47 33.91
CA ASN L 474 -8.82 16.82 34.10
C ASN L 474 -7.95 16.10 33.07
N PRO L 475 -8.03 16.50 31.80
CA PRO L 475 -7.25 15.80 30.76
C PRO L 475 -5.75 15.94 30.95
N ARG L 476 -5.30 16.95 31.69
CA ARG L 476 -3.89 17.17 31.98
C ARG L 476 -3.39 16.33 33.15
N ALA L 477 -4.26 15.64 33.87
CA ALA L 477 -3.80 14.74 34.91
C ALA L 477 -2.95 13.63 34.30
N LYS L 478 -2.06 13.08 35.11
CA LYS L 478 -0.97 12.23 34.64
C LYS L 478 -0.99 10.83 35.24
N GLY L 479 -2.09 10.44 35.88
CA GLY L 479 -2.21 9.08 36.38
C GLY L 479 -3.64 8.63 36.55
N LYS L 480 -3.92 7.41 36.07
CA LYS L 480 -5.24 6.79 36.14
C LYS L 480 -6.34 7.79 35.81
N LYS L 481 -6.16 8.49 34.68
CA LYS L 481 -7.19 9.39 34.17
C LYS L 481 -8.52 8.66 34.05
N THR L 482 -9.60 9.40 34.26
CA THR L 482 -10.94 8.81 34.31
C THR L 482 -11.89 9.62 33.44
N MET L 483 -13.00 8.98 33.07
CA MET L 483 -13.72 9.29 31.85
C MET L 483 -14.93 10.17 32.14
N LYS L 484 -15.14 11.17 31.28
CA LYS L 484 -16.24 12.10 31.40
C LYS L 484 -17.55 11.59 30.82
N PHE L 485 -17.51 10.57 29.96
CA PHE L 485 -18.63 10.22 29.09
C PHE L 485 -19.20 8.86 29.46
N ASN L 486 -20.50 8.69 29.23
CA ASN L 486 -21.16 7.42 29.47
C ASN L 486 -21.06 6.48 28.27
N VAL L 487 -21.30 6.98 27.06
CA VAL L 487 -21.36 6.13 25.87
C VAL L 487 -20.51 6.76 24.78
N LEU L 488 -19.70 5.93 24.11
CA LEU L 488 -18.99 6.28 22.89
C LEU L 488 -19.55 5.49 21.72
N LEU L 489 -20.11 6.18 20.73
CA LEU L 489 -20.46 5.59 19.45
C LEU L 489 -19.29 5.69 18.49
N THR L 490 -18.97 4.58 17.83
CA THR L 490 -17.82 4.56 16.93
C THR L 490 -18.12 3.67 15.74
N THR L 491 -17.61 4.06 14.58
CA THR L 491 -17.65 3.23 13.38
C THR L 491 -16.51 2.20 13.38
N TYR L 492 -16.75 1.06 12.74
CA TYR L 492 -15.72 0.04 12.64
C TYR L 492 -14.38 0.59 12.18
N GLU L 493 -14.38 1.58 11.29
CA GLU L 493 -13.12 2.08 10.76
C GLU L 493 -12.23 2.64 11.86
N TYR L 494 -12.83 3.31 12.85
CA TYR L 494 -12.06 3.98 13.90
C TYR L 494 -11.64 3.03 15.01
N ILE L 495 -12.31 1.89 15.17
CA ILE L 495 -11.79 0.84 16.03
C ILE L 495 -10.48 0.28 15.50
N LEU L 496 -10.24 0.41 14.20
CA LEU L 496 -8.95 0.08 13.62
C LEU L 496 -7.98 1.26 13.65
N LYS L 497 -8.44 2.45 13.27
CA LYS L 497 -7.54 3.60 13.23
C LYS L 497 -7.06 3.98 14.62
N ASP L 498 -7.95 3.99 15.61
CA ASP L 498 -7.64 4.45 16.96
C ASP L 498 -7.65 3.28 17.93
N ARG L 499 -7.10 2.15 17.48
CA ARG L 499 -7.09 0.94 18.30
C ARG L 499 -6.34 1.15 19.60
N ALA L 500 -5.20 1.85 19.55
CA ALA L 500 -4.43 2.11 20.77
C ALA L 500 -5.16 3.05 21.72
N GLU L 501 -5.77 4.12 21.19
CA GLU L 501 -6.45 5.09 22.04
C GLU L 501 -7.67 4.50 22.73
N LEU L 502 -8.52 3.79 21.98
CA LEU L 502 -9.72 3.18 22.56
C LEU L 502 -9.41 1.92 23.37
N GLY L 503 -8.43 1.12 22.95
CA GLY L 503 -8.10 -0.09 23.66
C GLY L 503 -7.50 0.14 25.04
N SER L 504 -7.03 1.36 25.31
CA SER L 504 -6.51 1.70 26.63
C SER L 504 -7.60 1.91 27.67
N ILE L 505 -8.84 2.07 27.27
CA ILE L 505 -9.93 2.41 28.18
C ILE L 505 -10.51 1.14 28.78
N LYS L 506 -10.91 1.24 30.05
CA LYS L 506 -11.56 0.15 30.80
C LYS L 506 -13.05 0.10 30.49
N TRP L 507 -13.37 -0.31 29.27
CA TRP L 507 -14.76 -0.34 28.83
C TRP L 507 -15.58 -1.27 29.72
N GLN L 508 -16.76 -0.81 30.12
CA GLN L 508 -17.67 -1.63 30.92
C GLN L 508 -18.60 -2.50 30.09
N PHE L 509 -19.10 -2.00 28.96
CA PHE L 509 -19.99 -2.76 28.11
C PHE L 509 -19.67 -2.45 26.65
N MET L 510 -19.70 -3.48 25.80
CA MET L 510 -19.56 -3.31 24.37
C MET L 510 -20.75 -3.93 23.63
N ALA L 511 -21.41 -3.13 22.81
CA ALA L 511 -22.40 -3.62 21.86
C ALA L 511 -21.85 -3.46 20.44
N VAL L 512 -22.01 -4.48 19.62
CA VAL L 512 -21.67 -4.44 18.20
C VAL L 512 -22.95 -4.56 17.38
N ASP L 513 -23.24 -3.53 16.59
CA ASP L 513 -24.35 -3.58 15.66
C ASP L 513 -23.93 -4.25 14.36
N GLU L 514 -24.88 -4.90 13.70
CA GLU L 514 -24.64 -5.75 12.53
C GLU L 514 -23.45 -6.67 12.77
N ALA L 515 -23.54 -7.41 13.88
CA ALA L 515 -22.42 -8.19 14.40
C ALA L 515 -21.84 -9.18 13.40
N HIS L 516 -22.63 -9.64 12.43
CA HIS L 516 -22.17 -10.65 11.48
C HIS L 516 -20.86 -10.30 10.77
N ARG L 517 -20.51 -9.01 10.65
CA ARG L 517 -19.17 -8.67 10.15
C ARG L 517 -18.04 -9.36 10.91
N LEU L 518 -18.23 -9.66 12.19
CA LEU L 518 -17.26 -10.40 12.98
C LEU L 518 -17.08 -11.84 12.52
N LYS L 519 -17.91 -12.33 11.60
CA LYS L 519 -17.96 -13.74 11.28
C LYS L 519 -16.62 -14.31 10.78
N ASN L 520 -15.71 -13.46 10.30
CA ASN L 520 -14.35 -13.91 9.99
C ASN L 520 -13.47 -13.66 11.20
N ALA L 521 -13.14 -14.74 11.91
CA ALA L 521 -12.31 -14.63 13.11
C ALA L 521 -10.88 -14.15 12.81
N GLU L 522 -10.43 -14.21 11.57
CA GLU L 522 -9.13 -13.70 11.19
C GLU L 522 -9.12 -12.21 10.86
N SER L 523 -10.28 -11.57 10.77
CA SER L 523 -10.35 -10.18 10.38
C SER L 523 -9.68 -9.27 11.42
N SER L 524 -9.11 -8.18 10.93
CA SER L 524 -8.43 -7.22 11.81
C SER L 524 -9.40 -6.55 12.77
N LEU L 525 -10.66 -6.39 12.36
CA LEU L 525 -11.70 -5.93 13.29
C LEU L 525 -11.86 -6.91 14.44
N TYR L 526 -11.93 -8.20 14.13
CA TYR L 526 -12.13 -9.21 15.17
C TYR L 526 -10.95 -9.21 16.15
N GLU L 527 -9.73 -9.22 15.63
CA GLU L 527 -8.54 -9.15 16.49
C GLU L 527 -8.53 -7.87 17.33
N SER L 528 -8.85 -6.74 16.73
CA SER L 528 -8.86 -5.47 17.45
C SER L 528 -9.89 -5.47 18.58
N LEU L 529 -11.15 -5.71 18.26
CA LEU L 529 -12.19 -5.69 19.28
C LEU L 529 -11.96 -6.75 20.35
N ASN L 530 -11.49 -7.93 19.95
CA ASN L 530 -11.26 -9.00 20.90
C ASN L 530 -10.12 -8.67 21.87
N SER L 531 -9.24 -7.74 21.51
CA SER L 531 -8.20 -7.29 22.43
C SER L 531 -8.67 -6.25 23.42
N PHE L 532 -9.86 -5.66 23.23
CA PHE L 532 -10.34 -4.65 24.17
C PHE L 532 -10.71 -5.29 25.49
N LYS L 533 -10.32 -4.61 26.58
CA LYS L 533 -10.55 -5.10 27.94
C LYS L 533 -11.96 -4.84 28.44
N VAL L 534 -12.97 -5.12 27.63
CA VAL L 534 -14.36 -4.87 28.01
C VAL L 534 -14.83 -5.94 28.96
N ALA L 535 -15.66 -5.54 29.94
CA ALA L 535 -16.17 -6.47 30.94
C ALA L 535 -17.32 -7.33 30.42
N ASN L 536 -18.13 -6.81 29.50
CA ASN L 536 -19.25 -7.55 28.97
C ASN L 536 -19.41 -7.20 27.50
N ARG L 537 -19.95 -8.14 26.73
CA ARG L 537 -20.09 -8.00 25.30
C ARG L 537 -21.53 -8.30 24.90
N MET L 538 -21.93 -7.75 23.77
CA MET L 538 -23.28 -7.88 23.26
C MET L 538 -23.23 -7.74 21.76
N LEU L 539 -23.90 -8.63 21.04
CA LEU L 539 -23.98 -8.58 19.60
C LEU L 539 -25.43 -8.34 19.17
N ILE L 540 -25.59 -7.48 18.17
CA ILE L 540 -26.89 -7.20 17.56
C ILE L 540 -26.78 -7.57 16.09
N THR L 541 -27.67 -8.45 15.65
CA THR L 541 -27.78 -8.75 14.23
C THR L 541 -29.06 -9.49 13.90
N GLY L 542 -29.81 -8.99 12.92
CA GLY L 542 -30.99 -9.70 12.45
C GLY L 542 -30.69 -10.94 11.65
N THR L 543 -29.45 -11.10 11.20
CA THR L 543 -29.04 -12.22 10.35
C THR L 543 -27.76 -12.82 10.92
N PRO L 544 -27.85 -13.64 11.96
CA PRO L 544 -26.65 -14.33 12.46
C PRO L 544 -26.23 -15.40 11.49
N LEU L 545 -25.88 -14.94 10.29
CA LEU L 545 -25.97 -15.71 9.05
C LEU L 545 -24.98 -16.88 9.09
N GLN L 546 -25.50 -18.09 9.13
CA GLN L 546 -24.67 -19.29 9.15
C GLN L 546 -24.22 -19.69 7.75
N ASN L 547 -23.75 -18.71 6.97
CA ASN L 547 -23.28 -18.96 5.62
C ASN L 547 -22.31 -20.13 5.58
N ASN L 548 -21.56 -20.34 6.66
CA ASN L 548 -21.09 -21.66 7.04
C ASN L 548 -21.06 -21.73 8.56
N ILE L 549 -20.94 -22.95 9.07
CA ILE L 549 -21.00 -23.14 10.52
C ILE L 549 -19.79 -22.53 11.23
N LYS L 550 -18.63 -22.54 10.56
CA LYS L 550 -17.44 -21.91 11.15
C LYS L 550 -17.65 -20.42 11.38
N GLU L 551 -18.43 -19.76 10.53
CA GLU L 551 -18.73 -18.35 10.71
C GLU L 551 -19.62 -18.09 11.92
N LEU L 552 -20.59 -18.96 12.20
CA LEU L 552 -21.30 -18.87 13.46
C LEU L 552 -20.40 -19.16 14.65
N ALA L 553 -19.52 -20.16 14.51
CA ALA L 553 -18.59 -20.49 15.57
C ALA L 553 -17.69 -19.32 15.93
N ALA L 554 -17.30 -18.51 14.94
CA ALA L 554 -16.51 -17.32 15.23
C ALA L 554 -17.28 -16.31 16.10
N LEU L 555 -18.57 -16.12 15.83
CA LEU L 555 -19.38 -15.26 16.69
C LEU L 555 -19.47 -15.80 18.11
N VAL L 556 -19.76 -17.10 18.23
CA VAL L 556 -19.93 -17.68 19.56
C VAL L 556 -18.63 -17.65 20.33
N ASN L 557 -17.50 -17.91 19.66
CA ASN L 557 -16.19 -17.75 20.30
C ASN L 557 -15.92 -16.31 20.70
N PHE L 558 -16.45 -15.34 19.95
CA PHE L 558 -16.27 -13.95 20.36
C PHE L 558 -17.05 -13.63 21.62
N LEU L 559 -18.26 -14.17 21.72
CA LEU L 559 -19.02 -14.02 22.96
C LEU L 559 -18.41 -14.81 24.11
N MET L 560 -17.93 -16.03 23.82
CA MET L 560 -17.54 -17.00 24.84
C MET L 560 -16.10 -17.40 24.61
N PRO L 561 -15.14 -16.55 24.98
CA PRO L 561 -13.73 -16.92 24.85
C PRO L 561 -13.37 -18.00 25.86
N GLY L 562 -12.83 -19.12 25.36
CA GLY L 562 -12.41 -20.21 26.21
C GLY L 562 -13.57 -20.91 26.89
N ARG L 563 -14.79 -20.66 26.45
CA ARG L 563 -16.00 -21.23 27.01
C ARG L 563 -16.91 -21.60 25.84
N PHE L 564 -17.60 -22.74 25.96
CA PHE L 564 -18.51 -23.17 24.91
C PHE L 564 -17.82 -23.09 23.55
N THR L 565 -16.59 -23.58 23.50
CA THR L 565 -15.80 -23.55 22.28
C THR L 565 -16.36 -24.54 21.27
N ILE L 566 -16.81 -24.02 20.12
CA ILE L 566 -17.25 -24.87 19.02
C ILE L 566 -16.03 -25.35 18.23
N ASP L 567 -15.52 -26.53 18.59
CA ASP L 567 -14.41 -27.15 17.87
C ASP L 567 -14.87 -28.25 16.91
N GLN L 568 -16.16 -28.60 16.93
CA GLN L 568 -16.72 -29.58 16.01
C GLN L 568 -17.05 -28.91 14.67
N GLU L 569 -15.98 -28.48 13.99
CA GLU L 569 -16.10 -27.59 12.83
C GLU L 569 -16.81 -28.24 11.65
N ILE L 570 -17.00 -29.57 11.66
CA ILE L 570 -17.48 -30.28 10.48
C ILE L 570 -18.78 -29.67 9.97
N ASP L 571 -18.82 -29.37 8.68
CA ASP L 571 -20.03 -28.86 8.04
C ASP L 571 -21.09 -29.94 7.93
N PHE L 572 -22.35 -29.54 8.11
CA PHE L 572 -23.48 -30.44 7.96
C PHE L 572 -23.73 -30.77 6.49
N GLU L 573 -23.73 -32.06 6.16
CA GLU L 573 -24.24 -32.53 4.88
C GLU L 573 -25.77 -32.49 4.86
N ASN L 574 -26.33 -32.80 3.69
CA ASN L 574 -27.78 -32.86 3.55
C ASN L 574 -28.41 -33.95 4.40
N GLN L 575 -27.74 -35.09 4.55
CA GLN L 575 -28.30 -36.17 5.36
C GLN L 575 -27.20 -37.03 5.97
N ASP L 576 -27.19 -37.10 7.30
CA ASP L 576 -26.51 -38.17 8.01
C ASP L 576 -27.13 -38.29 9.40
N GLU L 577 -26.95 -39.46 10.01
CA GLU L 577 -27.40 -39.65 11.39
C GLU L 577 -26.57 -38.80 12.34
N GLU L 578 -25.25 -38.76 12.11
CA GLU L 578 -24.37 -37.89 12.86
C GLU L 578 -24.67 -36.42 12.60
N GLN L 579 -25.09 -36.10 11.37
CA GLN L 579 -25.50 -34.73 11.06
C GLN L 579 -26.74 -34.32 11.86
N GLU L 580 -27.76 -35.18 11.91
CA GLU L 580 -28.96 -34.84 12.67
C GLU L 580 -28.69 -34.79 14.17
N GLU L 581 -27.81 -35.66 14.67
CA GLU L 581 -27.39 -35.55 16.07
C GLU L 581 -26.67 -34.25 16.35
N TYR L 582 -25.68 -33.90 15.52
CA TYR L 582 -24.88 -32.73 15.81
C TYR L 582 -25.67 -31.44 15.63
N ILE L 583 -26.50 -31.36 14.58
CA ILE L 583 -27.35 -30.18 14.41
C ILE L 583 -28.32 -30.02 15.57
N HIS L 584 -28.90 -31.12 16.07
CA HIS L 584 -29.87 -30.98 17.16
C HIS L 584 -29.19 -30.60 18.47
N ASP L 585 -28.03 -31.20 18.75
CA ASP L 585 -27.24 -30.82 19.92
C ASP L 585 -26.83 -29.35 19.84
N LEU L 586 -26.28 -28.93 18.71
CA LEU L 586 -25.89 -27.54 18.54
C LEU L 586 -27.07 -26.61 18.78
N HIS L 587 -28.22 -26.91 18.16
CA HIS L 587 -29.38 -26.05 18.30
C HIS L 587 -29.79 -25.88 19.77
N ARG L 588 -29.94 -26.98 20.51
CA ARG L 588 -30.29 -26.81 21.92
C ARG L 588 -29.18 -26.17 22.76
N ARG L 589 -27.92 -26.43 22.41
CA ARG L 589 -26.79 -25.90 23.18
C ARG L 589 -26.58 -24.40 22.99
N ILE L 590 -26.77 -23.88 21.78
CA ILE L 590 -26.68 -22.44 21.55
C ILE L 590 -27.86 -21.66 22.12
N GLN L 591 -29.04 -22.26 22.18
CA GLN L 591 -30.29 -21.56 22.48
C GLN L 591 -30.32 -20.70 23.75
N PRO L 592 -29.58 -21.04 24.81
CA PRO L 592 -29.56 -20.15 25.99
C PRO L 592 -29.10 -18.72 25.71
N PHE L 593 -28.27 -18.49 24.69
CA PHE L 593 -27.58 -17.22 24.54
C PHE L 593 -28.05 -16.41 23.34
N ILE L 594 -28.94 -16.93 22.50
CA ILE L 594 -29.47 -16.20 21.35
C ILE L 594 -30.96 -15.99 21.56
N LEU L 595 -31.39 -14.73 21.53
CA LEU L 595 -32.79 -14.34 21.64
C LEU L 595 -33.25 -13.81 20.29
N ARG L 596 -34.27 -14.45 19.71
CA ARG L 596 -34.74 -14.11 18.37
C ARG L 596 -36.26 -14.15 18.34
N ARG L 597 -36.88 -13.06 17.90
CA ARG L 597 -38.31 -13.04 17.61
C ARG L 597 -38.54 -12.56 16.18
N LEU L 598 -39.69 -12.94 15.62
CA LEU L 598 -40.00 -12.72 14.22
C LEU L 598 -41.25 -11.86 14.05
N LYS L 599 -41.26 -11.05 12.99
CA LYS L 599 -42.26 -10.00 12.85
C LYS L 599 -43.67 -10.57 12.86
N LYS L 600 -43.89 -11.68 12.15
CA LYS L 600 -45.23 -12.25 12.05
C LYS L 600 -45.73 -12.71 13.41
N ASP L 601 -44.83 -13.24 14.24
CA ASP L 601 -45.19 -13.55 15.62
C ASP L 601 -45.36 -12.29 16.45
N VAL L 602 -44.40 -11.37 16.36
CA VAL L 602 -44.31 -10.26 17.31
C VAL L 602 -45.39 -9.22 17.04
N GLU L 603 -45.52 -8.77 15.78
CA GLU L 603 -46.20 -7.49 15.51
C GLU L 603 -47.12 -7.66 14.30
N LYS L 604 -48.28 -8.29 14.54
CA LYS L 604 -49.25 -8.54 13.48
C LYS L 604 -49.73 -7.25 12.81
N SER L 605 -49.51 -6.10 13.42
CA SER L 605 -49.78 -4.82 12.76
C SER L 605 -48.93 -4.57 11.53
N LEU L 606 -47.80 -5.26 11.39
CA LEU L 606 -47.04 -5.16 10.14
C LEU L 606 -47.89 -5.67 8.99
N PRO L 607 -48.00 -4.93 7.89
CA PRO L 607 -48.47 -5.54 6.64
C PRO L 607 -47.44 -6.52 6.09
N SER L 608 -47.94 -7.53 5.39
CA SER L 608 -47.06 -8.56 4.85
C SER L 608 -46.15 -7.98 3.77
N LYS L 609 -44.96 -8.54 3.67
CA LYS L 609 -44.19 -8.52 2.44
C LYS L 609 -44.54 -9.73 1.57
N THR L 610 -44.28 -9.60 0.28
CA THR L 610 -44.24 -10.76 -0.61
C THR L 610 -43.17 -10.53 -1.67
N GLU L 611 -42.63 -11.63 -2.18
CA GLU L 611 -41.54 -11.60 -3.16
C GLU L 611 -41.96 -12.35 -4.42
N ARG L 612 -41.72 -11.71 -5.57
CA ARG L 612 -41.81 -12.36 -6.87
C ARG L 612 -40.45 -12.24 -7.55
N ILE L 613 -40.02 -13.33 -8.16
CA ILE L 613 -38.80 -13.35 -8.97
C ILE L 613 -39.19 -13.42 -10.44
N LEU L 614 -38.71 -12.45 -11.22
CA LEU L 614 -39.14 -12.25 -12.60
C LEU L 614 -38.06 -12.78 -13.54
N ARG L 615 -38.40 -13.80 -14.31
CA ARG L 615 -37.51 -14.28 -15.37
C ARG L 615 -37.54 -13.32 -16.55
N VAL L 616 -36.35 -13.02 -17.08
CA VAL L 616 -36.20 -12.04 -18.15
C VAL L 616 -35.33 -12.62 -19.25
N GLU L 617 -35.75 -12.44 -20.50
CA GLU L 617 -34.98 -12.90 -21.64
C GLU L 617 -33.82 -11.96 -21.93
N LEU L 618 -32.68 -12.53 -22.32
CA LEU L 618 -31.56 -11.72 -22.77
C LEU L 618 -31.91 -10.99 -24.08
N SER L 619 -31.49 -9.74 -24.17
CA SER L 619 -31.49 -9.04 -25.44
C SER L 619 -30.43 -9.61 -26.37
N ASP L 620 -30.58 -9.33 -27.67
CA ASP L 620 -29.65 -9.89 -28.65
C ASP L 620 -28.24 -9.37 -28.44
N VAL L 621 -28.10 -8.10 -28.04
CA VAL L 621 -26.78 -7.58 -27.70
C VAL L 621 -26.20 -8.36 -26.52
N GLN L 622 -27.03 -8.59 -25.50
CA GLN L 622 -26.61 -9.43 -24.39
C GLN L 622 -26.30 -10.84 -24.87
N THR L 623 -27.11 -11.37 -25.78
CA THR L 623 -26.91 -12.75 -26.22
C THR L 623 -25.55 -12.91 -26.90
N GLU L 624 -25.18 -11.96 -27.77
CA GLU L 624 -23.88 -12.03 -28.43
C GLU L 624 -22.73 -11.77 -27.48
N TYR L 625 -22.90 -10.86 -26.52
CA TYR L 625 -21.87 -10.70 -25.49
C TYR L 625 -21.67 -12.00 -24.70
N TYR L 626 -22.76 -12.57 -24.20
CA TYR L 626 -22.68 -13.77 -23.38
C TYR L 626 -22.06 -14.93 -24.15
N LYS L 627 -22.42 -15.07 -25.43
CA LYS L 627 -21.77 -16.05 -26.30
C LYS L 627 -20.27 -15.78 -26.46
N ASN L 628 -19.90 -14.55 -26.78
CA ASN L 628 -18.48 -14.23 -26.93
C ASN L 628 -17.70 -14.49 -25.65
N ILE L 629 -18.31 -14.24 -24.50
CA ILE L 629 -17.68 -14.54 -23.22
C ILE L 629 -17.48 -16.04 -23.05
N LEU L 630 -18.52 -16.82 -23.32
CA LEU L 630 -18.40 -18.28 -23.16
C LEU L 630 -17.37 -18.86 -24.12
N THR L 631 -17.38 -18.44 -25.38
CA THR L 631 -16.40 -18.94 -26.34
C THR L 631 -15.04 -18.25 -26.23
N LYS L 632 -14.87 -17.32 -25.30
CA LYS L 632 -13.60 -16.60 -25.15
C LYS L 632 -13.19 -15.97 -26.47
N ASN L 633 -14.15 -15.34 -27.16
CA ASN L 633 -13.95 -14.78 -28.50
C ASN L 633 -13.21 -13.44 -28.37
N TYR L 634 -11.95 -13.55 -27.95
CA TYR L 634 -11.19 -12.36 -27.57
C TYR L 634 -11.21 -11.30 -28.67
N SER L 635 -11.15 -11.73 -29.93
CA SER L 635 -11.14 -10.78 -31.05
C SER L 635 -12.48 -10.04 -31.13
N ALA L 636 -13.59 -10.77 -31.05
CA ALA L 636 -14.90 -10.11 -31.07
C ALA L 636 -15.12 -9.26 -29.83
N LEU L 637 -14.64 -9.72 -28.67
CA LEU L 637 -14.71 -8.91 -27.46
C LEU L 637 -13.84 -7.66 -27.55
N THR L 638 -12.65 -7.79 -28.14
CA THR L 638 -11.80 -6.62 -28.34
C THR L 638 -12.41 -5.63 -29.33
N ALA L 639 -13.07 -6.13 -30.38
CA ALA L 639 -13.84 -5.24 -31.25
C ALA L 639 -15.00 -4.58 -30.51
N GLY L 640 -15.65 -5.33 -29.61
CA GLY L 640 -16.62 -4.73 -28.72
C GLY L 640 -16.03 -3.72 -27.75
N ALA L 641 -14.72 -3.76 -27.54
CA ALA L 641 -14.02 -2.73 -26.78
C ALA L 641 -13.34 -1.68 -27.64
N LYS L 642 -13.42 -1.81 -28.97
CA LYS L 642 -12.64 -0.99 -29.90
C LYS L 642 -11.17 -0.98 -29.51
N GLY L 643 -10.59 -2.18 -29.43
CA GLY L 643 -9.17 -2.34 -29.25
C GLY L 643 -8.69 -2.33 -27.82
N GLY L 644 -9.56 -2.05 -26.85
CA GLY L 644 -9.25 -2.33 -25.46
C GLY L 644 -9.16 -3.83 -25.24
N HIS L 645 -7.99 -4.30 -24.79
CA HIS L 645 -7.72 -5.73 -24.75
C HIS L 645 -8.57 -6.39 -23.67
N PHE L 646 -9.52 -7.22 -24.10
CA PHE L 646 -10.43 -7.87 -23.16
C PHE L 646 -9.69 -8.94 -22.37
N SER L 647 -10.24 -9.26 -21.20
CA SER L 647 -9.65 -10.30 -20.36
C SER L 647 -10.75 -11.05 -19.63
N LEU L 648 -10.48 -12.32 -19.32
CA LEU L 648 -11.49 -13.25 -18.82
C LEU L 648 -11.00 -13.99 -17.58
N LEU L 649 -10.12 -13.35 -16.81
CA LEU L 649 -9.61 -13.98 -15.58
C LEU L 649 -10.72 -14.27 -14.58
N ASN L 650 -11.86 -13.58 -14.65
CA ASN L 650 -13.04 -13.89 -13.83
C ASN L 650 -14.27 -13.94 -14.74
N ILE L 651 -14.41 -15.07 -15.43
CA ILE L 651 -15.51 -15.24 -16.39
C ILE L 651 -16.85 -15.01 -15.72
N MET L 652 -17.00 -15.47 -14.48
CA MET L 652 -18.24 -15.31 -13.74
C MET L 652 -18.68 -13.84 -13.65
N ASN L 653 -17.73 -12.96 -13.34
CA ASN L 653 -18.03 -11.53 -13.27
C ASN L 653 -18.46 -10.98 -14.62
N GLU L 654 -17.75 -11.33 -15.70
CA GLU L 654 -18.11 -10.81 -17.01
C GLU L 654 -19.47 -11.33 -17.47
N LEU L 655 -19.79 -12.59 -17.19
CA LEU L 655 -21.10 -13.12 -17.49
C LEU L 655 -22.20 -12.40 -16.72
N LYS L 656 -21.98 -12.11 -15.43
CA LYS L 656 -22.97 -11.33 -14.68
C LYS L 656 -23.11 -9.91 -15.22
N LYS L 657 -22.01 -9.29 -15.63
CA LYS L 657 -22.10 -7.96 -16.25
C LYS L 657 -22.93 -8.00 -17.54
N ALA L 658 -22.62 -8.93 -18.44
CA ALA L 658 -23.42 -9.08 -19.65
C ALA L 658 -24.88 -9.37 -19.34
N SER L 659 -25.15 -10.13 -18.28
CA SER L 659 -26.51 -10.42 -17.88
C SER L 659 -27.25 -9.19 -17.37
N ASN L 660 -26.56 -8.28 -16.68
CA ASN L 660 -27.22 -7.03 -16.27
C ASN L 660 -27.40 -6.06 -17.43
N HIS L 661 -26.31 -5.70 -18.12
CA HIS L 661 -26.45 -4.64 -19.11
C HIS L 661 -25.15 -4.48 -19.92
N PRO L 662 -25.22 -4.42 -21.25
CA PRO L 662 -23.99 -4.33 -22.04
C PRO L 662 -23.24 -3.01 -21.90
N TYR L 663 -23.91 -1.92 -21.51
CA TYR L 663 -23.19 -0.66 -21.33
C TYR L 663 -22.19 -0.71 -20.19
N LEU L 664 -22.19 -1.80 -19.41
CA LEU L 664 -21.11 -2.05 -18.46
C LEU L 664 -19.79 -2.33 -19.17
N PHE L 665 -19.84 -2.75 -20.42
CA PHE L 665 -18.66 -2.91 -21.24
C PHE L 665 -18.29 -1.60 -21.95
N ASP L 666 -17.00 -1.49 -22.28
CA ASP L 666 -16.40 -0.20 -22.56
C ASP L 666 -17.05 0.52 -23.75
N ASN L 667 -17.46 -0.22 -24.77
CA ASN L 667 -17.99 0.44 -25.98
C ASN L 667 -19.26 -0.21 -26.51
N ALA L 668 -20.03 -0.90 -25.67
CA ALA L 668 -21.28 -1.48 -26.15
C ALA L 668 -22.30 -0.40 -26.50
N GLU L 669 -22.27 0.74 -25.81
CA GLU L 669 -23.15 1.84 -26.19
C GLU L 669 -22.71 2.50 -27.50
N GLU L 670 -21.41 2.74 -27.64
CA GLU L 670 -20.86 3.21 -28.91
C GLU L 670 -21.27 2.33 -30.09
N ARG L 671 -21.18 1.00 -29.91
CA ARG L 671 -21.57 0.06 -30.94
C ARG L 671 -23.06 0.08 -31.31
N VAL L 672 -23.92 0.66 -30.49
CA VAL L 672 -25.32 0.81 -30.87
C VAL L 672 -25.67 2.21 -31.34
N LEU L 673 -25.00 3.22 -30.76
CA LEU L 673 -25.11 4.57 -31.29
C LEU L 673 -24.44 4.74 -32.65
N GLN L 674 -23.56 3.80 -33.03
CA GLN L 674 -23.09 3.73 -34.40
C GLN L 674 -24.22 3.50 -35.39
N LYS L 675 -25.39 3.08 -34.92
CA LYS L 675 -26.62 3.26 -35.68
C LYS L 675 -27.01 4.74 -35.64
N PHE L 676 -26.22 5.56 -36.34
CA PHE L 676 -26.11 6.99 -36.01
C PHE L 676 -27.43 7.74 -36.15
N GLY L 677 -28.43 7.15 -36.79
CA GLY L 677 -29.78 7.69 -36.66
C GLY L 677 -30.28 7.71 -35.23
N ASP L 678 -29.72 6.89 -34.36
CA ASP L 678 -29.98 6.94 -32.93
C ASP L 678 -29.03 7.87 -32.17
N GLY L 679 -28.00 8.37 -32.82
CA GLY L 679 -26.81 8.80 -32.12
C GLY L 679 -26.87 10.22 -31.56
N LYS L 680 -25.74 10.61 -30.96
CA LYS L 680 -25.45 11.96 -30.53
C LYS L 680 -26.52 12.62 -29.66
N MET L 681 -27.15 13.69 -30.16
CA MET L 681 -28.07 14.52 -29.38
C MET L 681 -29.47 13.92 -29.22
N THR L 682 -29.76 12.79 -29.84
CA THR L 682 -31.14 12.39 -30.08
C THR L 682 -31.75 11.86 -28.78
N ARG L 683 -32.28 12.79 -27.98
CA ARG L 683 -32.90 12.48 -26.69
C ARG L 683 -33.69 11.19 -26.73
N GLU L 684 -34.63 11.10 -27.68
CA GLU L 684 -35.50 9.93 -27.75
C GLU L 684 -34.71 8.65 -27.98
N ASN L 685 -33.76 8.67 -28.91
CA ASN L 685 -33.11 7.44 -29.34
C ASN L 685 -31.93 7.02 -28.45
N VAL L 686 -31.26 7.95 -27.77
CA VAL L 686 -30.34 7.57 -26.71
C VAL L 686 -31.06 6.79 -25.62
N LEU L 687 -32.22 7.29 -25.18
CA LEU L 687 -33.04 6.54 -24.22
C LEU L 687 -33.54 5.23 -24.82
N ARG L 688 -33.98 5.25 -26.08
CA ARG L 688 -34.43 4.04 -26.74
C ARG L 688 -33.37 2.95 -26.71
N GLY L 689 -32.12 3.30 -27.00
CA GLY L 689 -31.02 2.34 -26.87
C GLY L 689 -30.78 1.91 -25.43
N LEU L 690 -30.68 2.90 -24.54
CA LEU L 690 -30.41 2.63 -23.13
C LEU L 690 -31.42 1.66 -22.52
N ILE L 691 -32.69 1.76 -22.92
CA ILE L 691 -33.69 0.81 -22.42
C ILE L 691 -33.68 -0.49 -23.21
N MET L 692 -33.79 -0.46 -24.53
CA MET L 692 -34.01 -1.69 -25.28
C MET L 692 -32.78 -2.58 -25.36
N SER L 693 -31.59 -2.05 -25.09
CA SER L 693 -30.38 -2.85 -25.07
C SER L 693 -30.30 -3.85 -23.91
N SER L 694 -31.26 -3.92 -23.00
CA SER L 694 -31.30 -5.04 -22.08
C SER L 694 -32.70 -5.35 -21.59
N GLY L 695 -32.97 -6.65 -21.44
CA GLY L 695 -34.30 -7.09 -21.03
C GLY L 695 -34.72 -6.55 -19.67
N LYS L 696 -33.77 -6.56 -18.72
CA LYS L 696 -34.07 -6.04 -17.38
C LYS L 696 -34.50 -4.59 -17.43
N MET L 697 -33.89 -3.78 -18.30
CA MET L 697 -34.33 -2.40 -18.41
C MET L 697 -35.73 -2.28 -18.99
N VAL L 698 -36.06 -3.10 -19.98
CA VAL L 698 -37.41 -3.08 -20.54
C VAL L 698 -38.44 -3.43 -19.47
N LEU L 699 -38.21 -4.52 -18.74
CA LEU L 699 -39.13 -4.90 -17.68
C LEU L 699 -39.18 -3.86 -16.58
N LEU L 700 -38.02 -3.33 -16.20
CA LEU L 700 -37.97 -2.31 -15.16
C LEU L 700 -38.76 -1.07 -15.56
N ASP L 701 -38.65 -0.64 -16.81
CA ASP L 701 -39.46 0.50 -17.27
C ASP L 701 -40.94 0.19 -17.24
N GLN L 702 -41.34 -1.03 -17.60
CA GLN L 702 -42.75 -1.40 -17.51
C GLN L 702 -43.26 -1.37 -16.07
N LEU L 703 -42.48 -1.93 -15.15
CA LEU L 703 -42.79 -1.86 -13.73
C LEU L 703 -42.84 -0.42 -13.25
N LEU L 704 -41.81 0.35 -13.56
CA LEU L 704 -41.68 1.70 -13.01
C LEU L 704 -42.80 2.59 -13.52
N THR L 705 -43.21 2.43 -14.78
CA THR L 705 -44.37 3.14 -15.30
C THR L 705 -45.65 2.76 -14.55
N ARG L 706 -45.88 1.46 -14.36
CA ARG L 706 -47.04 1.06 -13.57
C ARG L 706 -46.99 1.67 -12.16
N LEU L 707 -45.85 1.54 -11.49
CA LEU L 707 -45.73 2.00 -10.11
C LEU L 707 -45.92 3.51 -10.01
N LYS L 708 -45.38 4.25 -10.98
CA LYS L 708 -45.59 5.70 -11.04
C LYS L 708 -47.06 6.05 -11.20
N LYS L 709 -47.79 5.33 -12.05
CA LYS L 709 -49.21 5.62 -12.17
C LYS L 709 -49.96 5.24 -10.89
N ASP L 710 -49.64 4.11 -10.29
CA ASP L 710 -50.25 3.72 -9.03
C ASP L 710 -49.86 4.65 -7.89
N GLY L 711 -48.66 5.25 -7.95
CA GLY L 711 -48.22 6.14 -6.90
C GLY L 711 -47.37 5.51 -5.83
N HIS L 712 -46.82 4.32 -6.10
CA HIS L 712 -45.88 3.66 -5.22
C HIS L 712 -44.53 4.39 -5.25
N ARG L 713 -43.65 4.03 -4.32
CA ARG L 713 -42.28 4.52 -4.31
C ARG L 713 -41.35 3.35 -4.07
N VAL L 714 -40.23 3.34 -4.80
CA VAL L 714 -39.46 2.12 -5.01
C VAL L 714 -38.00 2.31 -4.60
N LEU L 715 -37.47 1.32 -3.90
CA LEU L 715 -36.04 1.19 -3.62
C LEU L 715 -35.48 0.20 -4.61
N ILE L 716 -34.41 0.57 -5.32
CA ILE L 716 -33.78 -0.31 -6.29
C ILE L 716 -32.36 -0.59 -5.82
N PHE L 717 -32.07 -1.85 -5.54
CA PHE L 717 -30.78 -2.29 -5.04
C PHE L 717 -29.94 -2.88 -6.16
N SER L 718 -28.63 -2.68 -6.10
CA SER L 718 -27.75 -3.41 -6.99
C SER L 718 -26.42 -3.70 -6.33
N GLN L 719 -25.81 -4.83 -6.75
CA GLN L 719 -24.46 -5.19 -6.37
C GLN L 719 -23.40 -4.62 -7.30
N MET L 720 -23.75 -3.64 -8.14
CA MET L 720 -22.80 -2.99 -9.04
C MET L 720 -23.10 -1.51 -9.04
N VAL L 721 -22.12 -0.68 -8.69
CA VAL L 721 -22.36 0.75 -8.67
C VAL L 721 -22.49 1.32 -10.08
N ARG L 722 -21.77 0.76 -11.06
CA ARG L 722 -21.94 1.21 -12.43
C ARG L 722 -23.34 0.92 -12.97
N MET L 723 -24.00 -0.11 -12.42
CA MET L 723 -25.39 -0.32 -12.75
C MET L 723 -26.27 0.78 -12.16
N LEU L 724 -25.91 1.28 -10.98
CA LEU L 724 -26.62 2.43 -10.45
C LEU L 724 -26.33 3.69 -11.24
N ASP L 725 -25.14 3.80 -11.85
CA ASP L 725 -24.89 4.88 -12.80
C ASP L 725 -25.81 4.80 -14.00
N ILE L 726 -25.95 3.61 -14.58
CA ILE L 726 -26.84 3.42 -15.73
C ILE L 726 -28.28 3.73 -15.36
N LEU L 727 -28.75 3.20 -14.24
CA LEU L 727 -30.11 3.50 -13.79
C LEU L 727 -30.30 4.99 -13.50
N GLY L 728 -29.31 5.63 -12.87
CA GLY L 728 -29.42 7.04 -12.58
C GLY L 728 -29.51 7.89 -13.82
N ASP L 729 -28.71 7.56 -14.84
CA ASP L 729 -28.82 8.26 -16.12
C ASP L 729 -30.18 8.01 -16.78
N TYR L 730 -30.62 6.76 -16.83
CA TYR L 730 -31.95 6.47 -17.38
C TYR L 730 -33.04 7.28 -16.69
N LEU L 731 -33.06 7.28 -15.35
CA LEU L 731 -34.05 8.04 -14.61
C LEU L 731 -33.94 9.55 -14.84
N SER L 732 -32.72 10.08 -14.91
CA SER L 732 -32.55 11.49 -15.17
C SER L 732 -33.04 11.89 -16.56
N ILE L 733 -32.83 11.02 -17.54
CA ILE L 733 -33.30 11.33 -18.89
C ILE L 733 -34.82 11.27 -18.98
N LYS L 734 -35.46 10.36 -18.24
CA LYS L 734 -36.90 10.43 -18.05
C LYS L 734 -37.34 11.53 -17.09
N GLY L 735 -36.41 12.28 -16.50
CA GLY L 735 -36.77 13.36 -15.61
C GLY L 735 -37.36 12.95 -14.27
N ILE L 736 -37.17 11.70 -13.85
CA ILE L 736 -37.70 11.25 -12.57
C ILE L 736 -36.81 11.77 -11.46
N ASN L 737 -37.43 12.22 -10.37
CA ASN L 737 -36.69 12.58 -9.16
C ASN L 737 -36.32 11.34 -8.37
N PHE L 738 -35.02 11.19 -8.09
CA PHE L 738 -34.52 10.04 -7.36
C PHE L 738 -33.37 10.46 -6.45
N GLN L 739 -33.18 9.68 -5.39
CA GLN L 739 -32.00 9.76 -4.53
C GLN L 739 -31.07 8.60 -4.82
N ARG L 740 -29.81 8.74 -4.43
CA ARG L 740 -28.83 7.67 -4.58
C ARG L 740 -27.97 7.55 -3.34
N LEU L 741 -27.66 6.32 -2.95
CA LEU L 741 -26.81 6.02 -1.81
C LEU L 741 -25.95 4.80 -2.12
N ASP L 742 -24.65 5.02 -2.24
CA ASP L 742 -23.65 3.96 -2.32
C ASP L 742 -22.45 4.39 -1.49
N GLY L 743 -21.51 3.46 -1.32
CA GLY L 743 -20.41 3.70 -0.39
C GLY L 743 -19.46 4.82 -0.77
N THR L 744 -19.61 5.41 -1.96
CA THR L 744 -18.83 6.60 -2.28
C THR L 744 -19.46 7.87 -1.73
N VAL L 745 -20.75 7.86 -1.44
CA VAL L 745 -21.49 9.03 -0.95
C VAL L 745 -21.04 9.34 0.48
N PRO L 746 -20.54 10.53 0.78
CA PRO L 746 -20.06 10.82 2.13
C PRO L 746 -21.20 10.89 3.14
N SER L 747 -20.81 10.74 4.40
CA SER L 747 -21.77 10.55 5.49
C SER L 747 -22.84 11.65 5.53
N ALA L 748 -22.42 12.91 5.43
CA ALA L 748 -23.37 14.01 5.48
C ALA L 748 -24.36 13.99 4.32
N GLN L 749 -23.89 13.75 3.10
CA GLN L 749 -24.80 13.69 1.96
C GLN L 749 -25.79 12.54 2.07
N ARG L 750 -25.35 11.38 2.54
CA ARG L 750 -26.29 10.26 2.71
C ARG L 750 -27.28 10.52 3.84
N ARG L 751 -26.83 11.16 4.92
CA ARG L 751 -27.74 11.63 5.96
C ARG L 751 -28.83 12.53 5.38
N ILE L 752 -28.43 13.52 4.57
CA ILE L 752 -29.40 14.40 3.93
C ILE L 752 -30.32 13.62 3.00
N SER L 753 -29.78 12.71 2.20
CA SER L 753 -30.59 11.95 1.25
C SER L 753 -31.64 11.11 1.94
N ILE L 754 -31.30 10.47 3.05
CA ILE L 754 -32.28 9.66 3.78
C ILE L 754 -33.33 10.55 4.43
N ASP L 755 -32.89 11.64 5.08
CA ASP L 755 -33.87 12.57 5.66
C ASP L 755 -34.83 13.08 4.59
N HIS L 756 -34.31 13.45 3.43
CA HIS L 756 -35.16 13.99 2.37
C HIS L 756 -36.13 12.94 1.85
N PHE L 757 -35.65 11.73 1.55
CA PHE L 757 -36.55 10.70 1.03
C PHE L 757 -37.64 10.36 2.03
N ASN L 758 -37.32 10.33 3.32
CA ASN L 758 -38.36 10.11 4.33
C ASN L 758 -39.19 11.35 4.66
N SER L 759 -38.86 12.50 4.08
CA SER L 759 -39.67 13.70 4.32
C SER L 759 -41.08 13.51 3.77
N PRO L 760 -42.13 13.85 4.52
CA PRO L 760 -43.49 13.53 4.07
C PRO L 760 -43.94 14.31 2.85
N ASP L 761 -43.25 15.39 2.51
CA ASP L 761 -43.51 16.16 1.29
C ASP L 761 -42.56 15.81 0.16
N SER L 762 -41.70 14.81 0.36
CA SER L 762 -40.67 14.49 -0.63
C SER L 762 -41.27 14.05 -1.96
N ASN L 763 -40.74 14.62 -3.03
CA ASN L 763 -41.13 14.32 -4.40
C ASN L 763 -40.38 13.13 -4.98
N ASP L 764 -39.30 12.69 -4.33
CA ASP L 764 -38.47 11.62 -4.88
C ASP L 764 -39.25 10.32 -4.98
N PHE L 765 -39.16 9.69 -6.15
CA PHE L 765 -39.90 8.48 -6.47
C PHE L 765 -39.05 7.23 -6.32
N VAL L 766 -37.75 7.32 -6.54
CA VAL L 766 -36.85 6.17 -6.60
C VAL L 766 -35.70 6.44 -5.65
N PHE L 767 -35.24 5.38 -4.97
CA PHE L 767 -33.97 5.40 -4.26
C PHE L 767 -33.06 4.33 -4.84
N LEU L 768 -31.95 4.75 -5.44
CA LEU L 768 -30.92 3.84 -5.91
C LEU L 768 -29.98 3.52 -4.75
N LEU L 769 -29.85 2.23 -4.43
CA LEU L 769 -29.12 1.79 -3.24
C LEU L 769 -28.11 0.71 -3.60
N SER L 770 -26.92 0.84 -3.03
CA SER L 770 -25.98 -0.27 -3.04
C SER L 770 -26.37 -1.27 -1.96
N THR L 771 -26.30 -2.57 -2.29
CA THR L 771 -26.75 -3.59 -1.36
C THR L 771 -25.90 -3.67 -0.10
N ARG L 772 -24.62 -3.29 -0.18
CA ARG L 772 -23.77 -3.27 1.00
C ARG L 772 -23.96 -2.00 1.82
N ALA L 773 -23.66 -0.84 1.22
CA ALA L 773 -23.80 0.42 1.94
C ALA L 773 -25.25 0.74 2.27
N GLY L 774 -26.17 0.39 1.38
CA GLY L 774 -27.56 0.75 1.57
C GLY L 774 -28.42 -0.36 2.13
N GLY L 775 -27.91 -1.59 2.18
CA GLY L 775 -28.68 -2.69 2.68
C GLY L 775 -28.73 -2.81 4.20
N LEU L 776 -27.81 -2.17 4.91
CA LEU L 776 -27.70 -2.31 6.35
C LEU L 776 -28.29 -1.11 7.08
N GLY L 777 -29.24 -1.37 7.97
CA GLY L 777 -29.67 -0.46 9.01
C GLY L 777 -30.29 0.87 8.61
N ILE L 778 -30.40 1.17 7.32
CA ILE L 778 -31.16 2.35 6.91
C ILE L 778 -32.63 2.15 7.26
N ASN L 779 -33.35 3.25 7.45
CA ASN L 779 -34.80 3.23 7.64
C ASN L 779 -35.44 3.92 6.44
N LEU L 780 -36.20 3.15 5.66
CA LEU L 780 -36.82 3.64 4.43
C LEU L 780 -38.25 3.13 4.34
N MET L 781 -38.93 3.05 5.48
CA MET L 781 -40.32 2.60 5.56
C MET L 781 -41.28 3.47 4.76
N THR L 782 -40.88 4.63 4.27
CA THR L 782 -41.75 5.40 3.40
C THR L 782 -41.75 4.92 1.96
N ALA L 783 -40.86 4.01 1.59
CA ALA L 783 -41.02 3.22 0.39
C ALA L 783 -41.91 2.00 0.67
N ASP L 784 -42.45 1.42 -0.39
CA ASP L 784 -43.28 0.24 -0.28
C ASP L 784 -42.94 -0.84 -1.30
N THR L 785 -41.99 -0.59 -2.19
CA THR L 785 -41.62 -1.51 -3.26
C THR L 785 -40.11 -1.63 -3.28
N VAL L 786 -39.62 -2.84 -3.52
CA VAL L 786 -38.20 -3.12 -3.63
C VAL L 786 -37.96 -3.86 -4.93
N VAL L 787 -36.96 -3.44 -5.69
CA VAL L 787 -36.45 -4.18 -6.83
C VAL L 787 -35.01 -4.58 -6.50
N ILE L 788 -34.76 -5.89 -6.41
CA ILE L 788 -33.40 -6.41 -6.33
C ILE L 788 -32.94 -6.65 -7.76
N PHE L 789 -32.26 -5.66 -8.33
CA PHE L 789 -31.93 -5.69 -9.74
C PHE L 789 -30.94 -6.79 -10.07
N ASP L 790 -30.08 -7.18 -9.13
CA ASP L 790 -29.34 -8.43 -9.24
C ASP L 790 -29.13 -9.01 -7.84
N SER L 791 -29.13 -10.34 -7.77
CA SER L 791 -29.03 -11.06 -6.51
C SER L 791 -27.59 -11.34 -6.12
N ASP L 792 -27.34 -11.31 -4.81
CA ASP L 792 -26.04 -11.60 -4.24
C ASP L 792 -25.82 -13.10 -4.06
N TRP L 793 -24.55 -13.49 -3.96
CA TRP L 793 -24.21 -14.86 -3.57
C TRP L 793 -24.62 -15.18 -2.15
N ASN L 794 -24.93 -14.17 -1.33
CA ASN L 794 -25.38 -14.39 0.03
C ASN L 794 -26.83 -13.99 0.15
N PRO L 795 -27.74 -14.91 0.49
CA PRO L 795 -29.17 -14.54 0.53
C PRO L 795 -29.51 -13.54 1.61
N GLN L 796 -28.79 -13.56 2.73
CA GLN L 796 -29.09 -12.66 3.85
C GLN L 796 -28.88 -11.19 3.50
N ALA L 797 -27.95 -10.87 2.61
CA ALA L 797 -27.80 -9.50 2.14
C ALA L 797 -29.05 -9.01 1.41
N ASP L 798 -29.68 -9.90 0.62
CA ASP L 798 -30.93 -9.54 -0.02
C ASP L 798 -32.08 -9.43 0.98
N LEU L 799 -32.12 -10.32 1.98
CA LEU L 799 -33.14 -10.17 3.01
C LEU L 799 -32.95 -8.88 3.80
N GLN L 800 -31.70 -8.49 4.06
CA GLN L 800 -31.43 -7.20 4.70
C GLN L 800 -31.92 -6.03 3.84
N ALA L 801 -31.68 -6.09 2.53
CA ALA L 801 -32.25 -5.09 1.64
C ALA L 801 -33.77 -5.06 1.71
N MET L 802 -34.41 -6.21 1.62
CA MET L 802 -35.87 -6.27 1.70
C MET L 802 -36.38 -5.72 3.04
N ALA L 803 -35.63 -5.93 4.12
CA ALA L 803 -35.95 -5.35 5.41
C ALA L 803 -35.83 -3.83 5.42
N ARG L 804 -34.95 -3.27 4.61
CA ARG L 804 -34.87 -1.81 4.54
C ARG L 804 -36.21 -1.16 4.18
N ALA L 805 -37.01 -1.81 3.34
CA ALA L 805 -38.40 -1.40 3.16
C ALA L 805 -39.28 -1.80 4.34
N HIS L 806 -39.14 -3.02 4.82
CA HIS L 806 -40.13 -3.65 5.71
C HIS L 806 -39.89 -3.32 7.19
N ARG L 807 -39.67 -2.05 7.50
CA ARG L 807 -39.43 -1.62 8.87
C ARG L 807 -40.68 -1.79 9.71
N ILE L 808 -40.49 -1.77 11.03
CA ILE L 808 -41.61 -1.63 11.96
C ILE L 808 -42.43 -0.38 11.67
N GLY L 809 -41.81 0.66 11.11
CA GLY L 809 -42.55 1.85 10.72
C GLY L 809 -43.38 1.73 9.46
N GLN L 810 -43.43 0.56 8.84
CA GLN L 810 -44.23 0.41 7.63
C GLN L 810 -45.70 0.67 7.88
N LYS L 811 -46.41 1.01 6.80
CA LYS L 811 -47.85 1.24 6.86
C LYS L 811 -48.54 0.77 5.58
N ASN L 812 -47.86 0.07 4.67
CA ASN L 812 -48.50 -0.47 3.49
C ASN L 812 -47.82 -1.79 3.11
N HIS L 813 -48.56 -2.59 2.34
CA HIS L 813 -48.04 -3.87 1.85
C HIS L 813 -46.78 -3.68 1.00
N VAL L 814 -45.74 -4.46 1.30
CA VAL L 814 -44.43 -4.31 0.69
C VAL L 814 -44.26 -5.36 -0.40
N MET L 815 -43.92 -4.92 -1.60
CA MET L 815 -43.81 -5.76 -2.79
C MET L 815 -42.35 -5.84 -3.23
N VAL L 816 -41.79 -7.05 -3.28
CA VAL L 816 -40.39 -7.27 -3.65
C VAL L 816 -40.35 -7.98 -5.00
N TYR L 817 -39.61 -7.41 -5.95
CA TYR L 817 -39.35 -8.02 -7.25
C TYR L 817 -37.88 -8.34 -7.39
N ARG L 818 -37.55 -9.60 -7.63
CA ARG L 818 -36.24 -9.97 -8.17
C ARG L 818 -36.31 -10.05 -9.69
N LEU L 819 -35.26 -9.59 -10.34
CA LEU L 819 -35.11 -9.73 -11.79
C LEU L 819 -34.02 -10.74 -12.08
N VAL L 820 -34.40 -11.85 -12.73
CA VAL L 820 -33.49 -12.95 -13.03
C VAL L 820 -33.41 -13.11 -14.54
N SER L 821 -32.21 -12.96 -15.09
CA SER L 821 -32.00 -13.24 -16.51
C SER L 821 -32.05 -14.75 -16.74
N LYS L 822 -33.05 -15.20 -17.48
CA LYS L 822 -33.29 -16.62 -17.64
C LYS L 822 -32.25 -17.26 -18.55
N ASP L 823 -31.92 -18.52 -18.27
CA ASP L 823 -30.86 -19.24 -18.97
C ASP L 823 -29.48 -18.60 -18.78
N THR L 824 -29.21 -18.07 -17.59
CA THR L 824 -27.93 -17.43 -17.31
C THR L 824 -27.37 -17.89 -15.97
N VAL L 825 -26.14 -17.46 -15.72
CA VAL L 825 -25.44 -17.69 -14.45
C VAL L 825 -26.25 -17.21 -13.25
N GLU L 826 -27.08 -16.19 -13.45
CA GLU L 826 -27.86 -15.62 -12.35
C GLU L 826 -28.69 -16.67 -11.63
N GLU L 827 -29.27 -17.61 -12.37
CA GLU L 827 -30.04 -18.66 -11.70
C GLU L 827 -29.17 -19.67 -10.95
N GLU L 828 -27.94 -19.93 -11.41
CA GLU L 828 -27.03 -20.71 -10.60
C GLU L 828 -26.68 -20.01 -9.29
N VAL L 829 -26.55 -18.68 -9.34
CA VAL L 829 -26.34 -17.90 -8.12
C VAL L 829 -27.55 -18.00 -7.21
N LEU L 830 -28.75 -17.92 -7.78
CA LEU L 830 -29.97 -18.12 -7.02
C LEU L 830 -30.00 -19.48 -6.33
N GLU L 831 -29.65 -20.54 -7.04
CA GLU L 831 -29.70 -21.88 -6.45
C GLU L 831 -28.66 -22.08 -5.35
N ARG L 832 -27.46 -21.51 -5.51
CA ARG L 832 -26.50 -21.58 -4.40
C ARG L 832 -26.94 -20.76 -3.19
N ALA L 833 -27.55 -19.60 -3.43
CA ALA L 833 -28.11 -18.83 -2.33
C ALA L 833 -29.21 -19.61 -1.62
N ARG L 834 -30.10 -20.24 -2.37
CA ARG L 834 -31.16 -21.06 -1.76
C ARG L 834 -30.59 -22.21 -0.94
N LYS L 835 -29.55 -22.89 -1.43
CA LYS L 835 -28.94 -23.96 -0.63
C LYS L 835 -28.36 -23.44 0.67
N LYS L 836 -27.74 -22.26 0.65
CA LYS L 836 -27.28 -21.68 1.91
C LYS L 836 -28.44 -21.24 2.80
N MET L 837 -29.52 -20.75 2.20
CA MET L 837 -30.71 -20.39 2.96
C MET L 837 -31.26 -21.60 3.72
N ILE L 838 -31.41 -22.73 3.03
CA ILE L 838 -31.95 -23.93 3.69
C ILE L 838 -30.99 -24.46 4.75
N LEU L 839 -29.69 -24.31 4.56
CA LEU L 839 -28.77 -24.65 5.65
C LEU L 839 -29.00 -23.74 6.87
N GLU L 840 -29.19 -22.45 6.63
CA GLU L 840 -29.45 -21.52 7.72
C GLU L 840 -30.78 -21.81 8.43
N TYR L 841 -31.81 -22.18 7.66
CA TYR L 841 -33.04 -22.66 8.30
C TYR L 841 -32.80 -23.92 9.13
N ALA L 842 -31.97 -24.83 8.63
CA ALA L 842 -31.71 -26.05 9.38
C ALA L 842 -31.02 -25.76 10.71
N ILE L 843 -30.11 -24.79 10.73
CA ILE L 843 -29.53 -24.40 12.01
C ILE L 843 -30.52 -23.61 12.86
N ILE L 844 -31.28 -22.71 12.25
CA ILE L 844 -32.42 -22.10 12.92
C ILE L 844 -33.56 -23.11 13.02
N ASP L 1006 -19.92 -2.22 56.67
CA ASP L 1006 -19.09 -1.07 56.36
C ASP L 1006 -19.95 0.17 56.20
N MET L 1007 -21.18 -0.02 55.72
CA MET L 1007 -22.04 1.09 55.32
C MET L 1007 -22.33 2.04 56.49
N ASP L 1008 -22.23 1.56 57.72
CA ASP L 1008 -22.52 2.34 58.92
C ASP L 1008 -21.28 2.94 59.56
N SER L 1009 -20.11 2.84 58.93
CA SER L 1009 -18.86 3.31 59.52
C SER L 1009 -18.54 4.70 58.98
N ILE L 1010 -18.32 5.64 59.90
CA ILE L 1010 -18.08 7.04 59.59
C ILE L 1010 -16.71 7.42 60.13
N GLY L 1011 -15.83 7.90 59.24
CA GLY L 1011 -14.52 8.38 59.64
C GLY L 1011 -14.44 9.90 59.72
N GLU L 1012 -13.26 10.36 60.12
CA GLU L 1012 -13.04 11.80 60.30
C GLU L 1012 -13.26 12.58 59.01
N SER L 1013 -12.74 12.05 57.91
CA SER L 1013 -12.94 12.69 56.61
C SER L 1013 -14.42 12.78 56.25
N GLU L 1014 -15.20 11.77 56.64
CA GLU L 1014 -16.63 11.80 56.34
C GLU L 1014 -17.35 12.84 57.18
N VAL L 1015 -16.99 12.99 58.45
CA VAL L 1015 -17.58 14.03 59.29
C VAL L 1015 -17.23 15.42 58.75
N ARG L 1016 -15.96 15.63 58.39
CA ARG L 1016 -15.55 16.91 57.83
C ARG L 1016 -16.27 17.23 56.52
N ALA L 1017 -16.40 16.24 55.63
CA ALA L 1017 -17.16 16.42 54.40
C ALA L 1017 -18.62 16.71 54.68
N LEU L 1018 -19.23 15.99 55.61
CA LEU L 1018 -20.62 16.25 55.94
C LEU L 1018 -20.82 17.65 56.49
N TYR L 1019 -19.94 18.10 57.39
CA TYR L 1019 -20.00 19.46 57.90
C TYR L 1019 -19.90 20.51 56.79
N LYS L 1020 -18.93 20.34 55.88
CA LYS L 1020 -18.83 21.24 54.73
C LYS L 1020 -20.05 21.19 53.82
N ALA L 1021 -20.61 19.99 53.62
CA ALA L 1021 -21.85 19.87 52.87
C ALA L 1021 -23.00 20.61 53.54
N ILE L 1022 -23.12 20.49 54.85
CA ILE L 1022 -24.18 21.19 55.58
C ILE L 1022 -24.01 22.70 55.46
N LEU L 1023 -22.78 23.19 55.64
CA LEU L 1023 -22.53 24.62 55.44
C LEU L 1023 -22.69 25.08 54.00
N LYS L 1024 -22.66 24.16 53.03
CA LYS L 1024 -22.93 24.54 51.64
C LYS L 1024 -24.42 24.54 51.32
N PHE L 1025 -25.13 23.47 51.66
CA PHE L 1025 -26.48 23.21 51.22
C PHE L 1025 -27.52 23.34 52.33
N GLY L 1026 -27.09 23.53 53.58
CA GLY L 1026 -28.03 23.55 54.68
C GLY L 1026 -28.57 22.16 55.00
N ASN L 1027 -29.89 22.03 55.08
CA ASN L 1027 -30.50 20.71 55.20
C ASN L 1027 -30.19 19.87 53.97
N LEU L 1028 -29.45 18.78 54.18
CA LEU L 1028 -29.08 17.86 53.12
C LEU L 1028 -29.99 16.64 53.02
N LYS L 1029 -30.90 16.44 53.98
CA LYS L 1029 -31.53 15.14 54.16
C LYS L 1029 -32.49 14.76 53.04
N GLU L 1030 -32.95 15.73 52.23
CA GLU L 1030 -33.73 15.39 51.04
C GLU L 1030 -32.85 15.19 49.83
N ILE L 1031 -31.88 16.09 49.64
CA ILE L 1031 -30.93 16.02 48.53
C ILE L 1031 -29.94 14.87 48.69
N LEU L 1032 -29.84 14.28 49.89
CA LEU L 1032 -28.70 13.44 50.23
C LEU L 1032 -28.47 12.33 49.22
N ASP L 1033 -29.54 11.81 48.62
CA ASP L 1033 -29.37 10.84 47.55
C ASP L 1033 -28.51 11.39 46.42
N GLU L 1034 -28.77 12.64 46.02
CA GLU L 1034 -27.98 13.27 44.97
C GLU L 1034 -26.54 13.54 45.43
N LEU L 1035 -26.36 13.92 46.70
CA LEU L 1035 -25.02 14.21 47.21
C LEU L 1035 -24.17 12.94 47.29
N ILE L 1036 -24.78 11.80 47.58
CA ILE L 1036 -24.07 10.53 47.52
C ILE L 1036 -23.82 10.12 46.07
N ALA L 1037 -24.78 10.38 45.19
CA ALA L 1037 -24.63 10.01 43.78
C ALA L 1037 -23.52 10.81 43.09
N ASP L 1038 -23.37 12.09 43.43
CA ASP L 1038 -22.42 12.95 42.75
C ASP L 1038 -21.06 13.05 43.45
N GLY L 1039 -20.81 12.22 44.47
CA GLY L 1039 -19.52 12.21 45.14
C GLY L 1039 -19.31 13.31 46.15
N THR L 1040 -20.33 14.09 46.48
CA THR L 1040 -20.24 15.03 47.58
C THR L 1040 -19.97 14.31 48.89
N LEU L 1041 -20.52 13.10 49.05
CA LEU L 1041 -20.33 12.28 50.22
C LEU L 1041 -19.95 10.85 49.83
N PRO L 1042 -19.03 10.22 50.58
CA PRO L 1042 -18.75 8.80 50.35
C PRO L 1042 -19.99 7.93 50.54
N VAL L 1043 -19.94 6.77 49.88
CA VAL L 1043 -21.03 5.79 49.90
C VAL L 1043 -21.15 5.18 51.30
N LYS L 1044 -22.24 5.51 51.98
CA LYS L 1044 -22.57 4.99 53.31
C LYS L 1044 -24.09 5.05 53.45
N SER L 1045 -24.61 4.36 54.45
CA SER L 1045 -26.06 4.25 54.57
C SER L 1045 -26.71 5.59 54.84
N PHE L 1046 -27.85 5.83 54.18
CA PHE L 1046 -28.58 7.08 54.30
C PHE L 1046 -29.04 7.33 55.73
N GLU L 1047 -29.40 6.26 56.44
CA GLU L 1047 -29.82 6.38 57.83
C GLU L 1047 -28.69 6.87 58.72
N LYS L 1048 -27.47 6.41 58.50
CA LYS L 1048 -26.37 6.87 59.32
C LYS L 1048 -26.01 8.33 59.07
N TYR L 1049 -26.15 8.81 57.82
CA TYR L 1049 -26.05 10.25 57.57
C TYR L 1049 -27.18 11.04 58.20
N GLY L 1050 -28.40 10.49 58.22
CA GLY L 1050 -29.48 11.14 58.94
C GLY L 1050 -29.22 11.24 60.45
N GLU L 1051 -28.78 10.14 61.04
CA GLU L 1051 -28.41 10.13 62.45
C GLU L 1051 -27.29 11.13 62.75
N THR L 1052 -26.21 11.10 61.97
CA THR L 1052 -25.10 12.01 62.25
C THR L 1052 -25.46 13.46 61.99
N TYR L 1053 -26.33 13.74 61.02
CA TYR L 1053 -26.85 15.09 60.85
C TYR L 1053 -27.64 15.56 62.06
N ASP L 1054 -28.58 14.74 62.53
CA ASP L 1054 -29.38 15.11 63.69
C ASP L 1054 -28.51 15.28 64.94
N GLU L 1055 -27.55 14.37 65.13
CA GLU L 1055 -26.62 14.48 66.26
C GLU L 1055 -25.78 15.75 66.18
N MET L 1056 -25.27 16.10 65.00
CA MET L 1056 -24.48 17.31 64.86
C MET L 1056 -25.31 18.57 65.12
N MET L 1057 -26.55 18.60 64.62
CA MET L 1057 -27.41 19.75 64.88
C MET L 1057 -27.76 19.87 66.36
N GLU L 1058 -28.04 18.75 67.02
CA GLU L 1058 -28.31 18.77 68.46
C GLU L 1058 -27.09 19.20 69.26
N ALA L 1059 -25.91 18.70 68.91
CA ALA L 1059 -24.69 19.13 69.59
C ALA L 1059 -24.41 20.62 69.37
N ALA L 1060 -24.70 21.13 68.18
CA ALA L 1060 -24.56 22.56 67.95
C ALA L 1060 -25.52 23.37 68.81
N LYS L 1061 -26.80 22.97 68.86
CA LYS L 1061 -27.75 23.62 69.74
C LYS L 1061 -27.30 23.61 71.20
N ASP L 1062 -26.91 22.44 71.70
CA ASP L 1062 -26.43 22.33 73.08
C ASP L 1062 -25.21 23.21 73.34
N CYS L 1063 -24.24 23.23 72.42
CA CYS L 1063 -23.06 24.06 72.63
C CYS L 1063 -23.39 25.55 72.60
N VAL L 1064 -24.33 25.96 71.75
CA VAL L 1064 -24.78 27.35 71.77
C VAL L 1064 -25.50 27.68 73.09
N HIS L 1065 -26.32 26.75 73.59
CA HIS L 1065 -26.98 26.97 74.87
C HIS L 1065 -25.98 27.07 76.03
N GLU L 1066 -24.93 26.23 76.00
CA GLU L 1066 -23.87 26.35 76.99
C GLU L 1066 -23.11 27.67 76.87
N GLU L 1067 -22.85 28.13 75.65
CA GLU L 1067 -22.25 29.45 75.46
C GLU L 1067 -23.14 30.56 76.03
N GLU L 1068 -24.44 30.51 75.76
CA GLU L 1068 -25.36 31.49 76.32
C GLU L 1068 -25.40 31.46 77.85
N LYS L 1069 -25.42 30.25 78.43
CA LYS L 1069 -25.42 30.13 79.89
C LYS L 1069 -24.13 30.62 80.52
N ASN L 1070 -22.99 30.40 79.86
CA ASN L 1070 -21.73 30.96 80.37
C ASN L 1070 -21.66 32.47 80.18
N ARG L 1071 -22.20 32.99 79.09
CA ARG L 1071 -22.21 34.45 78.90
C ARG L 1071 -23.13 35.14 79.88
N LYS L 1072 -24.28 34.54 80.18
CA LYS L 1072 -25.12 35.01 81.27
C LYS L 1072 -24.49 34.68 82.62
N VAL L 1118 -18.75 30.09 68.44
CA VAL L 1118 -19.03 28.91 69.24
C VAL L 1118 -18.35 27.70 68.61
N LEU L 1119 -17.19 27.32 69.16
CA LEU L 1119 -16.38 26.25 68.63
C LEU L 1119 -16.56 24.99 69.47
N PHE L 1120 -16.75 23.85 68.81
CA PHE L 1120 -16.95 22.58 69.49
C PHE L 1120 -16.30 21.46 68.70
N ASN L 1121 -16.14 20.31 69.36
CA ASN L 1121 -15.57 19.11 68.76
C ASN L 1121 -16.64 18.05 68.61
N PHE L 1122 -16.58 17.29 67.52
CA PHE L 1122 -17.61 16.31 67.20
C PHE L 1122 -16.95 15.11 66.53
N LYS L 1123 -17.15 13.92 67.10
CA LYS L 1123 -16.50 12.70 66.64
C LYS L 1123 -14.99 12.86 66.51
N GLY L 1124 -14.41 13.66 67.40
CA GLY L 1124 -12.99 13.97 67.32
C GLY L 1124 -12.60 15.02 66.30
N VAL L 1125 -13.53 15.48 65.45
CA VAL L 1125 -13.25 16.63 64.61
C VAL L 1125 -13.24 17.89 65.46
N LYS L 1126 -12.25 18.74 65.24
CA LYS L 1126 -12.06 19.95 66.01
C LYS L 1126 -12.61 21.17 65.29
N SER L 1127 -12.74 22.26 66.04
CA SER L 1127 -12.96 23.61 65.50
C SER L 1127 -14.23 23.72 64.68
N LEU L 1128 -15.25 22.89 64.97
CA LEU L 1128 -16.54 23.04 64.31
C LEU L 1128 -17.30 24.21 64.92
N ASN L 1129 -17.90 25.04 64.07
CA ASN L 1129 -18.65 26.20 64.52
C ASN L 1129 -20.14 25.88 64.53
N ALA L 1130 -20.76 25.99 65.70
CA ALA L 1130 -22.18 25.67 65.84
C ALA L 1130 -23.07 26.76 65.24
N GLU L 1131 -22.76 28.03 65.51
CA GLU L 1131 -23.60 29.13 65.04
C GLU L 1131 -23.69 29.21 63.52
N SER L 1132 -22.60 28.87 62.83
CA SER L 1132 -22.64 28.82 61.37
C SER L 1132 -23.63 27.79 60.84
N LEU L 1133 -23.67 26.61 61.48
CA LEU L 1133 -24.64 25.60 61.06
C LEU L 1133 -26.06 26.09 61.23
N LEU L 1134 -26.40 26.60 62.41
CA LEU L 1134 -27.78 26.97 62.69
C LEU L 1134 -28.22 28.14 61.82
N SER L 1135 -27.37 29.17 61.70
CA SER L 1135 -27.70 30.32 60.87
C SER L 1135 -27.84 29.93 59.40
N ARG L 1136 -26.88 29.17 58.86
CA ARG L 1136 -26.96 28.75 57.46
C ARG L 1136 -28.18 27.88 57.18
N VAL L 1137 -28.51 26.97 58.11
CA VAL L 1137 -29.71 26.15 57.95
C VAL L 1137 -30.98 26.99 57.97
N GLU L 1138 -31.08 27.93 58.91
CA GLU L 1138 -32.23 28.83 58.94
C GLU L 1138 -32.32 29.66 57.65
N ASP L 1139 -31.20 30.21 57.21
CA ASP L 1139 -31.21 31.08 56.03
C ASP L 1139 -31.58 30.32 54.77
N LEU L 1140 -30.99 29.14 54.56
CA LEU L 1140 -31.32 28.37 53.37
C LEU L 1140 -32.71 27.75 53.44
N LYS L 1141 -33.20 27.37 54.62
CA LYS L 1141 -34.60 26.94 54.74
C LYS L 1141 -35.55 28.08 54.35
N TYR L 1142 -35.31 29.28 54.85
CA TYR L 1142 -36.11 30.44 54.45
C TYR L 1142 -36.02 30.70 52.96
N LEU L 1143 -34.81 30.69 52.40
CA LEU L 1143 -34.64 30.92 50.97
C LEU L 1143 -35.39 29.90 50.13
N LYS L 1144 -35.22 28.61 50.44
CA LYS L 1144 -35.92 27.54 49.74
C LYS L 1144 -37.43 27.70 49.80
N ASN L 1145 -37.97 27.94 51.01
CA ASN L 1145 -39.42 28.10 51.13
C ASN L 1145 -39.91 29.35 50.40
N LEU L 1146 -39.15 30.43 50.43
CA LEU L 1146 -39.54 31.65 49.73
C LEU L 1146 -39.57 31.44 48.21
N ILE L 1147 -38.50 30.89 47.65
CA ILE L 1147 -38.45 30.69 46.20
C ILE L 1147 -39.48 29.67 45.75
N ASN L 1148 -39.62 28.55 46.45
CA ASN L 1148 -40.63 27.56 46.08
C ASN L 1148 -42.05 28.10 46.23
N SER L 1149 -42.30 28.88 47.30
CA SER L 1149 -43.63 29.43 47.51
C SER L 1149 -44.01 30.48 46.46
N ASN L 1150 -43.09 31.40 46.16
CA ASN L 1150 -43.37 32.41 45.14
C ASN L 1150 -43.34 31.83 43.73
N TYR L 1151 -42.30 31.08 43.38
CA TYR L 1151 -42.05 30.72 41.99
C TYR L 1151 -41.41 29.34 41.88
N LYS L 1152 -42.13 28.33 42.38
CA LYS L 1152 -41.68 26.95 42.23
C LYS L 1152 -41.40 26.61 40.77
N ASP L 1153 -42.25 27.07 39.86
CA ASP L 1153 -42.22 26.63 38.48
C ASP L 1153 -41.24 27.39 37.60
N ASP L 1154 -40.87 28.63 37.96
CA ASP L 1154 -40.11 29.50 37.08
C ASP L 1154 -39.31 30.49 37.91
N PRO L 1155 -38.21 30.04 38.52
CA PRO L 1155 -37.55 30.86 39.55
C PRO L 1155 -36.93 32.15 39.03
N LEU L 1156 -36.64 32.25 37.72
CA LEU L 1156 -36.03 33.44 37.17
C LEU L 1156 -36.94 34.66 37.21
N LYS L 1157 -38.24 34.47 37.44
CA LYS L 1157 -39.19 35.58 37.56
C LYS L 1157 -39.26 36.14 38.96
N PHE L 1158 -38.54 35.55 39.92
CA PHE L 1158 -38.58 36.01 41.30
C PHE L 1158 -38.05 37.43 41.43
N SER L 1159 -38.69 38.21 42.29
CA SER L 1159 -38.30 39.60 42.53
C SER L 1159 -38.54 39.93 44.00
N LEU L 1160 -37.72 40.86 44.52
CA LEU L 1160 -37.77 41.26 45.92
C LEU L 1160 -38.75 42.40 46.18
N GLY L 1161 -39.37 42.95 45.13
CA GLY L 1161 -40.31 44.03 45.33
C GLY L 1161 -39.63 45.33 45.73
N ASN L 1162 -40.23 46.02 46.71
CA ASN L 1162 -39.72 47.29 47.20
C ASN L 1162 -38.53 47.15 48.13
N ASN L 1163 -38.34 45.98 48.73
CA ASN L 1163 -37.31 45.80 49.75
C ASN L 1163 -35.91 46.09 49.18
N THR L 1164 -35.31 47.20 49.61
CA THR L 1164 -34.04 47.68 49.07
C THR L 1164 -33.01 47.71 50.19
N PRO L 1165 -31.95 46.90 50.12
CA PRO L 1165 -30.92 46.91 51.15
C PRO L 1165 -29.93 48.07 50.99
N LYS L 1166 -28.98 48.13 51.93
CA LYS L 1166 -27.92 49.11 51.86
C LYS L 1166 -27.08 48.95 50.59
N PRO L 1167 -26.51 50.04 50.07
CA PRO L 1167 -25.74 49.95 48.83
C PRO L 1167 -24.40 49.24 49.01
N VAL L 1168 -23.90 48.75 47.87
CA VAL L 1168 -22.58 48.13 47.83
C VAL L 1168 -21.50 49.12 48.23
N GLN L 1169 -20.50 48.63 48.96
CA GLN L 1169 -19.48 49.47 49.59
C GLN L 1169 -18.39 49.82 48.58
N ASN L 1170 -18.74 50.71 47.65
CA ASN L 1170 -17.82 51.17 46.61
C ASN L 1170 -17.30 50.03 45.73
N TRP L 1171 -18.13 49.03 45.49
CA TRP L 1171 -17.75 47.93 44.60
C TRP L 1171 -17.55 48.46 43.19
N SER L 1172 -16.55 47.90 42.51
CA SER L 1172 -16.09 48.41 41.22
C SER L 1172 -17.04 48.09 40.07
N SER L 1173 -18.17 47.45 40.33
CA SER L 1173 -19.08 47.00 39.29
C SER L 1173 -20.50 47.46 39.61
N ASN L 1174 -21.27 47.73 38.57
CA ASN L 1174 -22.66 48.12 38.76
C ASN L 1174 -23.43 46.98 39.41
N TRP L 1175 -24.03 47.25 40.56
CA TRP L 1175 -24.72 46.25 41.35
C TRP L 1175 -26.01 46.86 41.89
N THR L 1176 -27.11 46.12 41.78
CA THR L 1176 -28.43 46.68 42.06
C THR L 1176 -29.30 45.58 42.70
N LYS L 1177 -30.57 45.92 42.91
CA LYS L 1177 -31.57 44.94 43.31
C LYS L 1177 -31.61 43.74 42.36
N GLU L 1178 -31.41 43.98 41.06
CA GLU L 1178 -31.33 42.88 40.10
C GLU L 1178 -30.17 41.94 40.40
N GLU L 1179 -28.98 42.49 40.64
CA GLU L 1179 -27.84 41.65 40.97
C GLU L 1179 -28.03 40.89 42.28
N ASP L 1180 -28.65 41.52 43.28
CA ASP L 1180 -29.00 40.81 44.51
C ASP L 1180 -29.96 39.65 44.23
N GLU L 1181 -30.99 39.90 43.42
CA GLU L 1181 -31.94 38.85 43.05
C GLU L 1181 -31.24 37.69 42.35
N LYS L 1182 -30.47 37.98 41.31
CA LYS L 1182 -29.83 36.90 40.58
C LYS L 1182 -28.81 36.17 41.44
N LEU L 1183 -28.09 36.89 42.31
CA LEU L 1183 -27.15 36.21 43.19
C LEU L 1183 -27.88 35.26 44.13
N LEU L 1184 -29.05 35.67 44.64
CA LEU L 1184 -29.83 34.76 45.48
C LEU L 1184 -30.32 33.55 44.70
N ILE L 1185 -30.66 33.74 43.41
CA ILE L 1185 -31.02 32.59 42.58
C ILE L 1185 -29.84 31.65 42.41
N GLY L 1186 -28.64 32.22 42.22
CA GLY L 1186 -27.43 31.42 42.18
C GLY L 1186 -27.19 30.60 43.43
N VAL L 1187 -27.40 31.21 44.60
CA VAL L 1187 -27.29 30.48 45.86
C VAL L 1187 -28.36 29.42 45.99
N PHE L 1188 -29.58 29.71 45.52
CA PHE L 1188 -30.64 28.71 45.51
C PHE L 1188 -30.26 27.51 44.65
N LYS L 1189 -29.67 27.74 43.48
CA LYS L 1189 -29.27 26.64 42.60
C LYS L 1189 -28.02 25.93 43.12
N TYR L 1190 -26.97 26.67 43.49
CA TYR L 1190 -25.66 26.09 43.72
C TYR L 1190 -25.25 26.12 45.18
N GLY L 1191 -26.05 26.71 46.06
CA GLY L 1191 -25.70 26.83 47.45
C GLY L 1191 -24.65 27.91 47.73
N TYR L 1192 -24.43 28.14 49.02
CA TYR L 1192 -23.48 29.15 49.45
C TYR L 1192 -22.06 28.72 49.13
N GLY L 1193 -21.21 29.71 48.83
CA GLY L 1193 -19.81 29.48 48.57
C GLY L 1193 -19.50 28.95 47.18
N SER L 1194 -20.50 28.65 46.36
CA SER L 1194 -20.29 28.10 45.02
C SER L 1194 -20.01 29.19 43.99
N TRP L 1195 -19.18 30.18 44.34
CA TRP L 1195 -19.06 31.38 43.54
C TRP L 1195 -18.58 31.09 42.12
N THR L 1196 -17.75 30.06 41.95
CA THR L 1196 -17.35 29.64 40.61
C THR L 1196 -18.55 29.31 39.73
N GLN L 1197 -19.48 28.50 40.24
CA GLN L 1197 -20.69 28.19 39.48
C GLN L 1197 -21.59 29.41 39.33
N ILE L 1198 -21.69 30.22 40.37
CA ILE L 1198 -22.56 31.39 40.33
C ILE L 1198 -22.08 32.40 39.30
N ARG L 1199 -20.78 32.66 39.26
CA ARG L 1199 -20.23 33.55 38.22
C ARG L 1199 -20.26 32.91 36.85
N ASP L 1200 -20.03 31.61 36.76
CA ASP L 1200 -20.02 30.94 35.46
C ASP L 1200 -21.41 30.77 34.86
N ASP L 1201 -22.44 30.61 35.67
CA ASP L 1201 -23.78 30.42 35.11
C ASP L 1201 -24.23 31.67 34.36
N PRO L 1202 -24.34 31.64 33.03
CA PRO L 1202 -24.57 32.88 32.27
C PRO L 1202 -25.99 33.41 32.32
N PHE L 1203 -26.95 32.61 32.81
CA PHE L 1203 -28.30 33.13 33.00
C PHE L 1203 -28.38 34.18 34.10
N LEU L 1204 -27.40 34.25 35.00
CA LEU L 1204 -27.41 35.24 36.06
C LEU L 1204 -26.87 36.60 35.63
N GLY L 1205 -26.17 36.68 34.49
CA GLY L 1205 -25.70 37.95 33.97
C GLY L 1205 -24.57 38.60 34.76
N ILE L 1206 -24.35 38.13 35.98
CA ILE L 1206 -23.29 38.62 36.84
C ILE L 1206 -21.90 38.34 36.28
N THR L 1207 -21.79 37.40 35.33
CA THR L 1207 -20.53 36.71 35.08
C THR L 1207 -19.36 37.65 34.86
N ASP L 1208 -19.61 38.84 34.30
CA ASP L 1208 -18.55 39.85 34.20
C ASP L 1208 -18.26 40.50 35.55
N LYS L 1209 -19.25 40.61 36.43
CA LYS L 1209 -19.13 41.49 37.59
C LYS L 1209 -18.18 40.92 38.66
N ILE L 1210 -18.03 39.61 38.72
CA ILE L 1210 -17.43 38.93 39.87
C ILE L 1210 -16.01 38.51 39.54
N PHE L 1211 -15.11 38.71 40.50
CA PHE L 1211 -13.68 38.56 40.32
C PHE L 1211 -13.11 37.70 41.45
N LEU L 1212 -11.88 37.25 41.27
CA LEU L 1212 -11.17 36.54 42.34
C LEU L 1212 -10.98 37.47 43.54
N LYS L 1245 -7.17 41.03 44.68
CA LYS L 1245 -7.05 42.47 44.84
C LYS L 1245 -8.35 43.17 44.47
N LYS L 1246 -9.19 42.47 43.70
CA LYS L 1246 -10.49 43.01 43.32
C LYS L 1246 -11.45 43.01 44.50
N VAL L 1247 -12.39 43.95 44.46
CA VAL L 1247 -13.27 44.26 45.59
C VAL L 1247 -14.30 43.16 45.81
N PRO L 1248 -15.00 42.69 44.76
CA PRO L 1248 -16.01 41.63 44.96
C PRO L 1248 -15.39 40.24 45.09
N GLY L 1249 -14.62 40.04 46.15
CA GLY L 1249 -14.06 38.74 46.45
C GLY L 1249 -15.07 37.77 47.01
N ALA L 1250 -14.62 36.52 47.17
CA ALA L 1250 -15.48 35.43 47.63
C ALA L 1250 -16.09 35.74 48.99
N ILE L 1251 -15.27 36.20 49.93
CA ILE L 1251 -15.77 36.56 51.26
C ILE L 1251 -16.70 37.76 51.18
N HIS L 1252 -16.39 38.73 50.32
CA HIS L 1252 -17.24 39.91 50.19
C HIS L 1252 -18.63 39.52 49.71
N LEU L 1253 -18.72 38.69 48.68
CA LEU L 1253 -20.01 38.23 48.19
C LEU L 1253 -20.72 37.32 49.19
N GLY L 1254 -19.98 36.47 49.89
CA GLY L 1254 -20.60 35.66 50.93
C GLY L 1254 -21.24 36.50 52.03
N ARG L 1255 -20.51 37.47 52.55
CA ARG L 1255 -21.04 38.38 53.56
C ARG L 1255 -22.19 39.23 53.02
N ARG L 1256 -22.14 39.61 51.75
CA ARG L 1256 -23.29 40.27 51.11
C ARG L 1256 -24.51 39.36 51.05
N VAL L 1257 -24.33 38.09 50.73
CA VAL L 1257 -25.45 37.15 50.72
C VAL L 1257 -26.02 36.98 52.12
N ASP L 1258 -25.17 36.82 53.13
CA ASP L 1258 -25.64 36.73 54.51
C ASP L 1258 -26.38 37.98 54.95
N TYR L 1259 -25.89 39.16 54.55
CA TYR L 1259 -26.60 40.41 54.83
C TYR L 1259 -27.96 40.43 54.15
N LEU L 1260 -28.00 40.06 52.87
CA LEU L 1260 -29.27 40.07 52.13
C LEU L 1260 -30.28 39.12 52.76
N LEU L 1261 -29.84 37.91 53.12
CA LEU L 1261 -30.74 36.94 53.73
C LEU L 1261 -31.23 37.39 55.10
N SER L 1262 -30.36 38.01 55.91
CA SER L 1262 -30.82 38.61 57.16
C SER L 1262 -31.83 39.73 56.93
N PHE L 1263 -31.55 40.61 55.97
CA PHE L 1263 -32.48 41.70 55.66
C PHE L 1263 -33.84 41.19 55.21
N LEU L 1264 -33.85 40.18 54.33
CA LEU L 1264 -35.13 39.63 53.88
C LEU L 1264 -35.84 38.83 54.97
N ARG L 1265 -35.09 38.20 55.88
CA ARG L 1265 -35.70 37.67 57.09
C ARG L 1265 -36.20 38.80 57.99
N GLY L 1266 -35.45 39.90 58.07
CA GLY L 1266 -35.91 41.08 58.76
C GLY L 1266 -36.88 41.91 57.93
#